data_2DT7
#
_entry.id   2DT7
#
_cell.length_a   1.000
_cell.length_b   1.000
_cell.length_c   1.000
_cell.angle_alpha   90.00
_cell.angle_beta   90.00
_cell.angle_gamma   90.00
#
_symmetry.space_group_name_H-M   'P 1'
#
loop_
_entity.id
_entity.type
_entity.pdbx_description
1 polymer 'Splicing factor 3A subunit 3'
2 polymer 'Splicing factor 3 subunit 1'
#
loop_
_entity_poly.entity_id
_entity_poly.type
_entity_poly.pdbx_seq_one_letter_code
_entity_poly.pdbx_strand_id
1 'polypeptide(L)' GELNAISGPNEFAEFYNRLKQIKEFHRKHPNEICVPMS A
2 'polypeptide(L)'
;GAQVIQETIVPKEPPPEFEFIADPPSISAFDLDVVKLTAQFVARNGRQFLTQLMQKEQRNYQFDFLRPQHSLFNYFTKLV
EQYTK
;
B
#
# COMPACT_ATOMS: atom_id res chain seq x y z
N GLY A 1 -11.14 -13.68 8.82
CA GLY A 1 -10.49 -14.25 7.64
C GLY A 1 -11.46 -15.09 6.83
N GLU A 2 -10.96 -15.68 5.73
CA GLU A 2 -11.72 -16.52 4.80
C GLU A 2 -12.90 -15.78 4.16
N LEU A 3 -13.84 -16.52 3.57
CA LEU A 3 -15.03 -16.03 2.88
C LEU A 3 -16.33 -16.70 3.35
N ASN A 4 -16.35 -17.27 4.57
CA ASN A 4 -17.54 -17.92 5.12
C ASN A 4 -18.74 -16.99 5.02
N ALA A 5 -18.68 -15.84 5.69
CA ALA A 5 -19.72 -14.82 5.70
C ALA A 5 -19.15 -13.55 6.31
N ILE A 6 -19.97 -12.51 6.45
CA ILE A 6 -19.60 -11.23 7.04
C ILE A 6 -20.38 -11.07 8.34
N SER A 7 -19.85 -10.29 9.28
CA SER A 7 -20.50 -10.06 10.58
C SER A 7 -21.25 -8.73 10.64
N GLY A 8 -21.13 -7.87 9.63
CA GLY A 8 -21.80 -6.57 9.56
C GLY A 8 -20.91 -5.52 8.90
N PRO A 9 -21.28 -4.23 8.95
CA PRO A 9 -20.54 -3.13 8.38
C PRO A 9 -19.20 -2.96 9.11
N ASN A 10 -18.14 -3.49 8.50
CA ASN A 10 -16.76 -3.49 8.98
C ASN A 10 -15.89 -3.04 7.82
N GLU A 11 -15.61 -1.75 7.77
CA GLU A 11 -14.78 -1.13 6.74
C GLU A 11 -13.32 -1.54 6.97
N PHE A 12 -12.91 -1.65 8.24
CA PHE A 12 -11.57 -2.05 8.66
C PHE A 12 -11.20 -3.41 8.06
N ALA A 13 -12.18 -4.33 7.98
CA ALA A 13 -12.00 -5.66 7.43
C ALA A 13 -11.62 -5.54 5.96
N GLU A 14 -12.44 -4.85 5.17
CA GLU A 14 -12.22 -4.65 3.75
C GLU A 14 -10.90 -3.91 3.52
N PHE A 15 -10.58 -2.91 4.34
CA PHE A 15 -9.33 -2.15 4.22
C PHE A 15 -8.14 -3.10 4.34
N TYR A 16 -8.11 -3.95 5.37
CA TYR A 16 -7.02 -4.90 5.55
C TYR A 16 -6.98 -5.90 4.37
N ASN A 17 -8.12 -6.25 3.76
CA ASN A 17 -8.16 -7.15 2.61
C ASN A 17 -7.55 -6.43 1.41
N ARG A 18 -7.88 -5.15 1.17
CA ARG A 18 -7.30 -4.37 0.07
C ARG A 18 -5.80 -4.28 0.31
N LEU A 19 -5.36 -4.02 1.54
CA LEU A 19 -3.95 -3.93 1.91
C LEU A 19 -3.21 -5.23 1.60
N LYS A 20 -3.83 -6.38 1.88
CA LYS A 20 -3.24 -7.69 1.61
C LYS A 20 -2.86 -7.77 0.14
N GLN A 21 -3.79 -7.44 -0.74
CA GLN A 21 -3.58 -7.46 -2.18
C GLN A 21 -2.33 -6.65 -2.56
N ILE A 22 -2.22 -5.38 -2.16
CA ILE A 22 -1.06 -4.52 -2.49
C ILE A 22 0.25 -5.16 -2.00
N LYS A 23 0.25 -5.66 -0.75
CA LYS A 23 1.42 -6.28 -0.15
C LYS A 23 1.90 -7.45 -0.99
N GLU A 24 1.03 -8.42 -1.25
CA GLU A 24 1.26 -9.63 -2.02
C GLU A 24 1.65 -9.32 -3.46
N PHE A 25 1.04 -8.29 -4.04
CA PHE A 25 1.26 -7.78 -5.40
C PHE A 25 2.76 -7.55 -5.60
N HIS A 26 3.36 -6.77 -4.70
CA HIS A 26 4.78 -6.46 -4.76
C HIS A 26 5.63 -7.56 -4.08
N ARG A 27 5.06 -8.42 -3.23
CA ARG A 27 5.82 -9.48 -2.56
C ARG A 27 6.35 -10.46 -3.61
N LYS A 28 5.46 -11.07 -4.39
CA LYS A 28 5.85 -12.04 -5.40
C LYS A 28 5.88 -11.38 -6.77
N HIS A 29 7.07 -11.11 -7.29
CA HIS A 29 7.17 -10.53 -8.63
C HIS A 29 6.88 -11.68 -9.62
N PRO A 30 6.37 -11.38 -10.82
CA PRO A 30 6.07 -12.40 -11.82
C PRO A 30 7.35 -12.98 -12.42
N ASN A 31 7.21 -13.88 -13.41
CA ASN A 31 8.34 -14.51 -14.08
C ASN A 31 9.07 -13.56 -15.06
N GLU A 32 8.58 -12.34 -15.28
CA GLU A 32 9.19 -11.37 -16.21
C GLU A 32 9.30 -9.98 -15.57
N ILE A 33 10.38 -9.25 -15.91
CA ILE A 33 10.66 -7.91 -15.41
C ILE A 33 9.83 -6.91 -16.22
N CYS A 34 8.52 -6.86 -15.94
CA CYS A 34 7.57 -5.99 -16.60
C CYS A 34 7.44 -4.68 -15.81
N VAL A 35 8.44 -3.81 -15.90
CA VAL A 35 8.46 -2.52 -15.21
C VAL A 35 8.22 -1.38 -16.22
N PRO A 36 7.78 -0.18 -15.80
CA PRO A 36 7.53 0.93 -16.71
C PRO A 36 8.82 1.67 -17.10
N MET A 37 9.01 1.91 -18.39
CA MET A 37 10.16 2.61 -18.95
C MET A 37 9.83 4.11 -18.82
N SER A 38 10.42 4.76 -17.81
CA SER A 38 10.25 6.18 -17.49
C SER A 38 8.82 6.51 -17.04
N GLY B 1 -11.51 -16.37 -26.53
CA GLY B 1 -11.00 -17.70 -26.27
C GLY B 1 -9.48 -17.71 -26.04
N ALA B 2 -8.77 -16.66 -26.46
CA ALA B 2 -7.32 -16.50 -26.31
C ALA B 2 -6.87 -16.32 -24.86
N GLN B 3 -7.77 -16.34 -23.89
CA GLN B 3 -7.45 -16.19 -22.48
C GLN B 3 -6.77 -17.47 -22.01
N VAL B 4 -5.54 -17.33 -21.53
CA VAL B 4 -4.67 -18.37 -21.01
C VAL B 4 -3.55 -17.63 -20.28
N ILE B 5 -3.10 -18.16 -19.15
CA ILE B 5 -2.03 -17.63 -18.33
C ILE B 5 -1.11 -18.84 -18.11
N GLN B 6 0.19 -18.59 -18.08
CA GLN B 6 1.21 -19.60 -17.85
C GLN B 6 1.83 -19.19 -16.53
N GLU B 7 1.69 -20.01 -15.51
CA GLU B 7 2.21 -19.75 -14.18
C GLU B 7 3.08 -20.92 -13.75
N THR B 8 4.36 -20.90 -14.11
CA THR B 8 5.33 -21.92 -13.73
C THR B 8 6.40 -21.28 -12.87
N ILE B 9 7.21 -22.10 -12.20
CA ILE B 9 8.30 -21.69 -11.34
C ILE B 9 9.57 -22.44 -11.77
N VAL B 10 10.70 -22.07 -11.19
CA VAL B 10 12.00 -22.68 -11.46
C VAL B 10 12.72 -22.83 -10.12
N PRO B 11 13.66 -23.79 -9.99
CA PRO B 11 14.42 -23.98 -8.76
C PRO B 11 15.45 -22.87 -8.55
N LYS B 12 15.78 -22.12 -9.61
CA LYS B 12 16.73 -21.02 -9.59
C LYS B 12 15.97 -19.72 -9.40
N GLU B 13 15.96 -19.19 -8.18
CA GLU B 13 15.31 -17.93 -7.85
C GLU B 13 16.24 -17.21 -6.87
N PRO B 14 17.41 -16.75 -7.33
CA PRO B 14 18.41 -16.07 -6.51
C PRO B 14 17.97 -14.68 -6.01
N PRO B 15 18.67 -14.11 -5.01
CA PRO B 15 18.35 -12.79 -4.48
C PRO B 15 18.70 -11.72 -5.52
N PRO B 16 18.15 -10.50 -5.40
CA PRO B 16 18.44 -9.41 -6.32
C PRO B 16 19.88 -8.93 -6.12
N GLU B 17 20.80 -9.33 -7.00
CA GLU B 17 22.21 -8.96 -6.93
C GLU B 17 22.40 -7.57 -7.57
N PHE B 18 21.69 -6.58 -7.04
CA PHE B 18 21.70 -5.18 -7.46
C PHE B 18 21.77 -4.33 -6.18
N GLU B 19 22.09 -3.05 -6.32
CA GLU B 19 22.21 -2.12 -5.22
C GLU B 19 20.85 -1.75 -4.61
N PHE B 20 20.89 -0.90 -3.59
CA PHE B 20 19.80 -0.36 -2.81
C PHE B 20 19.92 1.16 -2.80
N ILE B 21 18.81 1.86 -2.53
CA ILE B 21 18.75 3.31 -2.44
C ILE B 21 18.40 3.64 -0.98
N ALA B 22 18.53 4.92 -0.62
CA ALA B 22 18.24 5.45 0.71
C ALA B 22 17.38 6.69 0.47
N ASP B 23 16.07 6.50 0.47
CA ASP B 23 15.02 7.51 0.25
C ASP B 23 15.09 8.05 -1.19
N PRO B 24 14.74 7.22 -2.20
CA PRO B 24 14.76 7.58 -3.63
C PRO B 24 13.81 8.71 -4.02
N PRO B 25 13.98 9.27 -5.23
CA PRO B 25 13.10 10.32 -5.74
C PRO B 25 11.73 9.74 -6.11
N SER B 26 10.69 10.53 -5.79
CA SER B 26 9.26 10.28 -6.00
C SER B 26 8.73 9.12 -5.14
N ILE B 27 7.42 9.06 -4.88
CA ILE B 27 6.86 7.99 -4.05
C ILE B 27 6.86 6.66 -4.82
N SER B 28 7.06 5.56 -4.11
CA SER B 28 7.08 4.22 -4.68
C SER B 28 5.68 3.82 -5.13
N ALA B 29 5.57 2.84 -6.04
CA ALA B 29 4.27 2.37 -6.52
C ALA B 29 3.48 1.74 -5.37
N PHE B 30 4.17 1.15 -4.39
CA PHE B 30 3.56 0.52 -3.23
C PHE B 30 2.88 1.59 -2.39
N ASP B 31 3.66 2.56 -1.88
CA ASP B 31 3.12 3.62 -1.04
C ASP B 31 2.06 4.43 -1.77
N LEU B 32 2.24 4.65 -3.08
CA LEU B 32 1.29 5.40 -3.90
C LEU B 32 -0.11 4.80 -3.75
N ASP B 33 -0.20 3.49 -3.89
CA ASP B 33 -1.44 2.74 -3.79
C ASP B 33 -1.96 2.79 -2.37
N VAL B 34 -1.10 2.58 -1.37
CA VAL B 34 -1.46 2.61 0.05
C VAL B 34 -2.12 3.95 0.40
N VAL B 35 -1.53 5.06 -0.02
CA VAL B 35 -2.03 6.40 0.24
C VAL B 35 -3.40 6.54 -0.44
N LYS B 36 -3.53 6.19 -1.72
CA LYS B 36 -4.80 6.28 -2.45
C LYS B 36 -5.88 5.47 -1.76
N LEU B 37 -5.62 4.18 -1.50
CA LEU B 37 -6.52 3.26 -0.84
C LEU B 37 -7.06 3.92 0.44
N THR B 38 -6.15 4.36 1.31
CA THR B 38 -6.49 4.99 2.57
C THR B 38 -7.35 6.24 2.32
N ALA B 39 -6.91 7.13 1.42
CA ALA B 39 -7.61 8.37 1.09
C ALA B 39 -9.02 8.13 0.55
N GLN B 40 -9.23 7.02 -0.16
CA GLN B 40 -10.52 6.65 -0.71
C GLN B 40 -11.45 6.21 0.41
N PHE B 41 -10.99 5.32 1.31
CA PHE B 41 -11.80 4.83 2.42
C PHE B 41 -12.16 5.96 3.40
N VAL B 42 -11.22 6.83 3.75
CA VAL B 42 -11.49 7.94 4.67
C VAL B 42 -12.53 8.87 4.02
N ALA B 43 -12.46 9.10 2.71
CA ALA B 43 -13.41 9.96 2.01
C ALA B 43 -14.79 9.31 1.91
N ARG B 44 -14.88 7.99 2.09
CA ARG B 44 -16.12 7.23 2.02
C ARG B 44 -16.81 7.10 3.37
N ASN B 45 -16.06 7.09 4.48
CA ASN B 45 -16.60 6.92 5.83
C ASN B 45 -16.48 8.16 6.72
N GLY B 46 -15.70 9.15 6.31
CA GLY B 46 -15.49 10.40 7.04
C GLY B 46 -14.26 10.38 7.92
N ARG B 47 -13.92 11.57 8.45
CA ARG B 47 -12.79 11.81 9.33
C ARG B 47 -12.76 10.85 10.52
N GLN B 48 -13.90 10.46 11.10
CA GLN B 48 -13.92 9.55 12.24
C GLN B 48 -13.08 8.29 11.95
N PHE B 49 -13.32 7.66 10.80
CA PHE B 49 -12.61 6.46 10.36
C PHE B 49 -11.10 6.74 10.28
N LEU B 50 -10.71 7.89 9.73
CA LEU B 50 -9.31 8.31 9.59
C LEU B 50 -8.68 8.40 10.97
N THR B 51 -9.31 9.16 11.87
CA THR B 51 -8.81 9.36 13.22
C THR B 51 -8.61 8.01 13.93
N GLN B 52 -9.48 7.02 13.71
CA GLN B 52 -9.32 5.72 14.35
C GLN B 52 -7.99 5.10 13.91
N LEU B 53 -7.67 5.15 12.61
CA LEU B 53 -6.42 4.61 12.08
C LEU B 53 -5.23 5.33 12.73
N MET B 54 -5.32 6.65 12.89
CA MET B 54 -4.28 7.47 13.50
C MET B 54 -4.00 7.07 14.95
N GLN B 55 -4.90 6.33 15.59
CA GLN B 55 -4.73 5.87 16.96
C GLN B 55 -4.12 4.47 16.97
N LYS B 56 -4.80 3.49 16.36
CA LYS B 56 -4.37 2.10 16.33
C LYS B 56 -2.99 1.89 15.72
N GLU B 57 -2.64 2.63 14.66
CA GLU B 57 -1.34 2.48 13.98
C GLU B 57 -0.40 3.65 14.25
N GLN B 58 -0.60 4.41 15.33
CA GLN B 58 0.26 5.55 15.66
C GLN B 58 1.76 5.22 15.66
N ARG B 59 2.15 4.03 16.12
CA ARG B 59 3.55 3.61 16.18
C ARG B 59 4.03 2.89 14.92
N ASN B 60 3.22 2.82 13.86
CA ASN B 60 3.62 2.19 12.61
C ASN B 60 3.96 3.33 11.66
N TYR B 61 5.25 3.49 11.34
CA TYR B 61 5.70 4.54 10.45
C TYR B 61 4.94 4.56 9.12
N GLN B 62 4.44 3.42 8.62
CA GLN B 62 3.70 3.40 7.37
C GLN B 62 2.38 4.18 7.43
N PHE B 63 1.85 4.43 8.61
CA PHE B 63 0.62 5.20 8.80
C PHE B 63 0.97 6.62 9.27
N ASP B 64 2.26 6.96 9.37
CA ASP B 64 2.70 8.28 9.81
C ASP B 64 2.32 9.33 8.79
N PHE B 65 2.04 8.96 7.52
CA PHE B 65 1.63 9.92 6.49
C PHE B 65 0.29 10.56 6.85
N LEU B 66 -0.50 9.91 7.72
CA LEU B 66 -1.79 10.44 8.16
C LEU B 66 -1.54 11.69 9.00
N ARG B 67 -0.36 11.86 9.59
CA ARG B 67 0.00 13.01 10.40
C ARG B 67 0.64 14.04 9.49
N PRO B 68 0.45 15.34 9.76
CA PRO B 68 1.03 16.42 8.98
C PRO B 68 2.57 16.44 9.01
N GLN B 69 3.18 15.69 9.91
CA GLN B 69 4.62 15.60 10.07
C GLN B 69 5.30 14.98 8.82
N HIS B 70 4.55 14.34 7.93
CA HIS B 70 5.07 13.71 6.72
C HIS B 70 4.74 14.60 5.51
N SER B 71 5.59 14.67 4.49
CA SER B 71 5.27 15.48 3.31
C SER B 71 4.11 14.82 2.56
N LEU B 72 4.03 13.47 2.64
CA LEU B 72 2.98 12.68 2.01
C LEU B 72 1.60 13.12 2.49
N PHE B 73 1.51 13.72 3.68
CA PHE B 73 0.25 14.20 4.23
C PHE B 73 -0.41 15.16 3.26
N ASN B 74 0.36 16.04 2.60
CA ASN B 74 -0.20 16.99 1.66
C ASN B 74 -0.87 16.26 0.51
N TYR B 75 -0.17 15.30 -0.09
CA TYR B 75 -0.71 14.51 -1.20
C TYR B 75 -1.99 13.80 -0.73
N PHE B 76 -1.92 13.13 0.43
CA PHE B 76 -3.01 12.41 1.05
C PHE B 76 -4.23 13.29 1.32
N THR B 77 -4.12 14.37 2.09
CA THR B 77 -5.24 15.25 2.41
C THR B 77 -5.88 15.81 1.12
N LYS B 78 -5.08 16.21 0.14
CA LYS B 78 -5.59 16.74 -1.13
C LYS B 78 -6.35 15.63 -1.88
N LEU B 79 -5.93 14.38 -1.73
CA LEU B 79 -6.61 13.24 -2.37
C LEU B 79 -7.96 13.00 -1.69
N VAL B 80 -8.07 13.07 -0.35
CA VAL B 80 -9.33 12.83 0.34
C VAL B 80 -10.39 13.77 -0.21
N GLU B 81 -10.06 15.06 -0.29
CA GLU B 81 -10.93 16.12 -0.76
C GLU B 81 -11.44 15.87 -2.18
N GLN B 82 -10.69 15.11 -3.00
CA GLN B 82 -11.07 14.77 -4.35
C GLN B 82 -11.91 13.50 -4.37
N TYR B 83 -11.67 12.60 -3.42
CA TYR B 83 -12.42 11.35 -3.31
C TYR B 83 -13.78 11.62 -2.65
N THR B 84 -13.91 12.67 -1.82
CA THR B 84 -15.18 13.04 -1.19
C THR B 84 -16.05 13.75 -2.22
N LYS B 85 -17.37 13.56 -2.14
CA LYS B 85 -18.36 14.20 -3.01
C LYS B 85 -19.74 13.91 -2.49
N GLY A 1 -25.67 1.27 -16.49
CA GLY A 1 -24.24 1.59 -16.56
C GLY A 1 -23.60 1.29 -15.21
N GLU A 2 -22.82 2.22 -14.67
CA GLU A 2 -22.14 2.12 -13.39
C GLU A 2 -22.38 3.43 -12.65
N LEU A 3 -23.33 3.45 -11.71
CA LEU A 3 -23.69 4.60 -10.89
C LEU A 3 -24.00 4.04 -9.51
N ASN A 4 -23.27 4.51 -8.49
CA ASN A 4 -23.38 4.07 -7.09
C ASN A 4 -22.96 2.61 -6.93
N ALA A 5 -22.90 2.14 -5.69
CA ALA A 5 -22.56 0.79 -5.30
C ALA A 5 -22.92 0.58 -3.83
N ILE A 6 -22.87 -0.66 -3.38
CA ILE A 6 -23.15 -1.03 -2.00
C ILE A 6 -21.97 -0.58 -1.12
N SER A 7 -22.23 -0.40 0.17
CA SER A 7 -21.22 0.01 1.14
C SER A 7 -21.51 -0.83 2.38
N GLY A 8 -20.97 -2.04 2.46
CA GLY A 8 -21.18 -2.90 3.61
C GLY A 8 -20.39 -2.38 4.81
N PRO A 9 -20.77 -2.74 6.04
CA PRO A 9 -20.10 -2.31 7.26
C PRO A 9 -18.73 -2.98 7.42
N ASN A 10 -18.08 -2.77 8.57
CA ASN A 10 -16.77 -3.32 8.92
C ASN A 10 -15.72 -2.88 7.92
N GLU A 11 -15.59 -1.56 7.78
CA GLU A 11 -14.66 -0.91 6.86
C GLU A 11 -13.23 -1.42 7.03
N PHE A 12 -12.79 -1.69 8.27
CA PHE A 12 -11.45 -2.19 8.53
C PHE A 12 -11.21 -3.53 7.81
N ALA A 13 -12.22 -4.38 7.69
CA ALA A 13 -12.11 -5.67 7.02
C ALA A 13 -11.78 -5.45 5.55
N GLU A 14 -12.63 -4.68 4.86
CA GLU A 14 -12.49 -4.33 3.45
C GLU A 14 -11.15 -3.63 3.22
N PHE A 15 -10.78 -2.70 4.12
CA PHE A 15 -9.55 -1.92 4.08
C PHE A 15 -8.35 -2.87 4.08
N TYR A 16 -8.28 -3.77 5.06
CA TYR A 16 -7.18 -4.72 5.12
C TYR A 16 -7.21 -5.68 3.93
N ASN A 17 -8.37 -5.99 3.33
CA ASN A 17 -8.45 -6.88 2.18
C ASN A 17 -7.77 -6.18 0.99
N ARG A 18 -7.97 -4.87 0.82
CA ARG A 18 -7.35 -4.09 -0.25
C ARG A 18 -5.85 -4.01 0.01
N LEU A 19 -5.44 -3.73 1.26
CA LEU A 19 -4.03 -3.65 1.66
C LEU A 19 -3.35 -4.97 1.33
N LYS A 20 -3.92 -6.09 1.78
CA LYS A 20 -3.43 -7.43 1.58
C LYS A 20 -3.10 -7.62 0.10
N GLN A 21 -4.04 -7.33 -0.80
CA GLN A 21 -3.86 -7.47 -2.23
C GLN A 21 -2.54 -6.86 -2.71
N ILE A 22 -2.36 -5.56 -2.45
CA ILE A 22 -1.20 -4.77 -2.82
C ILE A 22 0.06 -5.36 -2.16
N LYS A 23 0.06 -5.54 -0.84
CA LYS A 23 1.18 -6.08 -0.09
C LYS A 23 1.67 -7.39 -0.71
N GLU A 24 0.77 -8.35 -0.94
CA GLU A 24 1.03 -9.66 -1.52
C GLU A 24 1.64 -9.51 -2.91
N PHE A 25 1.10 -8.58 -3.71
CA PHE A 25 1.57 -8.30 -5.06
C PHE A 25 3.08 -8.00 -5.04
N HIS A 26 3.48 -7.08 -4.15
CA HIS A 26 4.87 -6.66 -3.98
C HIS A 26 5.68 -7.73 -3.25
N ARG A 27 5.01 -8.66 -2.55
CA ARG A 27 5.68 -9.73 -1.84
C ARG A 27 6.15 -10.81 -2.83
N LYS A 28 5.78 -10.70 -4.11
CA LYS A 28 6.11 -11.61 -5.20
C LYS A 28 6.93 -10.84 -6.23
N HIS A 29 6.40 -9.72 -6.73
CA HIS A 29 7.08 -8.91 -7.72
C HIS A 29 8.20 -8.14 -7.02
N PRO A 30 9.32 -7.84 -7.69
CA PRO A 30 10.44 -7.12 -7.09
C PRO A 30 10.09 -5.66 -6.79
N ASN A 31 9.00 -5.11 -7.32
CA ASN A 31 8.57 -3.71 -7.15
C ASN A 31 9.64 -2.74 -7.67
N GLU A 32 10.47 -3.21 -8.60
CA GLU A 32 11.53 -2.44 -9.19
C GLU A 32 10.94 -1.31 -10.05
N ILE A 33 11.70 -0.23 -10.22
CA ILE A 33 11.29 0.92 -10.99
C ILE A 33 11.66 0.65 -12.45
N CYS A 34 10.67 0.54 -13.33
CA CYS A 34 10.82 0.29 -14.76
C CYS A 34 11.57 -1.02 -15.05
N VAL A 35 11.88 -1.22 -16.33
CA VAL A 35 12.62 -2.36 -16.89
C VAL A 35 13.57 -1.84 -17.98
N PRO A 36 14.69 -2.55 -18.21
CA PRO A 36 15.71 -2.21 -19.21
C PRO A 36 15.20 -2.32 -20.65
N MET A 37 15.97 -1.75 -21.58
CA MET A 37 15.63 -1.80 -23.00
C MET A 37 16.25 -3.05 -23.62
N SER A 38 17.51 -3.35 -23.29
CA SER A 38 18.26 -4.50 -23.79
C SER A 38 18.65 -5.35 -22.59
N GLY B 1 4.53 -23.51 -37.13
CA GLY B 1 4.54 -23.17 -35.72
C GLY B 1 4.54 -24.43 -34.86
N ALA B 2 4.46 -24.26 -33.54
CA ALA B 2 4.43 -25.28 -32.49
C ALA B 2 5.63 -26.24 -32.41
N GLN B 3 6.49 -26.30 -33.43
CA GLN B 3 7.68 -27.16 -33.52
C GLN B 3 8.82 -26.75 -32.56
N VAL B 4 8.51 -26.12 -31.42
CA VAL B 4 9.49 -25.71 -30.43
C VAL B 4 9.93 -26.91 -29.56
N ILE B 5 9.19 -28.02 -29.61
CA ILE B 5 9.49 -29.22 -28.86
C ILE B 5 10.61 -29.95 -29.60
N GLN B 6 11.86 -29.55 -29.32
CA GLN B 6 13.06 -30.11 -29.92
C GLN B 6 14.05 -30.65 -28.89
N GLU B 7 13.90 -30.30 -27.60
CA GLU B 7 14.79 -30.73 -26.53
C GLU B 7 13.92 -31.07 -25.31
N THR B 8 14.47 -31.83 -24.36
CA THR B 8 13.79 -32.22 -23.13
C THR B 8 13.99 -31.05 -22.14
N ILE B 9 13.35 -29.92 -22.46
CA ILE B 9 13.40 -28.65 -21.71
C ILE B 9 14.80 -28.02 -21.93
N VAL B 10 14.97 -26.76 -21.55
CA VAL B 10 16.22 -26.01 -21.71
C VAL B 10 16.52 -25.24 -20.41
N PRO B 11 17.78 -24.90 -20.12
CA PRO B 11 18.14 -24.16 -18.91
C PRO B 11 17.55 -22.74 -18.99
N LYS B 12 16.77 -22.35 -17.97
CA LYS B 12 16.12 -21.03 -17.88
C LYS B 12 16.08 -20.50 -16.46
N GLU B 13 17.09 -20.85 -15.67
CA GLU B 13 17.20 -20.46 -14.27
C GLU B 13 18.46 -19.62 -14.00
N PRO B 14 18.36 -18.29 -14.07
CA PRO B 14 19.49 -17.41 -13.80
C PRO B 14 19.62 -17.16 -12.28
N PRO B 15 20.81 -16.75 -11.80
CA PRO B 15 21.01 -16.48 -10.37
C PRO B 15 20.26 -15.19 -9.96
N PRO B 16 20.05 -14.95 -8.66
CA PRO B 16 19.35 -13.76 -8.19
C PRO B 16 20.17 -12.49 -8.47
N GLU B 17 19.50 -11.35 -8.36
CA GLU B 17 20.04 -10.02 -8.61
C GLU B 17 19.44 -8.98 -7.63
N PHE B 18 19.05 -9.40 -6.41
CA PHE B 18 18.46 -8.52 -5.41
C PHE B 18 19.28 -7.24 -5.24
N GLU B 19 18.59 -6.10 -5.23
CA GLU B 19 19.16 -4.76 -5.12
C GLU B 19 18.26 -3.86 -4.28
N PHE B 20 18.70 -2.63 -4.00
CA PHE B 20 17.96 -1.64 -3.21
C PHE B 20 18.51 -0.25 -3.56
N ILE B 21 17.73 0.78 -3.26
CA ILE B 21 18.06 2.17 -3.49
C ILE B 21 17.66 2.90 -2.22
N ALA B 22 18.65 3.49 -1.55
CA ALA B 22 18.43 4.26 -0.34
C ALA B 22 17.86 5.59 -0.81
N ASP B 23 16.72 5.97 -0.27
CA ASP B 23 15.95 7.18 -0.56
C ASP B 23 15.92 7.51 -2.05
N PRO B 24 15.19 6.72 -2.87
CA PRO B 24 15.09 6.92 -4.31
C PRO B 24 14.23 8.14 -4.66
N PRO B 25 14.26 8.59 -5.93
CA PRO B 25 13.45 9.71 -6.36
C PRO B 25 11.98 9.29 -6.33
N SER B 26 11.16 10.14 -5.71
CA SER B 26 9.71 9.98 -5.54
C SER B 26 9.29 8.78 -4.68
N ILE B 27 7.98 8.68 -4.45
CA ILE B 27 7.33 7.65 -3.65
C ILE B 27 7.35 6.31 -4.42
N SER B 28 7.28 5.20 -3.69
CA SER B 28 7.25 3.85 -4.23
C SER B 28 5.84 3.53 -4.72
N ALA B 29 5.69 2.60 -5.67
CA ALA B 29 4.37 2.22 -6.19
C ALA B 29 3.48 1.61 -5.09
N PHE B 30 4.10 1.06 -4.04
CA PHE B 30 3.45 0.45 -2.90
C PHE B 30 2.82 1.58 -2.06
N ASP B 31 3.66 2.50 -1.60
CA ASP B 31 3.29 3.64 -0.77
C ASP B 31 2.23 4.51 -1.48
N LEU B 32 2.44 4.73 -2.78
CA LEU B 32 1.58 5.50 -3.65
C LEU B 32 0.13 5.01 -3.58
N ASP B 33 -0.02 3.69 -3.59
CA ASP B 33 -1.29 2.97 -3.55
C ASP B 33 -1.86 3.00 -2.13
N VAL B 34 -1.03 2.79 -1.09
CA VAL B 34 -1.47 2.80 0.31
C VAL B 34 -2.14 4.15 0.59
N VAL B 35 -1.51 5.24 0.12
CA VAL B 35 -1.99 6.60 0.27
C VAL B 35 -3.39 6.70 -0.35
N LYS B 36 -3.56 6.33 -1.62
CA LYS B 36 -4.84 6.39 -2.32
C LYS B 36 -5.88 5.54 -1.64
N LEU B 37 -5.59 4.26 -1.38
CA LEU B 37 -6.48 3.32 -0.73
C LEU B 37 -7.04 3.97 0.54
N THR B 38 -6.15 4.41 1.43
CA THR B 38 -6.55 5.04 2.67
C THR B 38 -7.37 6.31 2.40
N ALA B 39 -6.93 7.20 1.49
CA ALA B 39 -7.63 8.44 1.16
C ALA B 39 -9.06 8.18 0.63
N GLN B 40 -9.25 7.08 -0.09
CA GLN B 40 -10.54 6.70 -0.64
C GLN B 40 -11.47 6.27 0.50
N PHE B 41 -10.99 5.41 1.41
CA PHE B 41 -11.80 4.94 2.53
C PHE B 41 -12.18 6.09 3.46
N VAL B 42 -11.26 7.00 3.80
CA VAL B 42 -11.56 8.13 4.68
C VAL B 42 -12.59 9.07 4.05
N ALA B 43 -12.64 9.16 2.71
CA ALA B 43 -13.57 10.00 1.98
C ALA B 43 -14.97 9.37 1.87
N ARG B 44 -15.08 8.08 2.17
CA ARG B 44 -16.30 7.30 2.16
C ARG B 44 -16.86 7.20 3.57
N ASN B 45 -16.06 6.62 4.46
CA ASN B 45 -16.35 6.37 5.87
C ASN B 45 -16.39 7.63 6.72
N GLY B 46 -15.54 8.61 6.42
CA GLY B 46 -15.43 9.86 7.15
C GLY B 46 -14.11 9.97 7.89
N ARG B 47 -13.85 11.14 8.46
CA ARG B 47 -12.64 11.44 9.21
C ARG B 47 -12.48 10.49 10.40
N GLN B 48 -13.58 10.03 11.00
CA GLN B 48 -13.53 9.11 12.14
C GLN B 48 -12.64 7.90 11.84
N PHE B 49 -12.81 7.28 10.68
CA PHE B 49 -12.03 6.12 10.26
C PHE B 49 -10.53 6.47 10.21
N LEU B 50 -10.20 7.66 9.69
CA LEU B 50 -8.83 8.15 9.58
C LEU B 50 -8.23 8.24 10.99
N THR B 51 -8.93 8.90 11.90
CA THR B 51 -8.45 9.08 13.26
C THR B 51 -8.23 7.74 13.93
N GLN B 52 -9.14 6.78 13.76
CA GLN B 52 -8.98 5.46 14.37
C GLN B 52 -7.68 4.84 13.86
N LEU B 53 -7.39 4.91 12.56
CA LEU B 53 -6.15 4.37 12.01
C LEU B 53 -4.95 5.04 12.68
N MET B 54 -4.98 6.36 12.83
CA MET B 54 -3.89 7.09 13.47
C MET B 54 -3.69 6.69 14.93
N GLN B 55 -4.68 6.08 15.58
CA GLN B 55 -4.61 5.61 16.96
C GLN B 55 -4.14 4.16 16.99
N LYS B 56 -4.77 3.25 16.23
CA LYS B 56 -4.35 1.85 16.21
C LYS B 56 -2.95 1.66 15.64
N GLU B 57 -2.47 2.57 14.80
CA GLU B 57 -1.14 2.55 14.20
C GLU B 57 -0.36 3.81 14.66
N GLN B 58 -0.65 4.33 15.86
CA GLN B 58 0.01 5.54 16.39
C GLN B 58 1.53 5.51 16.51
N ARG B 59 2.19 4.36 16.30
CA ARG B 59 3.63 4.22 16.39
C ARG B 59 4.16 3.34 15.25
N ASN B 60 3.43 3.21 14.14
CA ASN B 60 3.82 2.37 13.01
C ASN B 60 4.37 3.27 11.89
N TYR B 61 5.66 3.20 11.60
CA TYR B 61 6.34 3.99 10.57
C TYR B 61 5.60 4.04 9.23
N GLN B 62 5.09 2.90 8.75
CA GLN B 62 4.38 2.76 7.47
C GLN B 62 3.04 3.51 7.34
N PHE B 63 2.61 4.11 8.44
CA PHE B 63 1.40 4.91 8.58
C PHE B 63 1.76 6.37 8.94
N ASP B 64 3.04 6.75 8.89
CA ASP B 64 3.49 8.10 9.20
C ASP B 64 2.97 9.12 8.20
N PHE B 65 2.61 8.69 6.98
CA PHE B 65 2.08 9.56 5.94
C PHE B 65 0.77 10.24 6.35
N LEU B 66 0.06 9.68 7.35
CA LEU B 66 -1.20 10.21 7.87
C LEU B 66 -0.97 11.38 8.83
N ARG B 67 0.24 11.55 9.35
CA ARG B 67 0.58 12.62 10.28
C ARG B 67 1.11 13.81 9.51
N PRO B 68 0.84 15.04 9.97
CA PRO B 68 1.31 16.25 9.30
C PRO B 68 2.84 16.31 9.25
N GLN B 69 3.53 15.53 10.09
CA GLN B 69 4.97 15.40 10.18
C GLN B 69 5.57 14.76 8.92
N HIS B 70 4.77 14.44 7.90
CA HIS B 70 5.22 13.83 6.66
C HIS B 70 4.93 14.76 5.50
N SER B 71 5.89 14.86 4.58
CA SER B 71 5.80 15.68 3.38
C SER B 71 4.64 15.22 2.47
N LEU B 72 4.29 13.93 2.56
CA LEU B 72 3.22 13.31 1.79
C LEU B 72 1.82 13.72 2.27
N PHE B 73 1.68 14.29 3.47
CA PHE B 73 0.37 14.70 3.99
C PHE B 73 -0.34 15.62 3.00
N ASN B 74 0.43 16.53 2.37
CA ASN B 74 -0.10 17.49 1.40
C ASN B 74 -0.76 16.81 0.20
N TYR B 75 -0.33 15.61 -0.18
CA TYR B 75 -0.87 14.86 -1.31
C TYR B 75 -1.94 13.86 -0.83
N PHE B 76 -1.86 13.38 0.41
CA PHE B 76 -2.87 12.47 0.92
C PHE B 76 -4.16 13.26 1.17
N THR B 77 -4.07 14.39 1.88
CA THR B 77 -5.23 15.19 2.21
C THR B 77 -5.96 15.65 0.93
N LYS B 78 -5.22 16.12 -0.09
CA LYS B 78 -5.83 16.58 -1.34
C LYS B 78 -6.66 15.48 -2.01
N LEU B 79 -6.27 14.21 -1.87
CA LEU B 79 -6.99 13.10 -2.47
C LEU B 79 -8.33 12.89 -1.76
N VAL B 80 -8.41 13.05 -0.44
CA VAL B 80 -9.67 12.88 0.29
C VAL B 80 -10.69 13.85 -0.29
N GLU B 81 -10.31 15.12 -0.44
CA GLU B 81 -11.14 16.22 -0.96
C GLU B 81 -11.65 15.97 -2.38
N GLN B 82 -11.03 15.03 -3.09
CA GLN B 82 -11.39 14.65 -4.45
C GLN B 82 -12.31 13.42 -4.41
N TYR B 83 -12.07 12.50 -3.46
CA TYR B 83 -12.85 11.28 -3.30
C TYR B 83 -14.14 11.52 -2.53
N THR B 84 -14.28 12.60 -1.75
CA THR B 84 -15.50 12.94 -1.02
C THR B 84 -16.64 13.30 -1.98
N LYS B 85 -17.81 13.62 -1.42
CA LYS B 85 -19.02 14.03 -2.09
C LYS B 85 -19.71 15.07 -1.23
N GLY A 1 -21.75 -15.89 -11.29
CA GLY A 1 -21.94 -16.28 -9.89
C GLY A 1 -20.65 -16.02 -9.15
N GLU A 2 -20.01 -17.06 -8.63
CA GLU A 2 -18.75 -16.95 -7.93
C GLU A 2 -17.63 -17.04 -8.98
N LEU A 3 -16.58 -16.25 -8.81
CA LEU A 3 -15.40 -16.21 -9.68
C LEU A 3 -14.29 -15.47 -8.95
N ASN A 4 -14.63 -14.27 -8.47
CA ASN A 4 -13.78 -13.35 -7.74
C ASN A 4 -14.22 -13.37 -6.28
N ALA A 5 -13.48 -12.66 -5.42
CA ALA A 5 -13.78 -12.56 -4.00
C ALA A 5 -15.07 -11.76 -3.79
N ILE A 6 -15.54 -11.70 -2.56
CA ILE A 6 -16.75 -10.97 -2.17
C ILE A 6 -16.33 -9.76 -1.32
N SER A 7 -17.30 -9.02 -0.81
CA SER A 7 -17.13 -7.86 0.05
C SER A 7 -18.29 -7.92 1.06
N GLY A 8 -18.14 -7.34 2.24
CA GLY A 8 -19.14 -7.35 3.31
C GLY A 8 -19.04 -6.06 4.14
N PRO A 9 -19.44 -6.09 5.42
CA PRO A 9 -19.38 -4.93 6.32
C PRO A 9 -17.96 -4.74 6.88
N ASN A 10 -17.82 -3.92 7.92
CA ASN A 10 -16.59 -3.57 8.64
C ASN A 10 -15.55 -2.95 7.72
N GLU A 11 -15.40 -1.64 7.83
CA GLU A 11 -14.45 -0.87 7.03
C GLU A 11 -13.03 -1.43 7.20
N PHE A 12 -12.66 -1.80 8.43
CA PHE A 12 -11.34 -2.35 8.71
C PHE A 12 -11.14 -3.68 8.00
N ALA A 13 -12.15 -4.54 7.97
CA ALA A 13 -12.09 -5.85 7.32
C ALA A 13 -11.75 -5.68 5.85
N GLU A 14 -12.51 -4.82 5.18
CA GLU A 14 -12.38 -4.49 3.78
C GLU A 14 -11.02 -3.84 3.53
N PHE A 15 -10.66 -2.83 4.32
CA PHE A 15 -9.40 -2.10 4.24
C PHE A 15 -8.22 -3.05 4.30
N TYR A 16 -8.16 -3.93 5.32
CA TYR A 16 -7.07 -4.88 5.46
C TYR A 16 -7.06 -5.89 4.32
N ASN A 17 -8.21 -6.23 3.74
CA ASN A 17 -8.28 -7.15 2.61
C ASN A 17 -7.58 -6.48 1.43
N ARG A 18 -7.95 -5.23 1.12
CA ARG A 18 -7.35 -4.46 0.02
C ARG A 18 -5.85 -4.25 0.27
N LEU A 19 -5.43 -3.85 1.48
CA LEU A 19 -4.02 -3.64 1.84
C LEU A 19 -3.18 -4.85 1.51
N LYS A 20 -3.61 -6.01 2.04
CA LYS A 20 -2.93 -7.27 1.86
C LYS A 20 -2.68 -7.55 0.39
N GLN A 21 -3.71 -7.41 -0.47
CA GLN A 21 -3.56 -7.64 -1.89
C GLN A 21 -2.41 -6.82 -2.47
N ILE A 22 -2.29 -5.53 -2.13
CA ILE A 22 -1.20 -4.68 -2.64
C ILE A 22 0.14 -5.26 -2.15
N LYS A 23 0.22 -5.70 -0.89
CA LYS A 23 1.45 -6.29 -0.36
C LYS A 23 1.83 -7.51 -1.19
N GLU A 24 0.88 -8.43 -1.36
CA GLU A 24 1.02 -9.68 -2.11
C GLU A 24 1.32 -9.41 -3.59
N PHE A 25 0.77 -8.35 -4.18
CA PHE A 25 0.95 -7.95 -5.56
C PHE A 25 2.43 -7.69 -5.82
N HIS A 26 3.05 -6.83 -5.01
CA HIS A 26 4.46 -6.50 -5.15
C HIS A 26 5.37 -7.64 -4.68
N ARG A 27 4.88 -8.53 -3.81
CA ARG A 27 5.63 -9.69 -3.31
C ARG A 27 6.03 -10.52 -4.53
N LYS A 28 5.06 -10.81 -5.40
CA LYS A 28 5.28 -11.57 -6.62
C LYS A 28 5.74 -10.62 -7.72
N HIS A 29 6.27 -11.20 -8.79
CA HIS A 29 6.77 -10.51 -9.96
C HIS A 29 6.30 -11.28 -11.20
N PRO A 30 6.15 -10.64 -12.36
CA PRO A 30 5.73 -11.33 -13.58
C PRO A 30 6.87 -12.21 -14.14
N ASN A 31 7.96 -12.42 -13.38
CA ASN A 31 9.12 -13.22 -13.74
C ASN A 31 9.29 -14.32 -12.70
N GLU A 32 9.80 -15.46 -13.13
CA GLU A 32 10.04 -16.66 -12.35
C GLU A 32 11.20 -16.43 -11.37
N ILE A 33 10.88 -16.23 -10.09
CA ILE A 33 11.86 -16.00 -9.04
C ILE A 33 12.80 -17.20 -8.95
N CYS A 34 14.10 -16.92 -9.06
CA CYS A 34 15.18 -17.87 -8.97
C CYS A 34 16.35 -17.15 -8.29
N VAL A 35 17.34 -17.91 -7.86
CA VAL A 35 18.55 -17.46 -7.18
C VAL A 35 19.73 -18.31 -7.64
N PRO A 36 20.98 -17.85 -7.50
CA PRO A 36 22.13 -18.62 -7.92
C PRO A 36 22.40 -19.80 -6.98
N MET A 37 22.81 -20.92 -7.56
CA MET A 37 23.16 -22.12 -6.80
C MET A 37 24.52 -21.87 -6.13
N SER A 38 25.34 -20.99 -6.72
CA SER A 38 26.64 -20.61 -6.20
C SER A 38 26.46 -19.80 -4.91
N GLY B 1 -3.33 -13.83 -15.10
CA GLY B 1 -2.60 -14.52 -16.14
C GLY B 1 -1.71 -15.61 -15.56
N ALA B 2 -1.21 -16.45 -16.47
CA ALA B 2 -0.36 -17.61 -16.25
C ALA B 2 -1.02 -18.70 -15.41
N GLN B 3 -0.35 -19.85 -15.36
CA GLN B 3 -0.77 -21.03 -14.63
C GLN B 3 0.53 -21.76 -14.30
N VAL B 4 1.17 -21.35 -13.20
CA VAL B 4 2.43 -21.89 -12.71
C VAL B 4 2.28 -22.41 -11.28
N ILE B 5 3.32 -23.08 -10.78
CA ILE B 5 3.42 -23.66 -9.46
C ILE B 5 4.64 -23.02 -8.80
N GLN B 6 4.52 -22.60 -7.53
CA GLN B 6 5.59 -21.96 -6.77
C GLN B 6 5.43 -22.32 -5.30
N GLU B 7 6.37 -23.09 -4.76
CA GLU B 7 6.45 -23.54 -3.37
C GLU B 7 7.92 -23.79 -3.05
N THR B 8 8.38 -23.39 -1.86
CA THR B 8 9.75 -23.55 -1.38
C THR B 8 9.78 -23.45 0.14
N ILE B 9 10.89 -23.88 0.77
CA ILE B 9 11.08 -23.85 2.22
C ILE B 9 11.15 -22.40 2.69
N VAL B 10 10.48 -22.10 3.80
CA VAL B 10 10.43 -20.80 4.45
C VAL B 10 10.38 -20.99 5.97
N PRO B 11 10.78 -20.02 6.79
CA PRO B 11 10.75 -20.15 8.25
C PRO B 11 9.32 -20.01 8.78
N LYS B 12 9.17 -20.09 10.10
CA LYS B 12 7.91 -19.97 10.84
C LYS B 12 7.53 -18.49 11.03
N GLU B 13 7.85 -17.66 10.04
CA GLU B 13 7.59 -16.23 10.01
C GLU B 13 7.37 -15.76 8.58
N PRO B 14 6.66 -14.63 8.38
CA PRO B 14 6.41 -14.08 7.06
C PRO B 14 7.66 -13.35 6.53
N PRO B 15 7.72 -13.02 5.23
CA PRO B 15 8.87 -12.33 4.62
C PRO B 15 9.15 -10.96 5.24
N PRO B 16 10.37 -10.40 5.06
CA PRO B 16 10.75 -9.10 5.58
C PRO B 16 10.16 -8.01 4.69
N GLU B 17 8.89 -7.71 4.93
CA GLU B 17 8.11 -6.73 4.19
C GLU B 17 8.42 -5.27 4.54
N PHE B 18 9.57 -5.00 5.16
CA PHE B 18 10.00 -3.66 5.52
C PHE B 18 10.91 -3.17 4.38
N GLU B 19 11.11 -1.86 4.28
CA GLU B 19 11.93 -1.24 3.27
C GLU B 19 12.71 -0.11 3.92
N PHE B 20 13.88 0.24 3.38
CA PHE B 20 14.72 1.31 3.87
C PHE B 20 15.67 1.70 2.75
N ILE B 21 15.73 3.00 2.47
CA ILE B 21 16.56 3.62 1.45
C ILE B 21 17.03 4.97 2.02
N ALA B 22 18.32 5.28 1.87
CA ALA B 22 18.95 6.50 2.33
C ALA B 22 18.57 7.66 1.40
N ASP B 23 17.54 8.44 1.77
CA ASP B 23 17.02 9.59 1.04
C ASP B 23 16.73 9.18 -0.43
N PRO B 24 15.69 8.37 -0.68
CA PRO B 24 15.35 7.88 -2.02
C PRO B 24 14.87 8.99 -2.98
N PRO B 25 14.95 8.77 -4.30
CA PRO B 25 14.51 9.76 -5.27
C PRO B 25 13.00 9.95 -5.24
N SER B 26 12.21 8.93 -4.94
CA SER B 26 10.76 9.03 -4.91
C SER B 26 10.16 7.90 -4.05
N ILE B 27 8.84 7.96 -3.87
CA ILE B 27 8.06 7.00 -3.10
C ILE B 27 7.95 5.69 -3.93
N SER B 28 7.74 4.55 -3.28
CA SER B 28 7.58 3.29 -3.99
C SER B 28 6.15 3.23 -4.54
N ALA B 29 5.90 2.39 -5.56
CA ALA B 29 4.57 2.22 -6.14
C ALA B 29 3.62 1.62 -5.08
N PHE B 30 4.19 0.85 -4.15
CA PHE B 30 3.49 0.20 -3.06
C PHE B 30 2.99 1.30 -2.13
N ASP B 31 3.91 2.10 -1.57
CA ASP B 31 3.60 3.19 -0.64
C ASP B 31 2.61 4.16 -1.27
N LEU B 32 2.80 4.44 -2.56
CA LEU B 32 1.92 5.33 -3.32
C LEU B 32 0.49 4.79 -3.28
N ASP B 33 0.31 3.49 -3.56
CA ASP B 33 -1.00 2.88 -3.56
C ASP B 33 -1.56 2.83 -2.14
N VAL B 34 -0.73 2.66 -1.10
CA VAL B 34 -1.18 2.65 0.30
C VAL B 34 -1.84 4.01 0.58
N VAL B 35 -1.17 5.11 0.21
CA VAL B 35 -1.70 6.45 0.42
C VAL B 35 -3.05 6.60 -0.32
N LYS B 36 -3.18 6.17 -1.58
CA LYS B 36 -4.41 6.27 -2.36
C LYS B 36 -5.53 5.43 -1.73
N LEU B 37 -5.25 4.17 -1.41
CA LEU B 37 -6.20 3.23 -0.81
C LEU B 37 -6.74 3.85 0.48
N THR B 38 -5.85 4.30 1.36
CA THR B 38 -6.24 4.91 2.62
C THR B 38 -7.11 6.13 2.33
N ALA B 39 -6.65 7.03 1.45
CA ALA B 39 -7.37 8.26 1.08
C ALA B 39 -8.80 8.00 0.57
N GLN B 40 -9.05 6.85 -0.04
CA GLN B 40 -10.35 6.50 -0.56
C GLN B 40 -11.35 6.19 0.56
N PHE B 41 -11.04 5.24 1.43
CA PHE B 41 -11.97 4.86 2.51
C PHE B 41 -12.19 5.99 3.51
N VAL B 42 -11.15 6.75 3.87
CA VAL B 42 -11.29 7.86 4.81
C VAL B 42 -12.28 8.90 4.25
N ALA B 43 -12.41 8.99 2.93
CA ALA B 43 -13.33 9.91 2.30
C ALA B 43 -14.74 9.31 2.28
N ARG B 44 -14.88 8.06 1.82
CA ARG B 44 -16.16 7.35 1.73
C ARG B 44 -16.90 7.40 3.06
N ASN B 45 -16.26 6.91 4.11
CA ASN B 45 -16.84 6.86 5.44
C ASN B 45 -16.73 8.24 6.06
N GLY B 46 -15.53 8.81 6.14
CA GLY B 46 -15.29 10.13 6.69
C GLY B 46 -14.09 10.14 7.62
N ARG B 47 -13.65 11.35 7.98
CA ARG B 47 -12.50 11.60 8.85
C ARG B 47 -12.56 10.81 10.14
N GLN B 48 -13.75 10.48 10.65
CA GLN B 48 -13.87 9.72 11.87
C GLN B 48 -13.04 8.43 11.80
N PHE B 49 -13.14 7.69 10.69
CA PHE B 49 -12.39 6.45 10.48
C PHE B 49 -10.89 6.76 10.46
N LEU B 50 -10.52 7.89 9.86
CA LEU B 50 -9.13 8.34 9.76
C LEU B 50 -8.57 8.42 11.18
N THR B 51 -9.29 9.09 12.09
CA THR B 51 -8.85 9.21 13.47
C THR B 51 -8.68 7.82 14.11
N GLN B 52 -9.62 6.90 13.89
CA GLN B 52 -9.52 5.56 14.45
C GLN B 52 -8.22 4.89 13.99
N LEU B 53 -7.83 5.09 12.73
CA LEU B 53 -6.60 4.55 12.16
C LEU B 53 -5.40 5.21 12.81
N MET B 54 -5.41 6.53 12.92
CA MET B 54 -4.32 7.30 13.53
C MET B 54 -4.07 6.78 14.93
N GLN B 55 -5.13 6.47 15.68
CA GLN B 55 -5.04 5.98 17.03
C GLN B 55 -4.48 4.56 17.07
N LYS B 56 -5.10 3.60 16.39
CA LYS B 56 -4.67 2.21 16.42
C LYS B 56 -3.26 1.96 15.86
N GLU B 57 -2.77 2.75 14.92
CA GLU B 57 -1.44 2.56 14.34
C GLU B 57 -0.45 3.68 14.70
N GLN B 58 -0.74 4.53 15.69
CA GLN B 58 0.09 5.66 16.11
C GLN B 58 1.59 5.34 16.23
N ARG B 59 1.96 4.13 16.65
CA ARG B 59 3.35 3.72 16.82
C ARG B 59 4.02 3.28 15.51
N ASN B 60 3.27 2.81 14.51
CA ASN B 60 3.83 2.34 13.25
C ASN B 60 4.31 3.48 12.35
N TYR B 61 5.60 3.49 12.02
CA TYR B 61 6.19 4.48 11.15
C TYR B 61 5.55 4.44 9.75
N GLN B 62 4.98 3.32 9.30
CA GLN B 62 4.34 3.24 7.98
C GLN B 62 3.06 4.10 7.92
N PHE B 63 2.46 4.43 9.06
CA PHE B 63 1.26 5.24 9.17
C PHE B 63 1.63 6.69 9.53
N ASP B 64 2.91 7.07 9.51
CA ASP B 64 3.36 8.42 9.85
C ASP B 64 2.91 9.47 8.83
N PHE B 65 2.59 9.09 7.58
CA PHE B 65 2.13 10.06 6.59
C PHE B 65 0.77 10.64 6.94
N LEU B 66 0.01 9.98 7.81
CA LEU B 66 -1.29 10.46 8.26
C LEU B 66 -1.12 11.73 9.10
N ARG B 67 0.07 12.00 9.62
CA ARG B 67 0.36 13.19 10.41
C ARG B 67 0.93 14.23 9.45
N PRO B 68 0.61 15.52 9.60
CA PRO B 68 1.11 16.57 8.72
C PRO B 68 2.63 16.73 8.71
N GLN B 69 3.33 16.09 9.65
CA GLN B 69 4.78 16.10 9.75
C GLN B 69 5.43 15.34 8.58
N HIS B 70 4.67 14.86 7.60
CA HIS B 70 5.14 14.14 6.45
C HIS B 70 4.66 14.91 5.22
N SER B 71 5.55 15.16 4.25
CA SER B 71 5.21 15.89 3.02
C SER B 71 4.00 15.24 2.32
N LEU B 72 3.95 13.89 2.37
CA LEU B 72 2.88 13.10 1.78
C LEU B 72 1.50 13.50 2.29
N PHE B 73 1.38 14.08 3.49
CA PHE B 73 0.10 14.51 4.04
C PHE B 73 -0.58 15.46 3.06
N ASN B 74 0.15 16.41 2.48
CA ASN B 74 -0.39 17.38 1.52
C ASN B 74 -0.93 16.67 0.29
N TYR B 75 -0.25 15.64 -0.18
CA TYR B 75 -0.64 14.85 -1.34
C TYR B 75 -1.76 13.85 -0.99
N PHE B 76 -1.93 13.50 0.28
CA PHE B 76 -2.95 12.58 0.76
C PHE B 76 -4.25 13.35 0.97
N THR B 77 -4.23 14.47 1.70
CA THR B 77 -5.43 15.27 1.95
C THR B 77 -6.04 15.67 0.60
N LYS B 78 -5.24 16.13 -0.36
CA LYS B 78 -5.71 16.53 -1.69
C LYS B 78 -6.44 15.41 -2.44
N LEU B 79 -6.33 14.15 -1.99
CA LEU B 79 -7.03 13.01 -2.57
C LEU B 79 -8.35 12.84 -1.81
N VAL B 80 -8.30 12.88 -0.47
CA VAL B 80 -9.48 12.74 0.37
C VAL B 80 -10.51 13.81 0.00
N GLU B 81 -10.10 15.10 -0.05
CA GLU B 81 -10.99 16.21 -0.36
C GLU B 81 -11.72 16.06 -1.70
N GLN B 82 -11.07 15.36 -2.63
CA GLN B 82 -11.57 15.07 -3.97
C GLN B 82 -12.51 13.87 -3.97
N TYR B 83 -12.17 12.85 -3.19
CA TYR B 83 -12.97 11.65 -3.04
C TYR B 83 -14.26 12.01 -2.29
N THR B 84 -14.23 12.93 -1.32
CA THR B 84 -15.42 13.36 -0.59
C THR B 84 -16.25 14.32 -1.45
N LYS B 85 -17.45 14.66 -0.96
CA LYS B 85 -18.47 15.56 -1.51
C LYS B 85 -19.48 14.79 -2.34
N GLY A 1 -13.55 -24.08 13.79
CA GLY A 1 -14.09 -24.50 15.08
C GLY A 1 -15.54 -24.07 15.23
N GLU A 2 -15.87 -23.42 16.34
CA GLU A 2 -17.20 -22.93 16.66
C GLU A 2 -17.60 -21.76 15.76
N LEU A 3 -18.85 -21.32 15.87
CA LEU A 3 -19.40 -20.21 15.11
C LEU A 3 -18.80 -18.90 15.65
N ASN A 4 -18.68 -17.87 14.81
CA ASN A 4 -18.12 -16.57 15.20
C ASN A 4 -19.16 -15.48 14.84
N ALA A 5 -18.88 -14.21 15.17
CA ALA A 5 -19.80 -13.11 14.90
C ALA A 5 -20.27 -13.08 13.45
N ILE A 6 -21.51 -12.66 13.27
CA ILE A 6 -22.23 -12.54 12.00
C ILE A 6 -22.44 -11.09 11.57
N SER A 7 -21.75 -10.12 12.17
CA SER A 7 -21.88 -8.71 11.85
C SER A 7 -21.59 -8.39 10.37
N GLY A 8 -20.91 -9.28 9.65
CA GLY A 8 -20.58 -9.11 8.25
C GLY A 8 -19.19 -8.50 8.06
N PRO A 9 -18.78 -8.26 6.80
CA PRO A 9 -17.50 -7.69 6.45
C PRO A 9 -17.50 -6.21 6.87
N ASN A 10 -16.91 -5.93 8.02
CA ASN A 10 -16.81 -4.59 8.58
C ASN A 10 -15.89 -3.74 7.69
N GLU A 11 -15.93 -2.43 7.83
CA GLU A 11 -15.10 -1.50 7.07
C GLU A 11 -13.62 -1.87 7.25
N PHE A 12 -13.18 -2.13 8.49
CA PHE A 12 -11.79 -2.51 8.72
C PHE A 12 -11.42 -3.79 7.99
N ALA A 13 -12.38 -4.71 7.76
CA ALA A 13 -12.15 -5.96 7.05
C ALA A 13 -11.73 -5.66 5.62
N GLU A 14 -12.53 -4.84 4.94
CA GLU A 14 -12.31 -4.42 3.57
C GLU A 14 -10.96 -3.70 3.46
N PHE A 15 -10.73 -2.74 4.35
CA PHE A 15 -9.50 -1.96 4.36
C PHE A 15 -8.28 -2.88 4.43
N TYR A 16 -8.21 -3.75 5.44
CA TYR A 16 -7.09 -4.67 5.57
C TYR A 16 -7.03 -5.69 4.41
N ASN A 17 -8.16 -6.10 3.83
CA ASN A 17 -8.21 -7.04 2.71
C ASN A 17 -7.51 -6.37 1.52
N ARG A 18 -7.88 -5.12 1.20
CA ARG A 18 -7.28 -4.34 0.12
C ARG A 18 -5.79 -4.15 0.40
N LEU A 19 -5.41 -3.86 1.65
CA LEU A 19 -4.01 -3.69 2.02
C LEU A 19 -3.21 -4.95 1.73
N LYS A 20 -3.73 -6.12 2.13
CA LYS A 20 -3.07 -7.41 1.91
C LYS A 20 -2.73 -7.52 0.42
N GLN A 21 -3.71 -7.26 -0.45
CA GLN A 21 -3.53 -7.32 -1.89
C GLN A 21 -2.31 -6.50 -2.31
N ILE A 22 -2.20 -5.24 -1.89
CA ILE A 22 -1.08 -4.36 -2.24
C ILE A 22 0.26 -5.02 -1.91
N LYS A 23 0.39 -5.57 -0.71
CA LYS A 23 1.64 -6.22 -0.29
C LYS A 23 1.94 -7.45 -1.15
N GLU A 24 0.96 -8.34 -1.31
CA GLU A 24 1.08 -9.58 -2.07
C GLU A 24 1.45 -9.30 -3.52
N PHE A 25 0.87 -8.26 -4.09
CA PHE A 25 1.10 -7.85 -5.47
C PHE A 25 2.57 -7.53 -5.71
N HIS A 26 3.27 -6.95 -4.71
CA HIS A 26 4.68 -6.58 -4.82
C HIS A 26 5.52 -7.77 -4.39
N ARG A 27 4.97 -8.68 -3.58
CA ARG A 27 5.72 -9.86 -3.19
C ARG A 27 5.92 -10.79 -4.41
N LYS A 28 5.14 -10.57 -5.49
CA LYS A 28 5.19 -11.34 -6.73
C LYS A 28 5.91 -10.56 -7.83
N HIS A 29 5.42 -9.36 -8.20
CA HIS A 29 6.06 -8.58 -9.25
C HIS A 29 7.34 -7.97 -8.68
N PRO A 30 8.45 -7.95 -9.43
CA PRO A 30 9.70 -7.40 -8.96
C PRO A 30 9.63 -5.86 -8.79
N ASN A 31 10.61 -5.30 -8.07
CA ASN A 31 10.69 -3.87 -7.83
C ASN A 31 11.24 -3.12 -9.03
N GLU A 32 10.65 -1.97 -9.31
CA GLU A 32 11.00 -1.04 -10.38
C GLU A 32 10.57 0.34 -9.90
N ILE A 33 11.08 1.41 -10.49
CA ILE A 33 10.74 2.76 -10.15
C ILE A 33 9.39 3.15 -10.77
N CYS A 34 8.90 4.33 -10.41
CA CYS A 34 7.66 4.91 -10.89
C CYS A 34 7.96 6.21 -11.65
N VAL A 35 6.92 6.92 -12.06
CA VAL A 35 7.04 8.18 -12.77
C VAL A 35 7.85 9.17 -11.93
N PRO A 36 8.60 10.10 -12.54
CA PRO A 36 9.38 11.06 -11.79
C PRO A 36 8.41 11.98 -11.07
N MET A 37 8.55 12.10 -9.75
CA MET A 37 7.69 12.93 -8.92
C MET A 37 8.56 13.64 -7.89
N SER A 38 8.88 14.90 -8.17
CA SER A 38 9.68 15.77 -7.32
C SER A 38 10.87 15.04 -6.71
N GLY B 1 -7.63 13.96 -14.78
CA GLY B 1 -9.02 14.27 -15.05
C GLY B 1 -9.42 14.05 -16.50
N ALA B 2 -8.46 13.77 -17.38
CA ALA B 2 -8.67 13.52 -18.82
C ALA B 2 -8.03 12.22 -19.29
N GLN B 3 -7.85 11.25 -18.38
CA GLN B 3 -7.25 9.94 -18.58
C GLN B 3 -5.73 10.11 -18.71
N VAL B 4 -4.95 9.05 -18.48
CA VAL B 4 -3.50 9.16 -18.58
C VAL B 4 -3.11 9.28 -20.07
N ILE B 5 -2.12 10.14 -20.33
CA ILE B 5 -1.55 10.40 -21.65
C ILE B 5 -0.01 10.34 -21.61
N GLN B 6 0.58 10.11 -20.42
CA GLN B 6 2.03 10.04 -20.23
C GLN B 6 2.61 8.79 -20.92
N GLU B 7 3.92 8.81 -21.17
CA GLU B 7 4.66 7.72 -21.79
C GLU B 7 5.94 7.38 -20.98
N THR B 8 6.37 8.31 -20.13
CA THR B 8 7.50 8.27 -19.21
C THR B 8 8.88 7.90 -19.82
N ILE B 9 9.26 8.52 -20.95
CA ILE B 9 10.57 8.30 -21.56
C ILE B 9 11.61 9.15 -20.81
N VAL B 10 12.89 9.07 -21.18
CA VAL B 10 14.00 9.80 -20.57
C VAL B 10 15.09 10.11 -21.60
N PRO B 11 15.98 11.09 -21.34
CA PRO B 11 17.08 11.42 -22.25
C PRO B 11 18.19 10.37 -22.20
N LYS B 12 18.29 9.62 -21.10
CA LYS B 12 19.28 8.58 -20.87
C LYS B 12 18.63 7.46 -20.07
N GLU B 13 19.16 6.26 -20.25
CA GLU B 13 18.74 5.05 -19.58
C GLU B 13 19.01 5.19 -18.06
N PRO B 14 18.42 4.34 -17.21
CA PRO B 14 18.64 4.39 -15.77
C PRO B 14 20.11 4.03 -15.44
N PRO B 15 20.61 4.34 -14.24
CA PRO B 15 21.98 4.00 -13.88
C PRO B 15 22.11 2.46 -13.79
N PRO B 16 23.33 1.91 -13.93
CA PRO B 16 23.54 0.48 -13.86
C PRO B 16 23.33 -0.06 -12.44
N GLU B 17 23.18 -1.37 -12.34
CA GLU B 17 23.00 -2.11 -11.09
C GLU B 17 24.36 -2.38 -10.42
N PHE B 18 25.34 -1.52 -10.68
CA PHE B 18 26.71 -1.61 -10.16
C PHE B 18 26.90 -0.90 -8.82
N GLU B 19 25.82 -0.38 -8.26
CA GLU B 19 25.70 0.32 -6.99
C GLU B 19 24.45 -0.22 -6.28
N PHE B 20 23.97 0.48 -5.25
CA PHE B 20 22.80 0.10 -4.46
C PHE B 20 21.87 1.29 -4.29
N ILE B 21 20.60 1.02 -3.94
CA ILE B 21 19.59 2.04 -3.72
C ILE B 21 19.81 2.63 -2.32
N ALA B 22 19.57 3.93 -2.11
CA ALA B 22 19.73 4.59 -0.82
C ALA B 22 18.73 5.75 -0.75
N ASP B 23 17.47 5.43 -0.47
CA ASP B 23 16.31 6.35 -0.36
C ASP B 23 16.22 7.19 -1.63
N PRO B 24 15.69 6.61 -2.72
CA PRO B 24 15.56 7.28 -4.00
C PRO B 24 14.45 8.35 -3.95
N PRO B 25 14.37 9.23 -4.95
CA PRO B 25 13.35 10.26 -5.01
C PRO B 25 12.00 9.63 -5.32
N SER B 26 10.93 10.39 -5.06
CA SER B 26 9.52 10.03 -5.25
C SER B 26 9.09 8.91 -4.32
N ILE B 27 7.76 8.78 -4.17
CA ILE B 27 7.13 7.75 -3.39
C ILE B 27 7.13 6.49 -4.27
N SER B 28 7.18 5.32 -3.64
CA SER B 28 7.17 4.02 -4.28
C SER B 28 5.74 3.64 -4.68
N ALA B 29 5.58 2.63 -5.54
CA ALA B 29 4.27 2.17 -5.98
C ALA B 29 3.47 1.60 -4.81
N PHE B 30 4.16 0.93 -3.88
CA PHE B 30 3.56 0.33 -2.69
C PHE B 30 2.88 1.45 -1.89
N ASP B 31 3.67 2.42 -1.45
CA ASP B 31 3.20 3.54 -0.65
C ASP B 31 2.16 4.36 -1.41
N LEU B 32 2.30 4.52 -2.73
CA LEU B 32 1.34 5.26 -3.54
C LEU B 32 -0.05 4.63 -3.42
N ASP B 33 -0.12 3.31 -3.59
CA ASP B 33 -1.37 2.56 -3.50
C ASP B 33 -1.91 2.62 -2.09
N VAL B 34 -1.06 2.51 -1.05
CA VAL B 34 -1.50 2.58 0.35
C VAL B 34 -2.12 3.95 0.60
N VAL B 35 -1.47 5.03 0.16
CA VAL B 35 -1.95 6.40 0.31
C VAL B 35 -3.31 6.53 -0.39
N LYS B 36 -3.44 6.08 -1.64
CA LYS B 36 -4.70 6.18 -2.39
C LYS B 36 -5.79 5.36 -1.73
N LEU B 37 -5.53 4.11 -1.35
CA LEU B 37 -6.48 3.21 -0.70
C LEU B 37 -7.02 3.92 0.54
N THR B 38 -6.14 4.34 1.45
CA THR B 38 -6.53 5.02 2.65
C THR B 38 -7.30 6.31 2.33
N ALA B 39 -6.81 7.15 1.42
CA ALA B 39 -7.46 8.41 1.04
C ALA B 39 -8.90 8.17 0.53
N GLN B 40 -9.13 7.06 -0.17
CA GLN B 40 -10.44 6.71 -0.68
C GLN B 40 -11.35 6.33 0.49
N PHE B 41 -10.90 5.42 1.35
CA PHE B 41 -11.71 4.99 2.48
C PHE B 41 -11.97 6.09 3.51
N VAL B 42 -11.04 7.03 3.72
CA VAL B 42 -11.27 8.13 4.66
C VAL B 42 -12.34 9.05 4.07
N ALA B 43 -12.46 9.13 2.74
CA ALA B 43 -13.48 9.95 2.11
C ALA B 43 -14.83 9.21 2.26
N ARG B 44 -14.86 7.90 1.94
CA ARG B 44 -16.05 7.05 2.02
C ARG B 44 -16.62 6.93 3.43
N ASN B 45 -15.76 6.82 4.45
CA ASN B 45 -16.19 6.66 5.85
C ASN B 45 -16.13 7.96 6.64
N GLY B 46 -15.41 8.96 6.16
CA GLY B 46 -15.24 10.24 6.80
C GLY B 46 -14.01 10.25 7.70
N ARG B 47 -13.64 11.44 8.18
CA ARG B 47 -12.51 11.70 9.06
C ARG B 47 -12.47 10.79 10.27
N GLN B 48 -13.62 10.33 10.79
CA GLN B 48 -13.64 9.46 11.95
C GLN B 48 -12.72 8.27 11.66
N PHE B 49 -12.93 7.61 10.52
CA PHE B 49 -12.16 6.47 10.08
C PHE B 49 -10.66 6.82 10.01
N LEU B 50 -10.33 8.07 9.63
CA LEU B 50 -8.95 8.53 9.56
C LEU B 50 -8.36 8.45 10.96
N THR B 51 -9.00 9.10 11.94
CA THR B 51 -8.51 9.10 13.31
C THR B 51 -8.40 7.70 13.89
N GLN B 52 -9.41 6.83 13.73
CA GLN B 52 -9.34 5.48 14.29
C GLN B 52 -8.10 4.75 13.78
N LEU B 53 -7.72 4.97 12.52
CA LEU B 53 -6.53 4.36 11.93
C LEU B 53 -5.30 4.95 12.62
N MET B 54 -5.20 6.27 12.72
CA MET B 54 -4.05 6.93 13.35
C MET B 54 -3.83 6.45 14.78
N GLN B 55 -4.90 6.21 15.54
CA GLN B 55 -4.80 5.75 16.91
C GLN B 55 -4.36 4.28 16.97
N LYS B 56 -5.09 3.37 16.32
CA LYS B 56 -4.73 1.93 16.36
C LYS B 56 -3.35 1.64 15.77
N GLU B 57 -2.95 2.36 14.71
CA GLU B 57 -1.67 2.22 14.02
C GLU B 57 -0.64 3.21 14.59
N GLN B 58 -0.83 3.79 15.78
CA GLN B 58 0.10 4.75 16.39
C GLN B 58 1.54 4.21 16.55
N ARG B 59 1.76 2.90 16.52
CA ARG B 59 3.07 2.27 16.65
C ARG B 59 3.51 1.65 15.33
N ASN B 60 2.74 1.78 14.25
CA ASN B 60 3.07 1.20 12.96
C ASN B 60 3.68 2.25 12.05
N TYR B 61 5.00 2.17 11.84
CA TYR B 61 5.75 3.10 11.00
C TYR B 61 5.18 3.32 9.60
N GLN B 62 4.62 2.31 8.92
CA GLN B 62 4.07 2.50 7.58
C GLN B 62 2.91 3.51 7.56
N PHE B 63 2.30 3.82 8.70
CA PHE B 63 1.18 4.76 8.81
C PHE B 63 1.67 6.15 9.27
N ASP B 64 2.99 6.41 9.26
CA ASP B 64 3.58 7.69 9.67
C ASP B 64 3.16 8.84 8.74
N PHE B 65 2.85 8.56 7.47
CA PHE B 65 2.44 9.56 6.51
C PHE B 65 1.11 10.21 6.88
N LEU B 66 0.30 9.56 7.73
CA LEU B 66 -0.98 10.10 8.16
C LEU B 66 -0.79 11.31 9.06
N ARG B 67 0.38 11.47 9.69
CA ARG B 67 0.66 12.61 10.55
C ARG B 67 1.12 13.74 9.64
N PRO B 68 0.91 15.01 10.02
CA PRO B 68 1.32 16.16 9.22
C PRO B 68 2.84 16.23 9.08
N GLN B 69 3.55 15.50 9.94
CA GLN B 69 5.00 15.37 10.05
C GLN B 69 5.65 14.71 8.82
N HIS B 70 4.87 14.37 7.78
CA HIS B 70 5.33 13.76 6.55
C HIS B 70 4.88 14.64 5.39
N SER B 71 5.78 14.95 4.45
CA SER B 71 5.48 15.78 3.29
C SER B 71 4.31 15.20 2.48
N LEU B 72 4.17 13.86 2.45
CA LEU B 72 3.12 13.14 1.76
C LEU B 72 1.71 13.56 2.20
N PHE B 73 1.56 14.06 3.43
CA PHE B 73 0.27 14.51 3.95
C PHE B 73 -0.33 15.58 3.03
N ASN B 74 0.51 16.44 2.46
CA ASN B 74 0.08 17.51 1.56
C ASN B 74 -0.58 16.97 0.29
N TYR B 75 -0.32 15.71 -0.10
CA TYR B 75 -0.91 15.08 -1.28
C TYR B 75 -2.14 14.31 -0.81
N PHE B 76 -1.98 13.50 0.24
CA PHE B 76 -3.04 12.69 0.82
C PHE B 76 -4.27 13.53 1.15
N THR B 77 -4.13 14.65 1.87
CA THR B 77 -5.27 15.49 2.24
C THR B 77 -6.08 15.89 0.99
N LYS B 78 -5.40 16.34 -0.06
CA LYS B 78 -6.01 16.76 -1.33
C LYS B 78 -6.72 15.60 -2.00
N LEU B 79 -6.21 14.39 -1.86
CA LEU B 79 -6.85 13.21 -2.45
C LEU B 79 -8.18 12.96 -1.74
N VAL B 80 -8.28 13.15 -0.41
CA VAL B 80 -9.53 12.91 0.30
C VAL B 80 -10.61 13.81 -0.27
N GLU B 81 -10.31 15.11 -0.36
CA GLU B 81 -11.21 16.14 -0.86
C GLU B 81 -11.66 15.82 -2.29
N GLN B 82 -10.79 15.20 -3.09
CA GLN B 82 -11.06 14.80 -4.46
C GLN B 82 -12.05 13.63 -4.47
N TYR B 83 -11.85 12.64 -3.59
CA TYR B 83 -12.73 11.48 -3.48
C TYR B 83 -14.06 11.79 -2.77
N THR B 84 -14.12 12.77 -1.86
CA THR B 84 -15.36 13.10 -1.17
C THR B 84 -16.36 13.73 -2.13
N LYS B 85 -17.64 13.41 -1.93
CA LYS B 85 -18.78 13.90 -2.70
C LYS B 85 -20.05 13.43 -2.02
N GLY A 1 -9.59 -25.74 -0.12
CA GLY A 1 -10.72 -26.38 0.59
C GLY A 1 -11.01 -25.62 1.88
N GLU A 2 -12.18 -25.84 2.46
CA GLU A 2 -12.67 -25.26 3.71
C GLU A 2 -12.51 -23.74 3.70
N LEU A 3 -13.47 -23.14 3.01
CA LEU A 3 -13.55 -21.69 2.82
C LEU A 3 -14.35 -21.06 3.95
N ASN A 4 -15.51 -21.62 4.30
CA ASN A 4 -16.38 -21.14 5.37
C ASN A 4 -16.80 -19.67 5.16
N ALA A 5 -17.44 -19.07 6.17
CA ALA A 5 -17.89 -17.70 6.12
C ALA A 5 -16.71 -16.72 6.10
N ILE A 6 -16.90 -15.59 5.43
CA ILE A 6 -15.92 -14.52 5.27
C ILE A 6 -16.02 -13.45 6.37
N SER A 7 -16.62 -13.80 7.52
CA SER A 7 -16.83 -12.94 8.69
C SER A 7 -17.92 -11.91 8.43
N GLY A 8 -18.20 -11.04 9.41
CA GLY A 8 -19.21 -10.00 9.28
C GLY A 8 -18.60 -8.76 8.60
N PRO A 9 -19.42 -7.86 8.06
CA PRO A 9 -18.95 -6.65 7.40
C PRO A 9 -18.34 -5.69 8.43
N ASN A 10 -17.30 -4.98 8.00
CA ASN A 10 -16.57 -4.00 8.80
C ASN A 10 -15.64 -3.19 7.89
N GLU A 11 -15.47 -1.91 8.18
CA GLU A 11 -14.62 -0.99 7.43
C GLU A 11 -13.17 -1.48 7.40
N PHE A 12 -12.61 -1.74 8.58
CA PHE A 12 -11.24 -2.23 8.71
C PHE A 12 -11.06 -3.60 8.09
N ALA A 13 -12.09 -4.47 8.10
CA ALA A 13 -11.95 -5.80 7.49
C ALA A 13 -11.62 -5.61 6.02
N GLU A 14 -12.40 -4.76 5.35
CA GLU A 14 -12.22 -4.46 3.95
C GLU A 14 -10.89 -3.74 3.73
N PHE A 15 -10.49 -2.87 4.66
CA PHE A 15 -9.23 -2.14 4.57
C PHE A 15 -8.08 -3.14 4.51
N TYR A 16 -8.06 -4.12 5.42
CA TYR A 16 -7.02 -5.14 5.48
C TYR A 16 -7.11 -6.09 4.28
N ASN A 17 -8.30 -6.37 3.72
CA ASN A 17 -8.48 -7.23 2.57
C ASN A 17 -7.71 -6.57 1.41
N ARG A 18 -7.95 -5.28 1.19
CA ARG A 18 -7.31 -4.48 0.14
C ARG A 18 -5.81 -4.34 0.40
N LEU A 19 -5.39 -3.99 1.62
CA LEU A 19 -3.97 -3.83 1.96
C LEU A 19 -3.17 -5.06 1.57
N LYS A 20 -3.61 -6.25 1.99
CA LYS A 20 -2.93 -7.50 1.69
C LYS A 20 -2.67 -7.61 0.19
N GLN A 21 -3.70 -7.37 -0.62
CA GLN A 21 -3.67 -7.43 -2.07
C GLN A 21 -2.49 -6.62 -2.64
N ILE A 22 -2.29 -5.38 -2.17
CA ILE A 22 -1.20 -4.53 -2.64
C ILE A 22 0.15 -5.12 -2.20
N LYS A 23 0.34 -5.44 -0.91
CA LYS A 23 1.60 -5.99 -0.42
C LYS A 23 2.01 -7.18 -1.26
N GLU A 24 1.07 -8.10 -1.45
CA GLU A 24 1.19 -9.32 -2.22
C GLU A 24 1.56 -9.01 -3.66
N PHE A 25 0.92 -8.01 -4.27
CA PHE A 25 1.20 -7.61 -5.65
C PHE A 25 2.73 -7.38 -5.77
N HIS A 26 3.30 -6.53 -4.91
CA HIS A 26 4.74 -6.26 -4.93
C HIS A 26 5.57 -7.48 -4.48
N ARG A 27 4.97 -8.43 -3.76
CA ARG A 27 5.64 -9.66 -3.30
C ARG A 27 5.75 -10.64 -4.47
N LYS A 28 4.71 -10.74 -5.29
CA LYS A 28 4.63 -11.62 -6.44
C LYS A 28 5.43 -11.00 -7.59
N HIS A 29 5.03 -9.84 -8.10
CA HIS A 29 5.73 -9.19 -9.19
C HIS A 29 5.89 -7.68 -8.96
N PRO A 30 6.99 -7.24 -8.34
CA PRO A 30 7.26 -5.83 -8.11
C PRO A 30 7.76 -5.24 -9.43
N ASN A 31 6.87 -4.59 -10.19
CA ASN A 31 7.24 -3.97 -11.47
C ASN A 31 7.87 -2.60 -11.27
N GLU A 32 7.63 -1.97 -10.10
CA GLU A 32 8.09 -0.67 -9.64
C GLU A 32 8.33 0.30 -10.82
N ILE A 33 7.25 0.62 -11.51
CA ILE A 33 7.23 1.52 -12.66
C ILE A 33 7.49 2.94 -12.15
N CYS A 34 8.41 3.64 -12.80
CA CYS A 34 8.88 5.00 -12.54
C CYS A 34 9.50 5.11 -11.15
N VAL A 35 10.83 4.99 -11.10
CA VAL A 35 11.57 5.08 -9.86
C VAL A 35 12.81 5.98 -10.04
N PRO A 36 13.29 6.61 -8.95
CA PRO A 36 14.48 7.45 -9.03
C PRO A 36 15.70 6.58 -9.36
N MET A 37 16.75 7.21 -9.88
CA MET A 37 17.98 6.54 -10.28
C MET A 37 18.95 6.58 -9.10
N SER A 38 18.78 5.70 -8.12
CA SER A 38 19.65 5.62 -6.95
C SER A 38 19.62 4.21 -6.36
N GLY B 1 15.17 -6.01 -18.93
CA GLY B 1 14.76 -6.27 -17.55
C GLY B 1 15.45 -7.50 -16.95
N ALA B 2 16.60 -7.89 -17.49
CA ALA B 2 17.36 -9.04 -17.03
C ALA B 2 17.60 -8.96 -15.51
N GLN B 3 17.54 -10.11 -14.86
CA GLN B 3 17.73 -10.29 -13.43
C GLN B 3 18.72 -11.44 -13.28
N VAL B 4 19.67 -11.31 -12.36
CA VAL B 4 20.68 -12.31 -12.07
C VAL B 4 21.30 -11.93 -10.72
N ILE B 5 22.03 -12.85 -10.09
CA ILE B 5 22.71 -12.66 -8.84
C ILE B 5 24.13 -13.21 -9.00
N GLN B 6 25.06 -12.67 -8.22
CA GLN B 6 26.46 -12.99 -8.20
C GLN B 6 27.01 -12.57 -6.83
N GLU B 7 28.32 -12.65 -6.63
CA GLU B 7 29.00 -12.24 -5.40
C GLU B 7 30.07 -11.18 -5.71
N THR B 8 30.34 -10.92 -6.98
CA THR B 8 31.31 -9.96 -7.49
C THR B 8 30.59 -8.67 -7.95
N ILE B 9 31.31 -7.56 -7.91
CA ILE B 9 30.80 -6.25 -8.31
C ILE B 9 30.59 -6.25 -9.83
N VAL B 10 29.49 -5.62 -10.29
CA VAL B 10 29.14 -5.52 -11.70
C VAL B 10 28.70 -4.06 -12.01
N PRO B 11 28.74 -3.62 -13.29
CA PRO B 11 28.33 -2.26 -13.67
C PRO B 11 26.81 -2.06 -13.52
N LYS B 12 26.34 -0.85 -13.85
CA LYS B 12 24.95 -0.39 -13.77
C LYS B 12 24.64 -0.09 -12.30
N GLU B 13 23.39 0.23 -12.00
CA GLU B 13 22.92 0.53 -10.65
C GLU B 13 23.17 -0.66 -9.71
N PRO B 14 23.15 -0.46 -8.38
CA PRO B 14 23.41 -1.52 -7.42
C PRO B 14 22.34 -2.63 -7.46
N PRO B 15 22.64 -3.80 -6.86
CA PRO B 15 21.72 -4.92 -6.82
C PRO B 15 20.53 -4.62 -5.90
N PRO B 16 19.48 -5.48 -5.89
CA PRO B 16 18.33 -5.27 -5.05
C PRO B 16 18.69 -5.59 -3.58
N GLU B 17 17.72 -5.36 -2.68
CA GLU B 17 17.86 -5.59 -1.23
C GLU B 17 18.98 -4.72 -0.63
N PHE B 18 19.30 -3.61 -1.29
CA PHE B 18 20.31 -2.63 -0.93
C PHE B 18 19.75 -1.67 0.14
N GLU B 19 20.55 -0.68 0.52
CA GLU B 19 20.22 0.34 1.51
C GLU B 19 18.99 1.16 1.14
N PHE B 20 18.40 1.81 2.13
CA PHE B 20 17.23 2.69 2.02
C PHE B 20 17.69 4.10 1.67
N ILE B 21 16.75 5.00 1.35
CA ILE B 21 17.01 6.39 1.02
C ILE B 21 16.01 7.25 1.80
N ALA B 22 16.50 8.37 2.35
CA ALA B 22 15.70 9.32 3.11
C ALA B 22 15.03 10.29 2.14
N ASP B 23 13.74 10.55 2.37
CA ASP B 23 12.84 11.44 1.62
C ASP B 23 13.09 11.32 0.11
N PRO B 24 12.72 10.19 -0.53
CA PRO B 24 12.96 10.04 -1.96
C PRO B 24 12.20 11.13 -2.75
N PRO B 25 12.69 11.49 -3.96
CA PRO B 25 12.06 12.52 -4.78
C PRO B 25 10.68 12.13 -5.33
N SER B 26 10.32 10.84 -5.27
CA SER B 26 9.04 10.34 -5.72
C SER B 26 8.64 9.21 -4.77
N ILE B 27 7.34 9.03 -4.60
CA ILE B 27 6.79 8.01 -3.72
C ILE B 27 6.96 6.64 -4.38
N SER B 28 7.15 5.63 -3.53
CA SER B 28 7.31 4.25 -3.96
C SER B 28 5.94 3.76 -4.45
N ALA B 29 5.90 2.81 -5.39
CA ALA B 29 4.63 2.29 -5.92
C ALA B 29 3.78 1.67 -4.80
N PHE B 30 4.44 1.05 -3.81
CA PHE B 30 3.79 0.43 -2.68
C PHE B 30 3.11 1.52 -1.85
N ASP B 31 3.88 2.53 -1.45
CA ASP B 31 3.42 3.65 -0.64
C ASP B 31 2.25 4.36 -1.30
N LEU B 32 2.36 4.58 -2.62
CA LEU B 32 1.38 5.25 -3.45
C LEU B 32 0.00 4.61 -3.33
N ASP B 33 -0.08 3.31 -3.56
CA ASP B 33 -1.35 2.59 -3.50
C ASP B 33 -1.91 2.60 -2.08
N VAL B 34 -1.08 2.47 -1.04
CA VAL B 34 -1.54 2.50 0.36
C VAL B 34 -2.22 3.85 0.62
N VAL B 35 -1.56 4.95 0.21
CA VAL B 35 -2.07 6.31 0.36
C VAL B 35 -3.39 6.42 -0.39
N LYS B 36 -3.44 6.04 -1.67
CA LYS B 36 -4.63 6.08 -2.51
C LYS B 36 -5.79 5.29 -1.93
N LEU B 37 -5.54 4.07 -1.43
CA LEU B 37 -6.52 3.17 -0.84
C LEU B 37 -7.14 3.87 0.35
N THR B 38 -6.29 4.26 1.31
CA THR B 38 -6.69 4.93 2.53
C THR B 38 -7.51 6.19 2.21
N ALA B 39 -7.03 7.06 1.31
CA ALA B 39 -7.70 8.29 0.92
C ALA B 39 -9.12 8.04 0.41
N GLN B 40 -9.35 6.92 -0.29
CA GLN B 40 -10.68 6.59 -0.80
C GLN B 40 -11.63 6.22 0.34
N PHE B 41 -11.17 5.41 1.29
CA PHE B 41 -11.97 4.97 2.44
C PHE B 41 -12.29 6.15 3.35
N VAL B 42 -11.31 6.98 3.70
CA VAL B 42 -11.54 8.14 4.57
C VAL B 42 -12.53 9.12 3.94
N ALA B 43 -12.62 9.17 2.61
CA ALA B 43 -13.57 10.07 1.96
C ALA B 43 -14.99 9.53 2.10
N ARG B 44 -15.19 8.21 1.95
CA ARG B 44 -16.51 7.57 2.06
C ARG B 44 -16.95 7.46 3.51
N ASN B 45 -16.16 6.74 4.31
CA ASN B 45 -16.41 6.48 5.72
C ASN B 45 -16.44 7.81 6.46
N GLY B 46 -15.45 8.66 6.19
CA GLY B 46 -15.31 9.99 6.78
C GLY B 46 -14.06 10.08 7.62
N ARG B 47 -13.90 11.24 8.24
CA ARG B 47 -12.80 11.61 9.10
C ARG B 47 -12.67 10.68 10.30
N GLN B 48 -13.76 10.10 10.82
CA GLN B 48 -13.68 9.21 11.97
C GLN B 48 -12.72 8.06 11.69
N PHE B 49 -12.89 7.36 10.57
CA PHE B 49 -12.06 6.23 10.16
C PHE B 49 -10.59 6.64 10.11
N LEU B 50 -10.32 7.85 9.62
CA LEU B 50 -8.97 8.39 9.53
C LEU B 50 -8.42 8.51 10.95
N THR B 51 -9.14 9.19 11.84
CA THR B 51 -8.72 9.38 13.22
C THR B 51 -8.48 8.02 13.89
N GLN B 52 -9.36 7.05 13.66
CA GLN B 52 -9.23 5.72 14.25
C GLN B 52 -7.91 5.10 13.82
N LEU B 53 -7.52 5.20 12.54
CA LEU B 53 -6.25 4.66 12.08
C LEU B 53 -5.13 5.33 12.87
N MET B 54 -5.17 6.65 13.04
CA MET B 54 -4.17 7.41 13.78
C MET B 54 -4.12 6.99 15.25
N GLN B 55 -5.14 6.34 15.79
CA GLN B 55 -5.18 5.88 17.17
C GLN B 55 -4.68 4.44 17.26
N LYS B 56 -5.26 3.50 16.51
CA LYS B 56 -4.82 2.11 16.56
C LYS B 56 -3.36 1.94 16.12
N GLU B 57 -2.89 2.74 15.18
CA GLU B 57 -1.55 2.68 14.61
C GLU B 57 -0.70 3.91 14.99
N GLN B 58 -0.99 4.63 16.07
CA GLN B 58 -0.21 5.82 16.47
C GLN B 58 1.30 5.60 16.64
N ARG B 59 1.77 4.34 16.73
CA ARG B 59 3.19 4.02 16.90
C ARG B 59 3.75 3.31 15.66
N ASN B 60 2.89 2.96 14.70
CA ASN B 60 3.24 2.27 13.47
C ASN B 60 3.74 3.28 12.44
N TYR B 61 5.06 3.31 12.19
CA TYR B 61 5.66 4.24 11.22
C TYR B 61 5.01 4.16 9.84
N GLN B 62 4.50 2.99 9.43
CA GLN B 62 3.88 2.82 8.13
C GLN B 62 2.61 3.66 7.94
N PHE B 63 1.97 4.09 9.02
CA PHE B 63 0.76 4.92 9.00
C PHE B 63 1.06 6.37 9.36
N ASP B 64 2.35 6.74 9.49
CA ASP B 64 2.73 8.10 9.86
C ASP B 64 2.33 9.11 8.78
N PHE B 65 2.08 8.66 7.53
CA PHE B 65 1.66 9.53 6.43
C PHE B 65 0.35 10.27 6.74
N LEU B 66 -0.42 9.77 7.71
CA LEU B 66 -1.68 10.36 8.15
C LEU B 66 -1.45 11.62 8.98
N ARG B 67 -0.23 11.87 9.49
CA ARG B 67 0.11 13.03 10.31
C ARG B 67 0.76 14.11 9.44
N PRO B 68 0.55 15.41 9.74
CA PRO B 68 1.09 16.52 8.96
C PRO B 68 2.61 16.54 8.85
N GLN B 69 3.32 15.91 9.79
CA GLN B 69 4.77 15.83 9.80
C GLN B 69 5.30 15.14 8.54
N HIS B 70 4.60 14.12 8.04
CA HIS B 70 5.02 13.38 6.86
C HIS B 70 4.72 14.25 5.64
N SER B 71 5.68 14.41 4.73
CA SER B 71 5.50 15.21 3.53
C SER B 71 4.34 14.65 2.70
N LEU B 72 4.16 13.32 2.71
CA LEU B 72 3.08 12.64 1.97
C LEU B 72 1.69 13.10 2.39
N PHE B 73 1.54 13.67 3.59
CA PHE B 73 0.27 14.16 4.10
C PHE B 73 -0.34 15.16 3.12
N ASN B 74 0.51 16.02 2.54
CA ASN B 74 0.08 17.04 1.60
C ASN B 74 -0.57 16.46 0.34
N TYR B 75 -0.15 15.27 -0.09
CA TYR B 75 -0.68 14.58 -1.26
C TYR B 75 -1.95 13.83 -0.82
N PHE B 76 -1.84 13.09 0.29
CA PHE B 76 -2.92 12.30 0.87
C PHE B 76 -4.17 13.15 1.08
N THR B 77 -4.06 14.26 1.82
CA THR B 77 -5.19 15.13 2.13
C THR B 77 -5.89 15.60 0.84
N LYS B 78 -5.15 16.06 -0.18
CA LYS B 78 -5.72 16.51 -1.44
C LYS B 78 -6.60 15.44 -2.07
N LEU B 79 -6.15 14.19 -2.07
CA LEU B 79 -6.94 13.09 -2.63
C LEU B 79 -8.27 12.95 -1.91
N VAL B 80 -8.28 13.06 -0.57
CA VAL B 80 -9.52 12.93 0.20
C VAL B 80 -10.52 13.99 -0.30
N GLU B 81 -10.09 15.25 -0.38
CA GLU B 81 -10.90 16.37 -0.81
C GLU B 81 -11.51 16.10 -2.20
N GLN B 82 -10.73 15.52 -3.12
CA GLN B 82 -11.17 15.20 -4.48
C GLN B 82 -12.17 14.03 -4.49
N TYR B 83 -12.08 13.10 -3.53
CA TYR B 83 -12.97 11.96 -3.43
C TYR B 83 -14.23 12.29 -2.62
N THR B 84 -14.19 13.24 -1.68
CA THR B 84 -15.37 13.61 -0.90
C THR B 84 -16.31 14.41 -1.78
N LYS B 85 -17.57 13.98 -1.85
CA LYS B 85 -18.61 14.64 -2.61
C LYS B 85 -19.89 14.20 -1.92
N GLY A 1 -12.63 -22.62 1.30
CA GLY A 1 -13.18 -21.38 1.85
C GLY A 1 -14.20 -21.72 2.90
N GLU A 2 -15.47 -21.54 2.55
CA GLU A 2 -16.65 -21.81 3.38
C GLU A 2 -16.79 -20.85 4.57
N LEU A 3 -18.00 -20.80 5.15
CA LEU A 3 -18.41 -19.94 6.27
C LEU A 3 -18.26 -18.44 5.98
N ASN A 4 -18.07 -18.10 4.70
CA ASN A 4 -17.94 -16.76 4.13
C ASN A 4 -19.27 -16.50 3.41
N ALA A 5 -19.45 -15.32 2.81
CA ALA A 5 -20.63 -14.85 2.07
C ALA A 5 -21.77 -14.48 3.04
N ILE A 6 -21.51 -14.49 4.35
CA ILE A 6 -22.44 -14.19 5.44
C ILE A 6 -21.86 -13.12 6.38
N SER A 7 -20.71 -12.52 6.05
CA SER A 7 -20.07 -11.51 6.87
C SER A 7 -20.89 -10.22 6.92
N GLY A 8 -20.56 -9.33 7.86
CA GLY A 8 -21.26 -8.07 8.06
C GLY A 8 -20.50 -6.84 7.57
N PRO A 9 -21.10 -5.65 7.76
CA PRO A 9 -20.54 -4.36 7.38
C PRO A 9 -19.34 -4.03 8.27
N ASN A 10 -18.12 -4.21 7.75
CA ASN A 10 -16.88 -3.96 8.46
C ASN A 10 -15.87 -3.35 7.51
N GLU A 11 -15.83 -2.02 7.45
CA GLU A 11 -14.91 -1.29 6.58
C GLU A 11 -13.46 -1.64 6.88
N PHE A 12 -13.11 -1.88 8.15
CA PHE A 12 -11.74 -2.26 8.52
C PHE A 12 -11.38 -3.63 7.94
N ALA A 13 -12.35 -4.53 7.78
CA ALA A 13 -12.11 -5.85 7.22
C ALA A 13 -11.65 -5.69 5.78
N GLU A 14 -12.47 -4.99 5.00
CA GLU A 14 -12.24 -4.70 3.60
C GLU A 14 -10.96 -3.87 3.41
N PHE A 15 -10.68 -2.95 4.35
CA PHE A 15 -9.50 -2.11 4.32
C PHE A 15 -8.27 -3.00 4.36
N TYR A 16 -8.19 -3.90 5.35
CA TYR A 16 -7.06 -4.80 5.48
C TYR A 16 -7.00 -5.80 4.31
N ASN A 17 -8.13 -6.15 3.68
CA ASN A 17 -8.15 -7.04 2.53
C ASN A 17 -7.38 -6.35 1.41
N ARG A 18 -7.76 -5.10 1.09
CA ARG A 18 -7.11 -4.28 0.06
C ARG A 18 -5.64 -4.11 0.43
N LEU A 19 -5.31 -3.91 1.71
CA LEU A 19 -3.91 -3.77 2.10
C LEU A 19 -3.15 -5.04 1.73
N LYS A 20 -3.69 -6.23 2.06
CA LYS A 20 -3.03 -7.51 1.76
C LYS A 20 -2.74 -7.58 0.26
N GLN A 21 -3.73 -7.24 -0.56
CA GLN A 21 -3.62 -7.25 -2.01
C GLN A 21 -2.38 -6.47 -2.45
N ILE A 22 -2.18 -5.26 -1.93
CA ILE A 22 -1.02 -4.42 -2.26
C ILE A 22 0.27 -5.16 -1.86
N LYS A 23 0.37 -5.56 -0.58
CA LYS A 23 1.57 -6.24 -0.08
C LYS A 23 1.95 -7.44 -0.94
N GLU A 24 1.02 -8.35 -1.18
CA GLU A 24 1.21 -9.58 -1.95
C GLU A 24 1.54 -9.31 -3.40
N PHE A 25 0.86 -8.35 -4.00
CA PHE A 25 1.08 -7.98 -5.39
C PHE A 25 2.54 -7.59 -5.54
N HIS A 26 3.04 -6.70 -4.69
CA HIS A 26 4.43 -6.27 -4.76
C HIS A 26 5.34 -7.43 -4.37
N ARG A 27 4.88 -8.33 -3.48
CA ARG A 27 5.68 -9.48 -3.07
C ARG A 27 5.92 -10.45 -4.23
N LYS A 28 5.15 -10.37 -5.33
CA LYS A 28 5.29 -11.26 -6.49
C LYS A 28 5.69 -10.47 -7.75
N HIS A 29 5.40 -9.16 -7.82
CA HIS A 29 5.71 -8.30 -8.95
C HIS A 29 6.33 -7.00 -8.43
N PRO A 30 7.67 -6.91 -8.32
CA PRO A 30 8.33 -5.71 -7.84
C PRO A 30 8.29 -4.57 -8.87
N ASN A 31 8.09 -4.90 -10.15
CA ASN A 31 8.00 -4.01 -11.31
C ASN A 31 9.21 -3.05 -11.41
N GLU A 32 9.13 -2.04 -12.28
CA GLU A 32 10.14 -1.02 -12.55
C GLU A 32 11.51 -1.61 -12.93
N ILE A 33 12.52 -0.75 -13.07
CA ILE A 33 13.89 -1.09 -13.41
C ILE A 33 14.79 -0.58 -12.28
N CYS A 34 15.09 -1.45 -11.33
CA CYS A 34 15.96 -1.15 -10.20
C CYS A 34 17.27 -1.94 -10.35
N VAL A 35 17.27 -2.98 -11.19
CA VAL A 35 18.40 -3.85 -11.50
C VAL A 35 19.57 -3.02 -12.05
N PRO A 36 20.83 -3.47 -11.83
CA PRO A 36 22.01 -2.77 -12.32
C PRO A 36 22.06 -2.77 -13.85
N MET A 37 22.74 -1.79 -14.44
CA MET A 37 22.87 -1.72 -15.90
C MET A 37 23.92 -2.72 -16.41
N SER A 38 24.70 -3.29 -15.49
CA SER A 38 25.76 -4.26 -15.71
C SER A 38 25.83 -5.21 -14.53
N GLY B 1 -14.83 -13.87 -17.45
CA GLY B 1 -13.64 -13.24 -16.88
C GLY B 1 -12.32 -13.92 -17.25
N ALA B 2 -12.33 -14.90 -18.15
CA ALA B 2 -11.17 -15.67 -18.63
C ALA B 2 -10.36 -16.34 -17.51
N GLN B 3 -10.99 -16.52 -16.34
CA GLN B 3 -10.45 -17.11 -15.14
C GLN B 3 -10.13 -18.60 -15.38
N VAL B 4 -8.89 -18.89 -15.75
CA VAL B 4 -8.41 -20.24 -16.02
C VAL B 4 -7.19 -20.56 -15.16
N ILE B 5 -6.85 -21.84 -15.05
CA ILE B 5 -5.73 -22.34 -14.28
C ILE B 5 -4.66 -22.70 -15.32
N GLN B 6 -3.69 -21.81 -15.51
CA GLN B 6 -2.60 -21.98 -16.46
C GLN B 6 -1.21 -21.69 -15.85
N GLU B 7 -1.13 -21.38 -14.56
CA GLU B 7 0.14 -21.11 -13.88
C GLU B 7 0.77 -22.48 -13.57
N THR B 8 1.39 -23.09 -14.58
CA THR B 8 2.01 -24.41 -14.47
C THR B 8 3.46 -24.35 -15.00
N ILE B 9 4.39 -23.80 -14.21
CA ILE B 9 5.82 -23.69 -14.56
C ILE B 9 6.63 -24.01 -13.31
N VAL B 10 7.74 -24.72 -13.51
CA VAL B 10 8.66 -25.16 -12.48
C VAL B 10 9.13 -24.01 -11.56
N PRO B 11 9.12 -24.22 -10.24
CA PRO B 11 9.53 -23.21 -9.28
C PRO B 11 11.05 -23.04 -9.26
N LYS B 12 11.50 -21.84 -8.90
CA LYS B 12 12.89 -21.46 -8.78
C LYS B 12 13.03 -20.60 -7.54
N GLU B 13 14.14 -20.76 -6.83
CA GLU B 13 14.49 -20.04 -5.63
C GLU B 13 15.99 -19.70 -5.73
N PRO B 14 16.36 -18.85 -6.69
CA PRO B 14 17.75 -18.45 -6.90
C PRO B 14 18.20 -17.53 -5.76
N PRO B 15 19.51 -17.27 -5.62
CA PRO B 15 20.01 -16.42 -4.56
C PRO B 15 19.50 -14.97 -4.72
N PRO B 16 19.45 -14.17 -3.63
CA PRO B 16 19.01 -12.78 -3.66
C PRO B 16 20.09 -11.96 -4.36
N GLU B 17 19.89 -11.67 -5.63
CA GLU B 17 20.83 -10.91 -6.47
C GLU B 17 20.26 -9.62 -7.02
N PHE B 18 19.11 -9.19 -6.52
CA PHE B 18 18.45 -7.96 -6.92
C PHE B 18 19.08 -6.82 -6.11
N GLU B 19 18.92 -5.59 -6.57
CA GLU B 19 19.46 -4.40 -5.93
C GLU B 19 18.35 -3.37 -5.72
N PHE B 20 18.52 -2.53 -4.71
CA PHE B 20 17.60 -1.47 -4.29
C PHE B 20 18.35 -0.17 -4.07
N ILE B 21 17.71 0.96 -4.33
CA ILE B 21 18.30 2.27 -4.17
C ILE B 21 17.96 2.80 -2.77
N ALA B 22 18.92 3.49 -2.17
CA ALA B 22 18.80 4.11 -0.85
C ALA B 22 17.98 5.39 -0.99
N ASP B 23 16.81 5.45 -0.37
CA ASP B 23 15.86 6.58 -0.37
C ASP B 23 15.79 7.36 -1.70
N PRO B 24 15.40 6.71 -2.81
CA PRO B 24 15.32 7.36 -4.11
C PRO B 24 14.20 8.41 -4.14
N PRO B 25 14.22 9.37 -5.09
CA PRO B 25 13.17 10.37 -5.18
C PRO B 25 11.85 9.71 -5.62
N SER B 26 10.75 10.40 -5.35
CA SER B 26 9.37 10.00 -5.64
C SER B 26 8.92 8.90 -4.67
N ILE B 27 7.69 8.42 -4.84
CA ILE B 27 7.08 7.40 -4.01
C ILE B 27 7.09 6.05 -4.76
N SER B 28 7.06 4.94 -4.03
CA SER B 28 7.04 3.61 -4.63
C SER B 28 5.59 3.26 -4.94
N ALA B 29 5.34 2.31 -5.86
CA ALA B 29 3.98 1.92 -6.20
C ALA B 29 3.26 1.35 -4.98
N PHE B 30 3.98 0.70 -4.06
CA PHE B 30 3.41 0.14 -2.84
C PHE B 30 2.88 1.30 -2.00
N ASP B 31 3.76 2.23 -1.61
CA ASP B 31 3.41 3.38 -0.78
C ASP B 31 2.27 4.15 -1.44
N LEU B 32 2.32 4.33 -2.76
CA LEU B 32 1.32 5.04 -3.53
C LEU B 32 -0.06 4.44 -3.34
N ASP B 33 -0.23 3.12 -3.55
CA ASP B 33 -1.55 2.52 -3.37
C ASP B 33 -1.94 2.51 -1.90
N VAL B 34 -0.98 2.42 -0.97
CA VAL B 34 -1.29 2.46 0.46
C VAL B 34 -1.96 3.82 0.72
N VAL B 35 -1.39 4.90 0.19
CA VAL B 35 -1.95 6.22 0.37
C VAL B 35 -3.30 6.31 -0.35
N LYS B 36 -3.42 5.93 -1.62
CA LYS B 36 -4.70 6.01 -2.34
C LYS B 36 -5.80 5.21 -1.64
N LEU B 37 -5.50 4.00 -1.17
CA LEU B 37 -6.44 3.12 -0.49
C LEU B 37 -7.04 3.82 0.73
N THR B 38 -6.21 4.29 1.66
CA THR B 38 -6.73 4.94 2.85
C THR B 38 -7.46 6.21 2.44
N ALA B 39 -6.91 7.03 1.53
CA ALA B 39 -7.54 8.27 1.08
C ALA B 39 -8.95 8.01 0.50
N GLN B 40 -9.13 6.92 -0.26
CA GLN B 40 -10.43 6.57 -0.84
C GLN B 40 -11.40 6.24 0.30
N PHE B 41 -10.99 5.31 1.17
CA PHE B 41 -11.76 4.85 2.31
C PHE B 41 -12.12 5.99 3.25
N VAL B 42 -11.20 6.85 3.68
CA VAL B 42 -11.48 7.96 4.58
C VAL B 42 -12.51 8.92 3.97
N ALA B 43 -12.56 9.06 2.64
CA ALA B 43 -13.53 9.94 2.02
C ALA B 43 -14.93 9.29 2.10
N ARG B 44 -15.04 7.99 1.79
CA ARG B 44 -16.31 7.25 1.82
C ARG B 44 -16.82 7.03 3.24
N ASN B 45 -15.94 6.56 4.12
CA ASN B 45 -16.16 6.23 5.53
C ASN B 45 -16.23 7.46 6.43
N GLY B 46 -15.56 8.55 6.07
CA GLY B 46 -15.52 9.80 6.82
C GLY B 46 -14.27 9.89 7.71
N ARG B 47 -14.08 11.08 8.29
CA ARG B 47 -12.98 11.46 9.17
C ARG B 47 -12.81 10.48 10.33
N GLN B 48 -13.90 9.93 10.87
CA GLN B 48 -13.83 9.01 12.00
C GLN B 48 -12.85 7.88 11.68
N PHE B 49 -13.02 7.19 10.55
CA PHE B 49 -12.16 6.10 10.12
C PHE B 49 -10.69 6.54 10.05
N LEU B 50 -10.44 7.75 9.57
CA LEU B 50 -9.10 8.32 9.47
C LEU B 50 -8.49 8.42 10.87
N THR B 51 -9.19 9.11 11.78
CA THR B 51 -8.71 9.28 13.14
C THR B 51 -8.47 7.92 13.79
N GLN B 52 -9.37 6.95 13.60
CA GLN B 52 -9.20 5.62 14.17
C GLN B 52 -7.82 5.08 13.79
N LEU B 53 -7.49 5.09 12.50
CA LEU B 53 -6.21 4.61 11.99
C LEU B 53 -5.07 5.38 12.65
N MET B 54 -5.15 6.72 12.73
CA MET B 54 -4.10 7.54 13.35
C MET B 54 -3.85 7.18 14.81
N GLN B 55 -4.79 6.52 15.49
CA GLN B 55 -4.67 6.12 16.87
C GLN B 55 -4.13 4.68 16.92
N LYS B 56 -4.83 3.70 16.34
CA LYS B 56 -4.37 2.30 16.37
C LYS B 56 -2.97 2.13 15.77
N GLU B 57 -2.58 2.93 14.78
CA GLU B 57 -1.28 2.86 14.12
C GLU B 57 -0.34 3.99 14.57
N GLN B 58 -0.65 4.74 15.64
CA GLN B 58 0.18 5.86 16.10
C GLN B 58 1.67 5.51 16.30
N ARG B 59 2.03 4.28 16.69
CA ARG B 59 3.41 3.88 16.91
C ARG B 59 4.04 3.23 15.67
N ASN B 60 3.25 3.02 14.62
CA ASN B 60 3.68 2.40 13.37
C ASN B 60 4.04 3.50 12.37
N TYR B 61 5.34 3.74 12.16
CA TYR B 61 5.85 4.77 11.26
C TYR B 61 5.26 4.69 9.84
N GLN B 62 4.85 3.51 9.38
CA GLN B 62 4.26 3.32 8.06
C GLN B 62 3.00 4.18 7.84
N PHE B 63 2.31 4.59 8.92
CA PHE B 63 1.11 5.42 8.89
C PHE B 63 1.37 6.87 9.30
N ASP B 64 2.63 7.27 9.57
CA ASP B 64 2.97 8.64 9.97
C ASP B 64 2.53 9.66 8.92
N PHE B 65 2.34 9.24 7.66
CA PHE B 65 1.90 10.13 6.59
C PHE B 65 0.52 10.73 6.87
N LEU B 66 -0.28 10.11 7.76
CA LEU B 66 -1.61 10.60 8.10
C LEU B 66 -1.52 11.86 8.97
N ARG B 67 -0.36 12.14 9.58
CA ARG B 67 -0.12 13.32 10.40
C ARG B 67 0.42 14.41 9.49
N PRO B 68 0.22 15.68 9.84
CA PRO B 68 0.73 16.81 9.05
C PRO B 68 2.25 16.89 9.06
N GLN B 69 2.89 16.12 9.94
CA GLN B 69 4.32 16.01 10.16
C GLN B 69 5.08 15.36 8.99
N HIS B 70 4.38 14.83 7.96
CA HIS B 70 4.98 14.17 6.81
C HIS B 70 4.78 14.99 5.53
N SER B 71 5.71 14.92 4.58
CA SER B 71 5.60 15.67 3.32
C SER B 71 4.41 15.13 2.50
N LEU B 72 4.22 13.80 2.50
CA LEU B 72 3.12 13.15 1.77
C LEU B 72 1.74 13.60 2.28
N PHE B 73 1.65 14.23 3.45
CA PHE B 73 0.37 14.68 3.99
C PHE B 73 -0.36 15.59 3.00
N ASN B 74 0.35 16.45 2.27
CA ASN B 74 -0.26 17.35 1.30
C ASN B 74 -0.90 16.50 0.18
N TYR B 75 -0.19 15.48 -0.31
CA TYR B 75 -0.71 14.61 -1.36
C TYR B 75 -1.96 13.88 -0.84
N PHE B 76 -1.91 13.41 0.41
CA PHE B 76 -2.98 12.70 1.10
C PHE B 76 -4.22 13.54 1.28
N THR B 77 -4.14 14.63 2.04
CA THR B 77 -5.25 15.54 2.31
C THR B 77 -5.94 15.92 1.00
N LYS B 78 -5.17 16.27 -0.05
CA LYS B 78 -5.75 16.64 -1.33
C LYS B 78 -6.58 15.49 -1.93
N LEU B 79 -6.11 14.23 -1.88
CA LEU B 79 -6.89 13.12 -2.43
C LEU B 79 -8.24 13.01 -1.72
N VAL B 80 -8.27 13.07 -0.38
CA VAL B 80 -9.52 12.94 0.36
C VAL B 80 -10.51 14.03 -0.02
N GLU B 81 -10.07 15.28 0.03
CA GLU B 81 -10.89 16.45 -0.27
C GLU B 81 -11.39 16.42 -1.71
N GLN B 82 -10.69 15.73 -2.62
CA GLN B 82 -11.10 15.59 -4.01
C GLN B 82 -12.10 14.44 -4.12
N TYR B 83 -11.88 13.37 -3.36
CA TYR B 83 -12.74 12.20 -3.34
C TYR B 83 -14.06 12.51 -2.65
N THR B 84 -14.14 13.45 -1.69
CA THR B 84 -15.40 13.76 -1.02
C THR B 84 -16.47 14.30 -1.96
N LYS B 85 -17.70 14.34 -1.43
CA LYS B 85 -18.89 14.81 -2.10
C LYS B 85 -18.93 16.33 -2.32
N GLY A 1 -13.50 -17.66 14.61
CA GLY A 1 -14.11 -16.44 14.06
C GLY A 1 -13.08 -15.52 13.45
N GLU A 2 -12.53 -15.87 12.28
CA GLU A 2 -11.55 -15.04 11.59
C GLU A 2 -12.17 -13.74 11.08
N LEU A 3 -13.49 -13.73 10.95
CA LEU A 3 -14.34 -12.62 10.54
C LEU A 3 -15.23 -12.42 11.74
N ASN A 4 -15.04 -11.35 12.51
CA ASN A 4 -15.85 -11.08 13.68
C ASN A 4 -17.27 -10.77 13.19
N ALA A 5 -18.20 -11.71 13.37
CA ALA A 5 -19.62 -11.63 12.99
C ALA A 5 -19.83 -11.37 11.50
N ILE A 6 -21.09 -11.16 11.12
CA ILE A 6 -21.58 -10.87 9.77
C ILE A 6 -22.70 -9.81 9.89
N SER A 7 -23.30 -9.40 8.77
CA SER A 7 -24.40 -8.43 8.67
C SER A 7 -24.25 -7.25 9.64
N GLY A 8 -23.45 -6.26 9.26
CA GLY A 8 -23.17 -5.05 10.03
C GLY A 8 -21.96 -4.33 9.43
N PRO A 9 -21.69 -3.06 9.80
CA PRO A 9 -20.58 -2.28 9.28
C PRO A 9 -19.22 -2.91 9.62
N ASN A 10 -18.51 -3.38 8.60
CA ASN A 10 -17.20 -4.03 8.66
C ASN A 10 -16.29 -3.40 7.60
N GLU A 11 -15.91 -2.15 7.84
CA GLU A 11 -15.04 -1.33 6.99
C GLU A 11 -13.60 -1.81 7.06
N PHE A 12 -13.09 -2.07 8.27
CA PHE A 12 -11.73 -2.51 8.50
C PHE A 12 -11.42 -3.83 7.80
N ALA A 13 -12.38 -4.75 7.71
CA ALA A 13 -12.19 -6.04 7.06
C ALA A 13 -11.81 -5.84 5.59
N GLU A 14 -12.48 -4.91 4.92
CA GLU A 14 -12.23 -4.58 3.52
C GLU A 14 -10.90 -3.84 3.43
N PHE A 15 -10.65 -2.87 4.32
CA PHE A 15 -9.43 -2.07 4.36
C PHE A 15 -8.20 -2.99 4.42
N TYR A 16 -8.14 -3.89 5.41
CA TYR A 16 -7.02 -4.80 5.55
C TYR A 16 -6.91 -5.75 4.36
N ASN A 17 -8.03 -6.08 3.71
CA ASN A 17 -8.03 -6.94 2.53
C ASN A 17 -7.30 -6.21 1.41
N ARG A 18 -7.70 -4.97 1.12
CA ARG A 18 -7.08 -4.13 0.10
C ARG A 18 -5.59 -3.98 0.42
N LEU A 19 -5.22 -3.80 1.69
CA LEU A 19 -3.83 -3.67 2.10
C LEU A 19 -3.07 -4.93 1.72
N LYS A 20 -3.57 -6.11 2.12
CA LYS A 20 -2.95 -7.41 1.82
C LYS A 20 -2.70 -7.51 0.32
N GLN A 21 -3.69 -7.16 -0.50
CA GLN A 21 -3.59 -7.20 -1.96
C GLN A 21 -2.38 -6.38 -2.42
N ILE A 22 -2.20 -5.13 -1.97
CA ILE A 22 -1.06 -4.29 -2.35
C ILE A 22 0.26 -4.99 -1.97
N LYS A 23 0.31 -5.57 -0.77
CA LYS A 23 1.51 -6.24 -0.28
C LYS A 23 1.89 -7.37 -1.23
N GLU A 24 0.99 -8.33 -1.36
CA GLU A 24 1.08 -9.54 -2.19
C GLU A 24 1.43 -9.18 -3.62
N PHE A 25 0.84 -8.09 -4.12
CA PHE A 25 1.09 -7.62 -5.48
C PHE A 25 2.59 -7.50 -5.71
N HIS A 26 3.24 -6.65 -4.90
CA HIS A 26 4.66 -6.42 -5.00
C HIS A 26 5.48 -7.56 -4.41
N ARG A 27 4.92 -8.39 -3.53
CA ARG A 27 5.65 -9.52 -2.95
C ARG A 27 5.83 -10.58 -4.03
N LYS A 28 4.79 -10.85 -4.82
CA LYS A 28 4.83 -11.83 -5.90
C LYS A 28 5.70 -11.30 -7.05
N HIS A 29 5.48 -10.05 -7.48
CA HIS A 29 6.26 -9.45 -8.57
C HIS A 29 6.81 -8.11 -8.08
N PRO A 30 8.09 -8.04 -7.68
CA PRO A 30 8.72 -6.83 -7.19
C PRO A 30 8.95 -5.81 -8.29
N ASN A 31 8.09 -4.79 -8.35
CA ASN A 31 8.13 -3.71 -9.34
C ASN A 31 8.22 -4.31 -10.75
N GLU A 32 8.87 -3.66 -11.71
CA GLU A 32 9.01 -4.13 -13.07
C GLU A 32 10.27 -3.53 -13.69
N ILE A 33 10.69 -4.06 -14.84
CA ILE A 33 11.85 -3.65 -15.62
C ILE A 33 13.12 -3.61 -14.75
N CYS A 34 13.78 -4.76 -14.67
CA CYS A 34 14.99 -5.02 -13.92
C CYS A 34 14.74 -4.92 -12.40
N VAL A 35 15.81 -4.95 -11.63
CA VAL A 35 15.76 -4.87 -10.17
C VAL A 35 16.76 -3.80 -9.71
N PRO A 36 16.51 -3.12 -8.57
CA PRO A 36 17.38 -2.06 -8.05
C PRO A 36 18.72 -2.61 -7.56
N MET A 37 19.80 -1.86 -7.80
CA MET A 37 21.14 -2.22 -7.38
C MET A 37 21.34 -1.88 -5.89
N SER A 38 20.53 -0.96 -5.35
CA SER A 38 20.54 -0.49 -3.97
C SER A 38 21.95 -0.30 -3.40
N GLY B 1 21.77 -39.07 -15.83
CA GLY B 1 20.51 -38.91 -15.11
C GLY B 1 20.62 -39.29 -13.62
N ALA B 2 21.72 -39.93 -13.22
CA ALA B 2 21.96 -40.33 -11.83
C ALA B 2 22.12 -39.12 -10.90
N GLN B 3 22.38 -37.93 -11.47
CA GLN B 3 22.53 -36.66 -10.81
C GLN B 3 22.02 -35.62 -11.81
N VAL B 4 21.49 -34.51 -11.30
CA VAL B 4 20.96 -33.41 -12.11
C VAL B 4 21.09 -32.07 -11.37
N ILE B 5 21.28 -32.11 -10.06
CA ILE B 5 21.45 -30.99 -9.16
C ILE B 5 22.32 -31.50 -8.00
N GLN B 6 22.92 -30.58 -7.26
CA GLN B 6 23.78 -30.81 -6.10
C GLN B 6 23.46 -29.64 -5.15
N GLU B 7 23.75 -29.78 -3.85
CA GLU B 7 23.49 -28.73 -2.86
C GLU B 7 24.59 -27.66 -2.91
N THR B 8 24.73 -27.01 -4.06
CA THR B 8 25.71 -25.96 -4.32
C THR B 8 25.25 -24.74 -3.52
N ILE B 9 25.92 -24.46 -2.40
CA ILE B 9 25.61 -23.34 -1.54
C ILE B 9 25.71 -22.02 -2.31
N VAL B 10 24.92 -21.04 -1.89
CA VAL B 10 24.86 -19.70 -2.46
C VAL B 10 24.77 -18.68 -1.31
N PRO B 11 25.23 -17.43 -1.51
CA PRO B 11 25.18 -16.43 -0.45
C PRO B 11 23.74 -15.93 -0.28
N LYS B 12 23.45 -15.25 0.83
CA LYS B 12 22.12 -14.69 1.10
C LYS B 12 22.05 -13.31 0.43
N GLU B 13 20.90 -12.65 0.46
CA GLU B 13 20.70 -11.33 -0.13
C GLU B 13 20.40 -10.34 1.02
N PRO B 14 21.41 -9.65 1.56
CA PRO B 14 21.21 -8.72 2.67
C PRO B 14 20.34 -7.51 2.29
N PRO B 15 19.78 -6.82 3.31
CA PRO B 15 18.95 -5.63 3.13
C PRO B 15 19.82 -4.39 2.88
N PRO B 16 19.25 -3.23 2.51
CA PRO B 16 20.04 -2.03 2.29
C PRO B 16 20.59 -1.53 3.64
N GLU B 17 21.75 -0.88 3.56
CA GLU B 17 22.53 -0.35 4.66
C GLU B 17 22.85 1.15 4.54
N PHE B 18 22.08 1.89 3.73
CA PHE B 18 22.21 3.33 3.47
C PHE B 18 21.29 4.18 4.36
N GLU B 19 20.72 3.61 5.41
CA GLU B 19 19.81 4.25 6.34
C GLU B 19 18.45 4.39 5.64
N PHE B 20 17.72 5.44 5.95
CA PHE B 20 16.40 5.77 5.41
C PHE B 20 16.47 7.08 4.62
N ILE B 21 15.35 7.44 3.98
CA ILE B 21 15.24 8.65 3.17
C ILE B 21 14.24 9.61 3.81
N ALA B 22 14.74 10.79 4.15
CA ALA B 22 13.99 11.88 4.73
C ALA B 22 13.45 12.62 3.50
N ASP B 23 12.13 12.76 3.43
CA ASP B 23 11.35 13.39 2.36
C ASP B 23 11.94 13.08 0.96
N PRO B 24 11.69 11.87 0.41
CA PRO B 24 12.20 11.50 -0.89
C PRO B 24 11.57 12.38 -1.99
N PRO B 25 12.25 12.54 -3.14
CA PRO B 25 11.75 13.35 -4.25
C PRO B 25 10.59 12.71 -5.02
N SER B 26 10.26 11.44 -4.75
CA SER B 26 9.18 10.68 -5.37
C SER B 26 8.72 9.58 -4.40
N ILE B 27 7.70 8.81 -4.76
CA ILE B 27 7.15 7.74 -3.94
C ILE B 27 7.08 6.43 -4.75
N SER B 28 7.26 5.30 -4.07
CA SER B 28 7.21 3.97 -4.66
C SER B 28 5.76 3.57 -4.93
N ALA B 29 5.55 2.63 -5.86
CA ALA B 29 4.22 2.15 -6.25
C ALA B 29 3.43 1.56 -5.09
N PHE B 30 4.11 0.89 -4.17
CA PHE B 30 3.49 0.29 -2.99
C PHE B 30 2.87 1.37 -2.13
N ASP B 31 3.71 2.29 -1.65
CA ASP B 31 3.34 3.40 -0.78
C ASP B 31 2.26 4.24 -1.43
N LEU B 32 2.38 4.47 -2.74
CA LEU B 32 1.43 5.24 -3.51
C LEU B 32 0.02 4.67 -3.35
N ASP B 33 -0.14 3.37 -3.56
CA ASP B 33 -1.46 2.74 -3.42
C ASP B 33 -1.90 2.70 -1.96
N VAL B 34 -0.97 2.55 -1.00
CA VAL B 34 -1.32 2.54 0.42
C VAL B 34 -1.97 3.88 0.74
N VAL B 35 -1.36 5.00 0.30
CA VAL B 35 -1.87 6.34 0.52
C VAL B 35 -3.23 6.49 -0.16
N LYS B 36 -3.36 6.09 -1.44
CA LYS B 36 -4.61 6.19 -2.19
C LYS B 36 -5.73 5.43 -1.50
N LEU B 37 -5.52 4.16 -1.18
CA LEU B 37 -6.47 3.27 -0.51
C LEU B 37 -7.01 3.99 0.73
N THR B 38 -6.13 4.40 1.65
CA THR B 38 -6.57 5.07 2.86
C THR B 38 -7.32 6.36 2.50
N ALA B 39 -6.80 7.21 1.60
CA ALA B 39 -7.42 8.47 1.20
C ALA B 39 -8.84 8.28 0.63
N GLN B 40 -9.08 7.18 -0.07
CA GLN B 40 -10.38 6.85 -0.63
C GLN B 40 -11.34 6.48 0.48
N PHE B 41 -10.94 5.53 1.34
CA PHE B 41 -11.78 5.07 2.43
C PHE B 41 -12.09 6.19 3.43
N VAL B 42 -11.17 7.10 3.71
CA VAL B 42 -11.42 8.20 4.65
C VAL B 42 -12.41 9.20 4.06
N ALA B 43 -12.50 9.31 2.74
CA ALA B 43 -13.44 10.23 2.11
C ALA B 43 -14.85 9.64 2.28
N ARG B 44 -14.98 8.32 2.07
CA ARG B 44 -16.23 7.59 2.18
C ARG B 44 -16.74 7.47 3.61
N ASN B 45 -15.89 6.96 4.49
CA ASN B 45 -16.16 6.70 5.91
C ASN B 45 -15.96 7.93 6.80
N GLY B 46 -15.33 9.00 6.30
CA GLY B 46 -15.09 10.24 7.03
C GLY B 46 -13.86 10.24 7.94
N ARG B 47 -13.65 11.39 8.59
CA ARG B 47 -12.54 11.65 9.53
C ARG B 47 -12.56 10.62 10.66
N GLN B 48 -13.72 10.07 11.05
CA GLN B 48 -13.81 9.07 12.09
C GLN B 48 -12.86 7.92 11.77
N PHE B 49 -13.05 7.29 10.61
CA PHE B 49 -12.25 6.18 10.14
C PHE B 49 -10.76 6.57 10.12
N LEU B 50 -10.46 7.81 9.70
CA LEU B 50 -9.10 8.34 9.63
C LEU B 50 -8.49 8.34 11.03
N THR B 51 -9.14 9.00 11.99
CA THR B 51 -8.64 9.09 13.35
C THR B 51 -8.49 7.69 13.94
N GLN B 52 -9.42 6.76 13.70
CA GLN B 52 -9.31 5.41 14.24
C GLN B 52 -8.00 4.78 13.78
N LEU B 53 -7.62 4.97 12.51
CA LEU B 53 -6.35 4.44 12.02
C LEU B 53 -5.18 5.11 12.73
N MET B 54 -5.18 6.44 12.80
CA MET B 54 -4.11 7.20 13.43
C MET B 54 -3.92 6.82 14.90
N GLN B 55 -5.02 6.54 15.58
CA GLN B 55 -5.03 6.17 16.99
C GLN B 55 -4.67 4.72 17.21
N LYS B 56 -5.11 3.78 16.37
CA LYS B 56 -4.77 2.37 16.57
C LYS B 56 -3.32 2.11 16.15
N GLU B 57 -2.81 2.84 15.15
CA GLU B 57 -1.44 2.74 14.62
C GLU B 57 -0.58 3.92 15.09
N GLN B 58 -0.88 4.49 16.26
CA GLN B 58 -0.16 5.62 16.83
C GLN B 58 1.35 5.40 17.00
N ARG B 59 1.85 4.15 17.02
CA ARG B 59 3.27 3.83 17.16
C ARG B 59 3.78 3.04 15.97
N ASN B 60 3.07 3.00 14.83
CA ASN B 60 3.50 2.27 13.64
C ASN B 60 3.89 3.28 12.57
N TYR B 61 5.19 3.49 12.40
CA TYR B 61 5.82 4.40 11.44
C TYR B 61 5.25 4.26 10.02
N GLN B 62 4.77 3.08 9.59
CA GLN B 62 4.24 2.93 8.23
C GLN B 62 2.95 3.75 7.99
N PHE B 63 2.30 4.25 9.05
CA PHE B 63 1.09 5.07 8.99
C PHE B 63 1.40 6.53 9.38
N ASP B 64 2.68 6.88 9.57
CA ASP B 64 3.12 8.23 9.94
C ASP B 64 2.77 9.28 8.87
N PHE B 65 2.60 8.88 7.61
CA PHE B 65 2.24 9.81 6.53
C PHE B 65 0.87 10.48 6.77
N LEU B 66 0.03 9.89 7.64
CA LEU B 66 -1.28 10.43 7.98
C LEU B 66 -1.14 11.68 8.88
N ARG B 67 0.08 12.02 9.33
CA ARG B 67 0.35 13.18 10.17
C ARG B 67 0.93 14.27 9.28
N PRO B 68 0.70 15.55 9.60
CA PRO B 68 1.19 16.69 8.81
C PRO B 68 2.71 16.80 8.74
N GLN B 69 3.43 16.00 9.51
CA GLN B 69 4.87 15.91 9.58
C GLN B 69 5.49 15.25 8.34
N HIS B 70 4.70 14.95 7.31
CA HIS B 70 5.13 14.30 6.08
C HIS B 70 4.61 15.08 4.89
N SER B 71 5.41 15.23 3.83
CA SER B 71 4.98 15.93 2.62
C SER B 71 3.86 15.12 1.95
N LEU B 72 3.88 13.79 2.15
CA LEU B 72 2.89 12.87 1.61
C LEU B 72 1.51 13.21 2.18
N PHE B 73 1.45 13.78 3.38
CA PHE B 73 0.19 14.17 4.01
C PHE B 73 -0.56 15.14 3.09
N ASN B 74 0.14 16.02 2.38
CA ASN B 74 -0.46 16.98 1.47
C ASN B 74 -1.13 16.22 0.33
N TYR B 75 -0.40 15.32 -0.33
CA TYR B 75 -0.93 14.51 -1.43
C TYR B 75 -2.15 13.74 -0.91
N PHE B 76 -2.04 13.15 0.28
CA PHE B 76 -3.09 12.39 0.93
C PHE B 76 -4.35 13.24 1.15
N THR B 77 -4.28 14.34 1.90
CA THR B 77 -5.45 15.19 2.16
C THR B 77 -6.06 15.67 0.84
N LYS B 78 -5.24 16.04 -0.16
CA LYS B 78 -5.73 16.49 -1.46
C LYS B 78 -6.55 15.38 -2.11
N LEU B 79 -6.08 14.13 -2.05
CA LEU B 79 -6.79 12.99 -2.62
C LEU B 79 -8.14 12.84 -1.90
N VAL B 80 -8.19 12.95 -0.56
CA VAL B 80 -9.45 12.82 0.17
C VAL B 80 -10.42 13.86 -0.39
N GLU B 81 -9.98 15.12 -0.53
CA GLU B 81 -10.81 16.20 -1.05
C GLU B 81 -11.27 15.93 -2.47
N GLN B 82 -10.48 15.18 -3.24
CA GLN B 82 -10.77 14.83 -4.61
C GLN B 82 -11.81 13.70 -4.70
N TYR B 83 -11.97 12.93 -3.63
CA TYR B 83 -12.89 11.80 -3.52
C TYR B 83 -14.16 12.13 -2.70
N THR B 84 -14.16 13.15 -1.84
CA THR B 84 -15.34 13.53 -1.07
C THR B 84 -16.41 14.15 -1.99
N LYS B 85 -17.63 14.32 -1.45
CA LYS B 85 -18.79 14.89 -2.12
C LYS B 85 -19.04 14.09 -3.40
N GLY A 1 0.03 -20.25 14.86
CA GLY A 1 0.49 -18.87 14.67
C GLY A 1 -0.55 -18.07 13.93
N GLU A 2 -0.58 -18.19 12.59
CA GLU A 2 -1.49 -17.50 11.67
C GLU A 2 -1.13 -16.01 11.65
N LEU A 3 -2.01 -15.18 11.07
CA LEU A 3 -1.88 -13.73 10.95
C LEU A 3 -3.30 -13.18 11.12
N ASN A 4 -4.24 -13.65 10.30
CA ASN A 4 -5.65 -13.26 10.31
C ASN A 4 -6.45 -14.52 9.99
N ALA A 5 -7.59 -14.75 10.64
CA ALA A 5 -8.44 -15.91 10.43
C ALA A 5 -9.92 -15.55 10.51
N ILE A 6 -10.31 -14.35 10.08
CA ILE A 6 -11.68 -13.89 10.09
C ILE A 6 -11.96 -13.05 8.84
N SER A 7 -13.24 -12.77 8.59
CA SER A 7 -13.71 -11.96 7.47
C SER A 7 -15.14 -11.50 7.74
N GLY A 8 -15.38 -10.88 8.91
CA GLY A 8 -16.73 -10.39 9.22
C GLY A 8 -16.85 -9.04 8.50
N PRO A 9 -18.03 -8.68 8.00
CA PRO A 9 -18.24 -7.44 7.26
C PRO A 9 -17.95 -6.23 8.13
N ASN A 10 -16.90 -5.47 7.80
CA ASN A 10 -16.52 -4.27 8.55
C ASN A 10 -15.65 -3.38 7.67
N GLU A 11 -15.54 -2.08 7.98
CA GLU A 11 -14.72 -1.16 7.19
C GLU A 11 -13.25 -1.57 7.28
N PHE A 12 -12.81 -2.03 8.45
CA PHE A 12 -11.44 -2.47 8.68
C PHE A 12 -11.17 -3.80 8.00
N ALA A 13 -12.18 -4.67 7.86
CA ALA A 13 -12.02 -5.96 7.21
C ALA A 13 -11.59 -5.71 5.77
N GLU A 14 -12.37 -4.90 5.07
CA GLU A 14 -12.13 -4.52 3.69
C GLU A 14 -10.80 -3.78 3.56
N PHE A 15 -10.52 -2.84 4.47
CA PHE A 15 -9.28 -2.06 4.47
C PHE A 15 -8.07 -2.98 4.51
N TYR A 16 -8.01 -3.88 5.50
CA TYR A 16 -6.90 -4.80 5.64
C TYR A 16 -6.84 -5.77 4.46
N ASN A 17 -7.98 -6.14 3.85
CA ASN A 17 -8.01 -7.04 2.71
C ASN A 17 -7.33 -6.36 1.53
N ARG A 18 -7.65 -5.09 1.28
CA ARG A 18 -7.05 -4.30 0.20
C ARG A 18 -5.57 -4.09 0.51
N LEU A 19 -5.21 -3.76 1.76
CA LEU A 19 -3.82 -3.57 2.16
C LEU A 19 -3.02 -4.80 1.78
N LYS A 20 -3.47 -5.97 2.24
CA LYS A 20 -2.85 -7.27 2.00
C LYS A 20 -2.57 -7.41 0.51
N GLN A 21 -3.55 -7.15 -0.35
CA GLN A 21 -3.45 -7.23 -1.80
C GLN A 21 -2.21 -6.45 -2.29
N ILE A 22 -2.08 -5.17 -1.94
CA ILE A 22 -0.93 -4.35 -2.35
C ILE A 22 0.38 -5.05 -1.95
N LYS A 23 0.44 -5.66 -0.76
CA LYS A 23 1.65 -6.35 -0.29
C LYS A 23 1.93 -7.51 -1.25
N GLU A 24 0.96 -8.39 -1.43
CA GLU A 24 1.00 -9.56 -2.31
C GLU A 24 1.35 -9.14 -3.76
N PHE A 25 1.00 -7.91 -4.17
CA PHE A 25 1.26 -7.37 -5.50
C PHE A 25 2.76 -7.35 -5.77
N HIS A 26 3.54 -6.76 -4.85
CA HIS A 26 4.99 -6.66 -4.98
C HIS A 26 5.69 -7.91 -4.45
N ARG A 27 5.07 -8.61 -3.51
CA ARG A 27 5.61 -9.82 -2.90
C ARG A 27 5.50 -11.02 -3.83
N LYS A 28 4.59 -11.03 -4.81
CA LYS A 28 4.43 -12.14 -5.74
C LYS A 28 3.98 -11.61 -7.10
N HIS A 29 4.59 -12.13 -8.17
CA HIS A 29 4.33 -11.76 -9.54
C HIS A 29 3.83 -13.01 -10.31
N PRO A 30 3.04 -12.83 -11.39
CA PRO A 30 2.52 -13.95 -12.18
C PRO A 30 3.59 -14.66 -13.02
N ASN A 31 4.80 -14.08 -13.16
CA ASN A 31 5.95 -14.60 -13.93
C ASN A 31 5.67 -14.88 -15.41
N GLU A 32 4.49 -14.54 -15.92
CA GLU A 32 4.07 -14.73 -17.30
C GLU A 32 4.90 -13.85 -18.25
N ILE A 33 4.78 -14.07 -19.55
CA ILE A 33 5.48 -13.29 -20.55
C ILE A 33 4.75 -11.94 -20.52
N CYS A 34 5.43 -10.89 -20.05
CA CYS A 34 4.86 -9.55 -19.93
C CYS A 34 5.87 -8.50 -20.42
N VAL A 35 5.47 -7.23 -20.43
CA VAL A 35 6.25 -6.06 -20.84
C VAL A 35 5.84 -4.90 -19.93
N PRO A 36 6.73 -3.91 -19.68
CA PRO A 36 6.46 -2.76 -18.82
C PRO A 36 5.59 -1.72 -19.52
N MET A 37 5.14 -0.71 -18.76
CA MET A 37 4.32 0.36 -19.33
C MET A 37 5.21 1.11 -20.32
N SER A 38 6.40 1.54 -19.89
CA SER A 38 7.35 2.25 -20.71
C SER A 38 8.09 1.23 -21.57
N GLY B 1 5.52 -33.10 -9.44
CA GLY B 1 5.61 -33.07 -7.99
C GLY B 1 6.94 -33.63 -7.46
N ALA B 2 7.92 -33.85 -8.35
CA ALA B 2 9.24 -34.38 -8.04
C ALA B 2 10.30 -33.70 -8.94
N GLN B 3 10.04 -32.47 -9.39
CA GLN B 3 10.93 -31.71 -10.26
C GLN B 3 10.81 -30.22 -9.95
N VAL B 4 11.55 -29.40 -10.70
CA VAL B 4 11.55 -27.96 -10.60
C VAL B 4 10.44 -27.47 -11.54
N ILE B 5 9.70 -26.44 -11.14
CA ILE B 5 8.63 -25.83 -11.90
C ILE B 5 8.74 -24.31 -11.71
N GLN B 6 8.23 -23.55 -12.68
CA GLN B 6 8.24 -22.08 -12.70
C GLN B 6 9.67 -21.53 -12.57
N GLU B 7 9.78 -20.21 -12.39
CA GLU B 7 11.03 -19.48 -12.22
C GLU B 7 10.77 -18.43 -11.14
N THR B 8 11.83 -17.94 -10.49
CA THR B 8 11.73 -16.92 -9.45
C THR B 8 13.02 -16.10 -9.42
N ILE B 9 12.99 -14.98 -8.69
CA ILE B 9 14.11 -14.07 -8.48
C ILE B 9 15.27 -14.84 -7.83
N VAL B 10 16.52 -14.40 -8.05
CA VAL B 10 17.69 -15.07 -7.49
C VAL B 10 17.62 -15.14 -5.96
N PRO B 11 18.28 -16.13 -5.32
CA PRO B 11 18.27 -16.26 -3.87
C PRO B 11 19.06 -15.14 -3.18
N LYS B 12 19.94 -14.46 -3.92
CA LYS B 12 20.79 -13.38 -3.44
C LYS B 12 20.01 -12.07 -3.57
N GLU B 13 19.19 -11.73 -2.57
CA GLU B 13 18.41 -10.49 -2.57
C GLU B 13 18.77 -9.62 -1.36
N PRO B 14 19.99 -9.03 -1.31
CA PRO B 14 20.42 -8.17 -0.22
C PRO B 14 19.61 -6.86 -0.20
N PRO B 15 19.67 -6.07 0.89
CA PRO B 15 18.95 -4.80 1.03
C PRO B 15 19.55 -3.67 0.19
N PRO B 16 18.83 -2.53 0.03
CA PRO B 16 19.31 -1.38 -0.72
C PRO B 16 20.39 -0.68 0.10
N GLU B 17 21.26 0.06 -0.57
CA GLU B 17 22.37 0.80 0.07
C GLU B 17 21.91 2.21 0.43
N PHE B 18 20.81 2.32 1.19
CA PHE B 18 20.26 3.58 1.62
C PHE B 18 19.74 3.44 3.05
N GLU B 19 19.49 4.58 3.69
CA GLU B 19 18.99 4.72 5.05
C GLU B 19 18.28 6.08 5.11
N PHE B 20 17.35 6.25 6.05
CA PHE B 20 16.55 7.46 6.25
C PHE B 20 15.78 7.84 4.97
N ILE B 21 15.02 8.95 5.02
CA ILE B 21 14.26 9.47 3.90
C ILE B 21 14.55 10.96 3.90
N ALA B 22 15.09 11.44 2.79
CA ALA B 22 15.46 12.83 2.57
C ALA B 22 15.01 13.16 1.16
N ASP B 23 13.88 13.87 1.07
CA ASP B 23 13.16 14.33 -0.12
C ASP B 23 13.29 13.32 -1.28
N PRO B 24 12.55 12.20 -1.20
CA PRO B 24 12.62 11.16 -2.22
C PRO B 24 12.16 11.67 -3.59
N PRO B 25 12.63 11.02 -4.68
CA PRO B 25 12.25 11.42 -6.03
C PRO B 25 10.79 11.13 -6.35
N SER B 26 10.26 10.05 -5.79
CA SER B 26 8.89 9.61 -5.98
C SER B 26 8.57 8.61 -4.87
N ILE B 27 7.39 8.02 -4.97
CA ILE B 27 6.82 7.04 -4.08
C ILE B 27 6.81 5.68 -4.80
N SER B 28 6.88 4.60 -4.03
CA SER B 28 6.85 3.25 -4.58
C SER B 28 5.41 2.99 -5.03
N ALA B 29 5.18 2.14 -6.05
CA ALA B 29 3.81 1.86 -6.47
C ALA B 29 2.99 1.21 -5.34
N PHE B 30 3.69 0.60 -4.37
CA PHE B 30 3.11 -0.04 -3.19
C PHE B 30 2.56 1.09 -2.32
N ASP B 31 3.47 1.94 -1.84
CA ASP B 31 3.27 3.07 -0.95
C ASP B 31 2.18 4.01 -1.50
N LEU B 32 2.15 4.19 -2.82
CA LEU B 32 1.18 5.01 -3.52
C LEU B 32 -0.22 4.48 -3.28
N ASP B 33 -0.44 3.19 -3.56
CA ASP B 33 -1.76 2.60 -3.38
C ASP B 33 -2.12 2.63 -1.89
N VAL B 34 -1.17 2.45 -0.96
CA VAL B 34 -1.48 2.49 0.47
C VAL B 34 -2.10 3.86 0.81
N VAL B 35 -1.52 4.94 0.30
CA VAL B 35 -2.02 6.29 0.53
C VAL B 35 -3.37 6.46 -0.17
N LYS B 36 -3.49 6.12 -1.45
CA LYS B 36 -4.75 6.24 -2.20
C LYS B 36 -5.87 5.44 -1.56
N LEU B 37 -5.64 4.17 -1.24
CA LEU B 37 -6.59 3.25 -0.59
C LEU B 37 -7.13 3.97 0.65
N THR B 38 -6.23 4.41 1.53
CA THR B 38 -6.63 5.09 2.75
C THR B 38 -7.41 6.36 2.43
N ALA B 39 -6.91 7.23 1.54
CA ALA B 39 -7.54 8.49 1.15
C ALA B 39 -8.96 8.25 0.60
N GLN B 40 -9.18 7.14 -0.10
CA GLN B 40 -10.48 6.79 -0.65
C GLN B 40 -11.40 6.41 0.50
N PHE B 41 -10.97 5.48 1.35
CA PHE B 41 -11.73 4.99 2.48
C PHE B 41 -12.11 6.11 3.46
N VAL B 42 -11.21 7.06 3.73
CA VAL B 42 -11.50 8.18 4.63
C VAL B 42 -12.53 9.11 3.99
N ALA B 43 -12.55 9.24 2.65
CA ALA B 43 -13.52 10.08 1.98
C ALA B 43 -14.86 9.37 1.89
N ARG B 44 -14.86 8.03 1.71
CA ARG B 44 -16.06 7.23 1.59
C ARG B 44 -16.77 7.16 2.93
N ASN B 45 -16.05 6.72 3.96
CA ASN B 45 -16.56 6.61 5.31
C ASN B 45 -16.64 7.99 5.93
N GLY B 46 -15.50 8.61 6.19
CA GLY B 46 -15.39 9.93 6.80
C GLY B 46 -14.17 10.00 7.70
N ARG B 47 -14.05 11.13 8.39
CA ARG B 47 -12.94 11.42 9.30
C ARG B 47 -12.83 10.44 10.47
N GLN B 48 -13.92 9.82 10.92
CA GLN B 48 -13.80 8.89 12.04
C GLN B 48 -12.90 7.73 11.66
N PHE B 49 -13.03 7.18 10.45
CA PHE B 49 -12.20 6.07 9.99
C PHE B 49 -10.73 6.49 10.05
N LEU B 50 -10.42 7.70 9.57
CA LEU B 50 -9.08 8.26 9.56
C LEU B 50 -8.58 8.34 11.01
N THR B 51 -9.40 8.90 11.90
CA THR B 51 -9.08 9.08 13.29
C THR B 51 -8.78 7.74 13.94
N GLN B 52 -9.61 6.71 13.72
CA GLN B 52 -9.39 5.40 14.28
C GLN B 52 -8.02 4.89 13.86
N LEU B 53 -7.65 5.01 12.57
CA LEU B 53 -6.35 4.58 12.06
C LEU B 53 -5.24 5.31 12.80
N MET B 54 -5.38 6.62 13.02
CA MET B 54 -4.39 7.43 13.70
C MET B 54 -4.14 6.95 15.12
N GLN B 55 -5.06 6.20 15.74
CA GLN B 55 -4.88 5.69 17.09
C GLN B 55 -4.29 4.28 17.03
N LYS B 56 -4.96 3.32 16.36
CA LYS B 56 -4.48 1.94 16.26
C LYS B 56 -3.08 1.81 15.66
N GLU B 57 -2.65 2.74 14.81
CA GLU B 57 -1.33 2.70 14.19
C GLU B 57 -0.48 3.90 14.61
N GLN B 58 -0.74 4.50 15.77
CA GLN B 58 0.04 5.65 16.26
C GLN B 58 1.51 5.33 16.54
N ARG B 59 1.88 4.04 16.50
CA ARG B 59 3.24 3.55 16.73
C ARG B 59 3.84 3.12 15.40
N ASN B 60 3.06 2.44 14.56
CA ASN B 60 3.51 1.96 13.26
C ASN B 60 3.90 3.13 12.35
N TYR B 61 5.19 3.31 12.11
CA TYR B 61 5.70 4.37 11.23
C TYR B 61 5.12 4.23 9.81
N GLN B 62 4.63 3.05 9.41
CA GLN B 62 4.05 2.85 8.08
C GLN B 62 2.73 3.62 7.91
N PHE B 63 2.18 4.22 8.98
CA PHE B 63 0.97 5.03 9.00
C PHE B 63 1.28 6.47 9.47
N ASP B 64 2.57 6.81 9.61
CA ASP B 64 3.01 8.14 10.01
C ASP B 64 2.55 9.20 9.01
N PHE B 65 2.18 8.76 7.80
CA PHE B 65 1.69 9.57 6.70
C PHE B 65 0.38 10.30 7.07
N LEU B 66 -0.39 9.76 8.02
CA LEU B 66 -1.64 10.37 8.47
C LEU B 66 -1.42 11.64 9.28
N ARG B 67 -0.18 11.90 9.74
CA ARG B 67 0.15 13.08 10.54
C ARG B 67 0.79 14.16 9.67
N PRO B 68 0.62 15.45 10.03
CA PRO B 68 1.17 16.57 9.27
C PRO B 68 2.69 16.67 9.24
N GLN B 69 3.40 15.95 10.10
CA GLN B 69 4.86 15.97 10.14
C GLN B 69 5.49 15.14 9.01
N HIS B 70 4.68 14.54 8.12
CA HIS B 70 5.11 13.72 7.00
C HIS B 70 4.98 14.52 5.70
N SER B 71 5.94 14.42 4.79
CA SER B 71 5.93 15.15 3.52
C SER B 71 4.70 14.80 2.67
N LEU B 72 4.36 13.51 2.57
CA LEU B 72 3.22 13.03 1.78
C LEU B 72 1.88 13.52 2.34
N PHE B 73 1.85 14.24 3.46
CA PHE B 73 0.61 14.72 4.06
C PHE B 73 -0.11 15.63 3.08
N ASN B 74 0.65 16.47 2.37
CA ASN B 74 0.09 17.39 1.39
C ASN B 74 -0.53 16.67 0.19
N TYR B 75 -0.10 15.42 -0.09
CA TYR B 75 -0.62 14.61 -1.19
C TYR B 75 -1.91 13.92 -0.72
N PHE B 76 -1.86 13.28 0.46
CA PHE B 76 -3.00 12.58 1.05
C PHE B 76 -4.21 13.51 1.19
N THR B 77 -4.07 14.68 1.82
CA THR B 77 -5.19 15.60 2.02
C THR B 77 -5.87 15.92 0.69
N LYS B 78 -5.11 16.38 -0.31
CA LYS B 78 -5.59 16.73 -1.64
C LYS B 78 -6.50 15.67 -2.24
N LEU B 79 -6.16 14.39 -2.04
CA LEU B 79 -6.95 13.27 -2.54
C LEU B 79 -8.28 13.14 -1.77
N VAL B 80 -8.33 13.36 -0.45
CA VAL B 80 -9.57 13.21 0.30
C VAL B 80 -10.56 14.25 -0.20
N GLU B 81 -10.14 15.51 -0.32
CA GLU B 81 -10.97 16.62 -0.77
C GLU B 81 -11.46 16.43 -2.20
N GLN B 82 -10.83 15.54 -2.97
CA GLN B 82 -11.18 15.21 -4.33
C GLN B 82 -12.20 14.08 -4.33
N TYR B 83 -11.95 13.04 -3.54
CA TYR B 83 -12.82 11.89 -3.42
C TYR B 83 -14.14 12.23 -2.73
N THR B 84 -14.18 13.15 -1.76
CA THR B 84 -15.42 13.50 -1.08
C THR B 84 -16.49 14.02 -2.04
N LYS B 85 -17.74 13.87 -1.61
CA LYS B 85 -18.95 14.27 -2.32
C LYS B 85 -20.05 14.32 -1.29
N GLY A 1 -2.87 -5.64 15.63
CA GLY A 1 -4.15 -6.24 15.23
C GLY A 1 -3.95 -7.43 14.30
N GLU A 2 -4.88 -8.37 14.40
CA GLU A 2 -4.95 -9.60 13.64
C GLU A 2 -5.54 -9.42 12.25
N LEU A 3 -5.43 -10.44 11.40
CA LEU A 3 -6.01 -10.43 10.06
C LEU A 3 -7.50 -10.66 10.23
N ASN A 4 -8.30 -10.24 9.25
CA ASN A 4 -9.75 -10.44 9.33
C ASN A 4 -10.13 -11.75 8.66
N ALA A 5 -9.50 -12.08 7.53
CA ALA A 5 -9.71 -13.28 6.70
C ALA A 5 -11.14 -13.43 6.16
N ILE A 6 -12.01 -12.45 6.38
CA ILE A 6 -13.41 -12.43 5.96
C ILE A 6 -13.71 -11.15 5.16
N SER A 7 -14.94 -11.06 4.70
CA SER A 7 -15.53 -9.96 3.94
C SER A 7 -16.82 -9.69 4.71
N GLY A 8 -17.07 -8.43 5.11
CA GLY A 8 -18.24 -8.04 5.86
C GLY A 8 -18.45 -6.53 5.76
N PRO A 9 -19.38 -5.95 6.53
CA PRO A 9 -19.66 -4.52 6.49
C PRO A 9 -18.52 -3.70 7.09
N ASN A 10 -17.77 -4.29 8.02
CA ASN A 10 -16.65 -3.71 8.74
C ASN A 10 -15.69 -3.01 7.79
N GLU A 11 -15.55 -1.70 7.95
CA GLU A 11 -14.66 -0.86 7.15
C GLU A 11 -13.25 -1.43 7.27
N PHE A 12 -12.84 -1.80 8.49
CA PHE A 12 -11.52 -2.36 8.73
C PHE A 12 -11.33 -3.70 8.02
N ALA A 13 -12.35 -4.55 7.94
CA ALA A 13 -12.24 -5.84 7.26
C ALA A 13 -11.88 -5.62 5.79
N GLU A 14 -12.66 -4.78 5.12
CA GLU A 14 -12.47 -4.41 3.72
C GLU A 14 -11.12 -3.71 3.54
N PHE A 15 -10.74 -2.85 4.48
CA PHE A 15 -9.48 -2.11 4.44
C PHE A 15 -8.30 -3.09 4.46
N TYR A 16 -8.28 -4.02 5.42
CA TYR A 16 -7.22 -5.01 5.52
C TYR A 16 -7.19 -5.95 4.32
N ASN A 17 -8.34 -6.19 3.67
CA ASN A 17 -8.44 -7.04 2.49
C ASN A 17 -7.63 -6.34 1.39
N ARG A 18 -8.00 -5.09 1.06
CA ARG A 18 -7.31 -4.32 0.02
C ARG A 18 -5.82 -4.22 0.33
N LEU A 19 -5.44 -3.95 1.59
CA LEU A 19 -4.05 -3.84 2.02
C LEU A 19 -3.25 -5.08 1.69
N LYS A 20 -3.72 -6.24 2.15
CA LYS A 20 -3.05 -7.53 1.94
C LYS A 20 -2.66 -7.65 0.47
N GLN A 21 -3.63 -7.43 -0.42
CA GLN A 21 -3.47 -7.50 -1.85
C GLN A 21 -2.32 -6.63 -2.36
N ILE A 22 -2.21 -5.36 -1.96
CA ILE A 22 -1.11 -4.50 -2.42
C ILE A 22 0.22 -5.14 -2.00
N LYS A 23 0.33 -5.57 -0.74
CA LYS A 23 1.54 -6.18 -0.23
C LYS A 23 1.90 -7.40 -1.09
N GLU A 24 0.94 -8.30 -1.27
CA GLU A 24 1.06 -9.51 -2.08
C GLU A 24 1.51 -9.18 -3.50
N PHE A 25 0.92 -8.14 -4.10
CA PHE A 25 1.23 -7.72 -5.44
C PHE A 25 2.73 -7.45 -5.62
N HIS A 26 3.35 -6.78 -4.64
CA HIS A 26 4.77 -6.47 -4.67
C HIS A 26 5.59 -7.68 -4.22
N ARG A 27 5.04 -8.50 -3.32
CA ARG A 27 5.69 -9.71 -2.81
C ARG A 27 5.83 -10.75 -3.92
N LYS A 28 4.99 -10.69 -4.95
CA LYS A 28 4.98 -11.61 -6.08
C LYS A 28 6.25 -11.41 -6.91
N HIS A 29 6.98 -12.49 -7.16
CA HIS A 29 8.22 -12.47 -7.93
C HIS A 29 7.93 -12.80 -9.42
N PRO A 30 8.75 -12.33 -10.38
CA PRO A 30 8.56 -12.57 -11.81
C PRO A 30 8.87 -14.04 -12.19
N ASN A 31 7.86 -14.77 -12.66
CA ASN A 31 7.98 -16.18 -13.06
C ASN A 31 8.08 -16.36 -14.58
N GLU A 32 7.51 -15.44 -15.37
CA GLU A 32 7.48 -15.50 -16.83
C GLU A 32 6.73 -16.77 -17.30
N ILE A 33 6.64 -17.02 -18.61
CA ILE A 33 5.98 -18.21 -19.16
C ILE A 33 6.96 -19.36 -18.90
N CYS A 34 7.81 -19.68 -19.88
CA CYS A 34 8.82 -20.74 -19.78
C CYS A 34 10.13 -20.37 -20.48
N VAL A 35 10.10 -19.38 -21.38
CA VAL A 35 11.26 -18.94 -22.15
C VAL A 35 11.36 -17.41 -22.12
N PRO A 36 12.02 -16.82 -21.10
CA PRO A 36 12.19 -15.38 -20.99
C PRO A 36 13.19 -14.90 -22.04
N MET A 37 13.19 -13.61 -22.38
CA MET A 37 14.09 -13.04 -23.39
C MET A 37 15.10 -12.07 -22.78
N SER A 38 14.90 -11.59 -21.56
CA SER A 38 15.81 -10.65 -20.90
C SER A 38 15.68 -10.74 -19.39
N GLY B 1 5.86 -37.62 -18.30
CA GLY B 1 4.60 -36.90 -18.10
C GLY B 1 3.76 -36.79 -19.38
N ALA B 2 4.32 -37.21 -20.52
CA ALA B 2 3.75 -37.22 -21.87
C ALA B 2 3.26 -35.84 -22.33
N GLN B 3 2.13 -35.35 -21.80
CA GLN B 3 1.55 -34.06 -22.13
C GLN B 3 2.22 -32.89 -21.38
N VAL B 4 3.21 -33.20 -20.52
CA VAL B 4 4.04 -32.33 -19.67
C VAL B 4 3.43 -30.91 -19.52
N ILE B 5 2.47 -30.80 -18.60
CA ILE B 5 1.76 -29.55 -18.31
C ILE B 5 2.65 -28.76 -17.34
N GLN B 6 3.82 -28.31 -17.84
CA GLN B 6 4.87 -27.55 -17.17
C GLN B 6 5.58 -28.38 -16.09
N GLU B 7 6.87 -28.10 -15.93
CA GLU B 7 7.75 -28.75 -14.99
C GLU B 7 7.50 -28.23 -13.58
N THR B 8 8.10 -28.89 -12.58
CA THR B 8 7.99 -28.53 -11.17
C THR B 8 9.25 -27.71 -10.89
N ILE B 9 9.11 -26.43 -10.54
CA ILE B 9 10.21 -25.50 -10.26
C ILE B 9 10.90 -25.19 -11.61
N VAL B 10 11.95 -24.37 -11.62
CA VAL B 10 12.69 -23.97 -12.80
C VAL B 10 14.18 -23.88 -12.46
N PRO B 11 15.09 -23.93 -13.45
CA PRO B 11 16.51 -23.82 -13.17
C PRO B 11 16.86 -22.35 -12.84
N LYS B 12 18.08 -22.15 -12.34
CA LYS B 12 18.65 -20.85 -11.97
C LYS B 12 17.77 -20.09 -10.97
N GLU B 13 17.85 -20.45 -9.70
CA GLU B 13 17.12 -19.83 -8.60
C GLU B 13 18.17 -19.37 -7.58
N PRO B 14 18.82 -18.21 -7.81
CA PRO B 14 19.84 -17.66 -6.93
C PRO B 14 19.25 -16.97 -5.68
N PRO B 15 20.07 -16.63 -4.68
CA PRO B 15 19.64 -15.96 -3.46
C PRO B 15 19.10 -14.55 -3.71
N PRO B 16 18.44 -13.91 -2.73
CA PRO B 16 17.92 -12.56 -2.88
C PRO B 16 19.08 -11.58 -2.96
N GLU B 17 19.01 -10.66 -3.92
CA GLU B 17 20.03 -9.63 -4.19
C GLU B 17 19.35 -8.26 -4.38
N PHE B 18 18.26 -8.02 -3.63
CA PHE B 18 17.45 -6.81 -3.65
C PHE B 18 17.77 -5.97 -2.41
N GLU B 19 17.74 -4.64 -2.51
CA GLU B 19 17.95 -3.75 -1.37
C GLU B 19 16.95 -2.60 -1.44
N PHE B 20 16.73 -1.97 -0.27
CA PHE B 20 15.80 -0.86 -0.12
C PHE B 20 16.46 0.46 -0.54
N ILE B 21 15.65 1.49 -0.75
CA ILE B 21 16.10 2.82 -1.17
C ILE B 21 16.06 3.75 0.05
N ALA B 22 16.89 4.80 0.02
CA ALA B 22 17.01 5.82 1.03
C ALA B 22 16.69 7.15 0.35
N ASP B 23 16.00 8.03 1.06
CA ASP B 23 15.55 9.37 0.65
C ASP B 23 15.16 9.45 -0.85
N PRO B 24 14.16 8.68 -1.31
CA PRO B 24 13.76 8.71 -2.71
C PRO B 24 13.09 10.06 -3.01
N PRO B 25 13.29 10.62 -4.20
CA PRO B 25 12.72 11.90 -4.63
C PRO B 25 11.22 11.81 -4.99
N SER B 26 10.63 10.63 -4.88
CA SER B 26 9.24 10.36 -5.19
C SER B 26 8.83 9.12 -4.38
N ILE B 27 7.54 8.97 -4.11
CA ILE B 27 7.00 7.86 -3.35
C ILE B 27 7.06 6.57 -4.18
N SER B 28 7.26 5.44 -3.51
CA SER B 28 7.33 4.13 -4.17
C SER B 28 5.92 3.67 -4.56
N ALA B 29 5.82 2.75 -5.52
CA ALA B 29 4.55 2.20 -6.02
C ALA B 29 3.68 1.63 -4.89
N PHE B 30 4.31 0.90 -3.96
CA PHE B 30 3.62 0.29 -2.84
C PHE B 30 2.98 1.38 -1.98
N ASP B 31 3.80 2.35 -1.56
CA ASP B 31 3.39 3.45 -0.70
C ASP B 31 2.31 4.29 -1.37
N LEU B 32 2.44 4.53 -2.68
CA LEU B 32 1.54 5.29 -3.51
C LEU B 32 0.13 4.73 -3.45
N ASP B 33 -0.02 3.42 -3.68
CA ASP B 33 -1.31 2.75 -3.66
C ASP B 33 -1.89 2.80 -2.25
N VAL B 34 -1.09 2.55 -1.20
CA VAL B 34 -1.55 2.57 0.18
C VAL B 34 -2.15 3.95 0.50
N VAL B 35 -1.49 5.03 0.07
CA VAL B 35 -1.93 6.40 0.27
C VAL B 35 -3.28 6.60 -0.45
N LYS B 36 -3.40 6.17 -1.70
CA LYS B 36 -4.65 6.29 -2.47
C LYS B 36 -5.77 5.49 -1.81
N LEU B 37 -5.51 4.23 -1.44
CA LEU B 37 -6.44 3.30 -0.80
C LEU B 37 -7.01 3.95 0.45
N THR B 38 -6.15 4.29 1.41
CA THR B 38 -6.59 4.91 2.67
C THR B 38 -7.40 6.17 2.39
N ALA B 39 -6.93 7.03 1.46
CA ALA B 39 -7.64 8.25 1.12
C ALA B 39 -9.04 7.96 0.54
N GLN B 40 -9.19 6.91 -0.26
CA GLN B 40 -10.47 6.52 -0.85
C GLN B 40 -11.44 6.11 0.26
N PHE B 41 -10.96 5.37 1.27
CA PHE B 41 -11.78 4.90 2.38
C PHE B 41 -12.19 6.05 3.29
N VAL B 42 -11.26 6.92 3.70
CA VAL B 42 -11.57 8.04 4.59
C VAL B 42 -12.57 9.00 3.93
N ALA B 43 -12.55 9.12 2.60
CA ALA B 43 -13.47 10.00 1.89
C ALA B 43 -14.91 9.43 1.90
N ARG B 44 -15.06 8.13 2.18
CA ARG B 44 -16.33 7.43 2.25
C ARG B 44 -16.80 7.30 3.70
N ASN B 45 -15.97 6.67 4.52
CA ASN B 45 -16.23 6.42 5.93
C ASN B 45 -16.18 7.71 6.75
N GLY B 46 -15.48 8.74 6.27
CA GLY B 46 -15.32 10.02 6.91
C GLY B 46 -14.07 10.08 7.79
N ARG B 47 -13.77 11.27 8.29
CA ARG B 47 -12.61 11.55 9.14
C ARG B 47 -12.49 10.65 10.36
N GLN B 48 -13.60 10.20 10.94
CA GLN B 48 -13.56 9.32 12.11
C GLN B 48 -12.69 8.10 11.82
N PHE B 49 -12.96 7.40 10.72
CA PHE B 49 -12.21 6.22 10.30
C PHE B 49 -10.71 6.52 10.19
N LEU B 50 -10.37 7.72 9.68
CA LEU B 50 -8.99 8.17 9.52
C LEU B 50 -8.34 8.25 10.90
N THR B 51 -8.92 9.02 11.82
CA THR B 51 -8.36 9.19 13.15
C THR B 51 -8.25 7.84 13.85
N GLN B 52 -9.25 6.96 13.71
CA GLN B 52 -9.20 5.63 14.34
C GLN B 52 -7.94 4.90 13.87
N LEU B 53 -7.65 4.93 12.56
CA LEU B 53 -6.46 4.28 12.00
C LEU B 53 -5.21 4.88 12.64
N MET B 54 -5.12 6.21 12.69
CA MET B 54 -3.98 6.91 13.25
C MET B 54 -3.74 6.56 14.73
N GLN B 55 -4.78 6.17 15.46
CA GLN B 55 -4.67 5.81 16.87
C GLN B 55 -4.25 4.34 17.02
N LYS B 56 -4.91 3.41 16.32
CA LYS B 56 -4.54 1.98 16.44
C LYS B 56 -3.10 1.77 15.91
N GLU B 57 -2.69 2.51 14.87
CA GLU B 57 -1.37 2.43 14.28
C GLU B 57 -0.48 3.61 14.71
N GLN B 58 -0.72 4.19 15.88
CA GLN B 58 0.04 5.34 16.41
C GLN B 58 1.57 5.17 16.40
N ARG B 59 2.09 3.94 16.40
CA ARG B 59 3.54 3.69 16.38
C ARG B 59 3.99 2.98 15.11
N ASN B 60 3.07 2.54 14.24
CA ASN B 60 3.46 1.88 13.01
C ASN B 60 3.85 2.92 12.00
N TYR B 61 5.15 3.09 11.76
CA TYR B 61 5.67 4.06 10.79
C TYR B 61 5.06 3.86 9.40
N GLN B 62 4.56 2.67 9.07
CA GLN B 62 3.94 2.42 7.77
C GLN B 62 2.65 3.24 7.58
N PHE B 63 2.14 3.84 8.65
CA PHE B 63 0.97 4.70 8.74
C PHE B 63 1.40 6.13 9.15
N ASP B 64 2.70 6.44 9.21
CA ASP B 64 3.17 7.79 9.57
C ASP B 64 2.81 8.81 8.52
N PHE B 65 2.56 8.40 7.27
CA PHE B 65 2.19 9.31 6.19
C PHE B 65 0.89 10.05 6.51
N LEU B 66 0.06 9.51 7.40
CA LEU B 66 -1.20 10.10 7.82
C LEU B 66 -0.96 11.22 8.81
N ARG B 67 0.18 11.27 9.52
CA ARG B 67 0.47 12.32 10.49
C ARG B 67 0.76 13.62 9.74
N PRO B 68 0.36 14.78 10.28
CA PRO B 68 0.61 16.07 9.64
C PRO B 68 2.09 16.36 9.48
N GLN B 69 2.94 15.69 10.25
CA GLN B 69 4.38 15.81 10.23
C GLN B 69 4.99 15.29 8.91
N HIS B 70 4.27 14.46 8.15
CA HIS B 70 4.74 13.89 6.89
C HIS B 70 4.45 14.81 5.71
N SER B 71 5.34 14.80 4.72
CA SER B 71 5.20 15.60 3.50
C SER B 71 3.97 15.10 2.72
N LEU B 72 3.82 13.77 2.68
CA LEU B 72 2.74 13.07 2.01
C LEU B 72 1.36 13.47 2.50
N PHE B 73 1.24 14.11 3.68
CA PHE B 73 -0.04 14.54 4.21
C PHE B 73 -0.75 15.45 3.21
N ASN B 74 -0.03 16.36 2.54
CA ASN B 74 -0.62 17.27 1.58
C ASN B 74 -1.23 16.48 0.43
N TYR B 75 -0.47 15.59 -0.21
CA TYR B 75 -0.96 14.75 -1.31
C TYR B 75 -2.17 13.94 -0.83
N PHE B 76 -2.07 13.37 0.37
CA PHE B 76 -3.12 12.58 0.96
C PHE B 76 -4.41 13.40 1.09
N THR B 77 -4.39 14.55 1.80
CA THR B 77 -5.59 15.37 1.95
C THR B 77 -6.07 15.82 0.56
N LYS B 78 -5.18 16.21 -0.34
CA LYS B 78 -5.56 16.65 -1.70
C LYS B 78 -6.38 15.56 -2.39
N LEU B 79 -6.07 14.27 -2.16
CA LEU B 79 -6.81 13.17 -2.74
C LEU B 79 -8.14 13.00 -1.99
N VAL B 80 -8.16 12.99 -0.64
CA VAL B 80 -9.41 12.86 0.12
C VAL B 80 -10.40 13.95 -0.30
N GLU B 81 -9.94 15.20 -0.31
CA GLU B 81 -10.73 16.37 -0.67
C GLU B 81 -11.23 16.29 -2.11
N GLN B 82 -10.56 15.51 -2.97
CA GLN B 82 -10.97 15.33 -4.34
C GLN B 82 -11.97 14.16 -4.44
N TYR B 83 -11.90 13.20 -3.52
CA TYR B 83 -12.77 12.04 -3.45
C TYR B 83 -14.10 12.39 -2.75
N THR B 84 -14.09 13.25 -1.73
CA THR B 84 -15.31 13.64 -1.03
C THR B 84 -16.21 14.46 -1.96
N LYS B 85 -17.47 14.64 -1.55
CA LYS B 85 -18.58 15.36 -2.14
C LYS B 85 -19.84 14.86 -1.46
N GLY A 1 -1.81 -15.70 12.33
CA GLY A 1 -1.22 -16.84 11.62
C GLY A 1 -1.99 -17.14 10.36
N GLU A 2 -2.88 -18.13 10.39
CA GLU A 2 -3.70 -18.58 9.28
C GLU A 2 -5.05 -18.90 9.93
N LEU A 3 -5.99 -17.94 9.93
CA LEU A 3 -7.30 -18.09 10.56
C LEU A 3 -8.45 -17.44 9.79
N ASN A 4 -8.66 -17.88 8.54
CA ASN A 4 -9.76 -17.39 7.70
C ASN A 4 -11.04 -17.71 8.47
N ALA A 5 -11.89 -16.70 8.67
CA ALA A 5 -13.15 -16.74 9.37
C ALA A 5 -14.13 -15.82 8.64
N ILE A 6 -15.42 -15.88 8.98
CA ILE A 6 -16.46 -15.05 8.36
C ILE A 6 -17.03 -14.12 9.42
N SER A 7 -17.52 -12.95 8.99
CA SER A 7 -18.08 -11.92 9.85
C SER A 7 -18.87 -10.95 8.95
N GLY A 8 -19.52 -9.95 9.56
CA GLY A 8 -20.29 -8.94 8.86
C GLY A 8 -19.33 -8.00 8.11
N PRO A 9 -19.83 -7.24 7.13
CA PRO A 9 -19.00 -6.29 6.39
C PRO A 9 -18.62 -5.17 7.34
N ASN A 10 -17.33 -4.81 7.36
CA ASN A 10 -16.85 -3.75 8.23
C ASN A 10 -15.78 -2.94 7.51
N GLU A 11 -15.63 -1.69 7.93
CA GLU A 11 -14.68 -0.73 7.39
C GLU A 11 -13.25 -1.25 7.46
N PHE A 12 -12.84 -1.74 8.64
CA PHE A 12 -11.49 -2.25 8.85
C PHE A 12 -11.29 -3.59 8.14
N ALA A 13 -12.27 -4.49 8.17
CA ALA A 13 -12.17 -5.79 7.51
C ALA A 13 -11.88 -5.60 6.02
N GLU A 14 -12.57 -4.64 5.42
CA GLU A 14 -12.46 -4.27 4.02
C GLU A 14 -11.13 -3.55 3.78
N PHE A 15 -10.64 -2.75 4.73
CA PHE A 15 -9.37 -2.04 4.58
C PHE A 15 -8.21 -3.04 4.52
N TYR A 16 -8.14 -3.95 5.51
CA TYR A 16 -7.09 -4.96 5.54
C TYR A 16 -7.13 -5.85 4.29
N ASN A 17 -8.32 -6.02 3.71
CA ASN A 17 -8.52 -6.81 2.50
C ASN A 17 -7.71 -6.17 1.38
N ARG A 18 -7.92 -4.87 1.12
CA ARG A 18 -7.21 -4.13 0.08
C ARG A 18 -5.72 -4.01 0.41
N LEU A 19 -5.35 -3.88 1.69
CA LEU A 19 -3.94 -3.79 2.08
C LEU A 19 -3.22 -5.09 1.69
N LYS A 20 -3.92 -6.22 1.63
CA LYS A 20 -3.37 -7.51 1.24
C LYS A 20 -3.08 -7.49 -0.25
N GLN A 21 -4.04 -7.05 -1.07
CA GLN A 21 -3.92 -6.96 -2.52
C GLN A 21 -2.65 -6.19 -2.92
N ILE A 22 -2.40 -5.02 -2.32
CA ILE A 22 -1.20 -4.23 -2.62
C ILE A 22 0.03 -5.08 -2.26
N LYS A 23 0.03 -5.68 -1.06
CA LYS A 23 1.13 -6.53 -0.60
C LYS A 23 1.46 -7.61 -1.62
N GLU A 24 0.47 -8.34 -2.10
CA GLU A 24 0.65 -9.44 -3.04
C GLU A 24 1.33 -9.00 -4.33
N PHE A 25 1.18 -7.73 -4.72
CA PHE A 25 1.83 -7.20 -5.92
C PHE A 25 3.34 -7.35 -5.74
N HIS A 26 3.87 -6.77 -4.65
CA HIS A 26 5.28 -6.79 -4.28
C HIS A 26 5.71 -8.20 -3.84
N ARG A 27 4.75 -9.08 -3.54
CA ARG A 27 4.98 -10.45 -3.12
C ARG A 27 5.10 -11.39 -4.33
N LYS A 28 4.87 -10.91 -5.56
CA LYS A 28 5.01 -11.73 -6.77
C LYS A 28 6.45 -11.57 -7.24
N HIS A 29 6.88 -10.32 -7.48
CA HIS A 29 8.23 -9.99 -7.92
C HIS A 29 8.73 -8.76 -7.13
N PRO A 30 10.06 -8.61 -6.93
CA PRO A 30 10.63 -7.48 -6.20
C PRO A 30 10.66 -6.18 -7.01
N ASN A 31 10.58 -6.28 -8.34
CA ASN A 31 10.58 -5.15 -9.27
C ASN A 31 9.28 -4.40 -9.03
N GLU A 32 9.35 -3.07 -8.84
CA GLU A 32 8.15 -2.25 -8.60
C GLU A 32 7.30 -2.13 -9.88
N ILE A 33 6.24 -1.33 -9.86
CA ILE A 33 5.38 -1.14 -11.02
C ILE A 33 6.25 -0.49 -12.11
N CYS A 34 6.16 -0.98 -13.35
CA CYS A 34 6.91 -0.50 -14.49
C CYS A 34 8.43 -0.61 -14.29
N VAL A 35 9.19 -0.09 -15.24
CA VAL A 35 10.65 -0.08 -15.24
C VAL A 35 11.12 1.24 -15.88
N PRO A 36 12.32 1.74 -15.51
CA PRO A 36 12.83 2.98 -16.09
C PRO A 36 13.32 2.75 -17.52
N MET A 37 13.67 3.83 -18.21
CA MET A 37 14.13 3.80 -19.61
C MET A 37 13.14 3.01 -20.48
N SER A 38 11.85 3.23 -20.21
CA SER A 38 10.70 2.62 -20.88
C SER A 38 10.97 1.17 -21.32
N GLY B 1 -8.55 -21.41 -15.00
CA GLY B 1 -7.25 -22.07 -15.03
C GLY B 1 -6.21 -21.30 -15.85
N ALA B 2 -6.67 -20.54 -16.86
CA ALA B 2 -5.86 -19.75 -17.79
C ALA B 2 -4.91 -20.64 -18.59
N GLN B 3 -4.12 -20.05 -19.49
CA GLN B 3 -3.18 -20.84 -20.28
C GLN B 3 -2.03 -21.35 -19.41
N VAL B 4 -1.18 -22.18 -19.99
CA VAL B 4 -0.01 -22.78 -19.38
C VAL B 4 1.12 -22.64 -20.39
N ILE B 5 2.32 -22.29 -19.92
CA ILE B 5 3.51 -22.12 -20.74
C ILE B 5 4.69 -22.65 -19.91
N GLN B 6 5.69 -23.25 -20.56
CA GLN B 6 6.87 -23.79 -19.90
C GLN B 6 8.03 -22.83 -20.16
N GLU B 7 9.02 -22.80 -19.26
CA GLU B 7 10.17 -21.92 -19.36
C GLU B 7 11.43 -22.60 -18.84
N THR B 8 12.38 -22.89 -19.73
CA THR B 8 13.65 -23.54 -19.43
C THR B 8 14.81 -22.87 -20.19
N ILE B 9 14.60 -21.66 -20.69
CA ILE B 9 15.54 -20.85 -21.45
C ILE B 9 15.61 -19.44 -20.84
N VAL B 10 15.95 -19.44 -19.57
CA VAL B 10 16.08 -18.25 -18.75
C VAL B 10 17.18 -17.30 -19.29
N PRO B 11 16.99 -15.97 -19.26
CA PRO B 11 17.97 -15.02 -19.75
C PRO B 11 19.20 -14.95 -18.82
N LYS B 12 19.03 -15.21 -17.52
CA LYS B 12 20.06 -15.24 -16.48
C LYS B 12 20.96 -14.00 -16.38
N GLU B 13 20.49 -12.86 -16.86
CA GLU B 13 21.18 -11.56 -16.86
C GLU B 13 21.32 -11.06 -15.41
N PRO B 14 22.52 -11.05 -14.81
CA PRO B 14 22.73 -10.60 -13.43
C PRO B 14 23.18 -9.12 -13.33
N PRO B 15 23.12 -8.50 -12.14
CA PRO B 15 23.60 -7.13 -11.95
C PRO B 15 25.14 -7.18 -11.99
N PRO B 16 25.85 -6.06 -12.26
CA PRO B 16 27.30 -6.06 -12.28
C PRO B 16 27.86 -6.18 -10.84
N GLU B 17 29.18 -6.11 -10.68
CA GLU B 17 29.84 -6.18 -9.37
C GLU B 17 29.82 -4.78 -8.76
N PHE B 18 28.62 -4.34 -8.42
CA PHE B 18 28.29 -3.07 -7.82
C PHE B 18 27.57 -3.32 -6.49
N GLU B 19 27.53 -2.29 -5.66
CA GLU B 19 26.86 -2.33 -4.37
C GLU B 19 25.34 -2.37 -4.57
N PHE B 20 24.61 -2.73 -3.51
CA PHE B 20 23.15 -2.78 -3.54
C PHE B 20 22.60 -1.49 -2.95
N ILE B 21 21.28 -1.29 -3.02
CA ILE B 21 20.55 -0.14 -2.50
C ILE B 21 19.39 -0.71 -1.69
N ALA B 22 19.02 -0.02 -0.61
CA ALA B 22 17.92 -0.42 0.27
C ALA B 22 17.06 0.76 0.73
N ASP B 23 17.44 1.95 0.33
CA ASP B 23 16.79 3.22 0.65
C ASP B 23 16.75 4.12 -0.60
N PRO B 24 15.99 3.72 -1.65
CA PRO B 24 15.88 4.49 -2.89
C PRO B 24 15.08 5.79 -2.67
N PRO B 25 15.25 6.80 -3.54
CA PRO B 25 14.54 8.07 -3.44
C PRO B 25 13.07 7.94 -3.87
N SER B 26 12.34 9.06 -3.75
CA SER B 26 10.93 9.17 -4.07
C SER B 26 10.11 8.27 -3.15
N ILE B 27 8.82 8.17 -3.40
CA ILE B 27 7.91 7.32 -2.65
C ILE B 27 8.04 5.91 -3.25
N SER B 28 7.82 4.86 -2.45
CA SER B 28 7.89 3.50 -3.01
C SER B 28 6.58 3.27 -3.76
N ALA B 29 6.54 2.38 -4.75
CA ALA B 29 5.30 2.11 -5.48
C ALA B 29 4.28 1.47 -4.55
N PHE B 30 4.73 0.91 -3.42
CA PHE B 30 3.89 0.29 -2.41
C PHE B 30 3.16 1.44 -1.72
N ASP B 31 3.94 2.36 -1.14
CA ASP B 31 3.45 3.52 -0.40
C ASP B 31 2.46 4.31 -1.24
N LEU B 32 2.77 4.49 -2.52
CA LEU B 32 1.98 5.23 -3.50
C LEU B 32 0.52 4.75 -3.55
N ASP B 33 0.31 3.44 -3.62
CA ASP B 33 -1.02 2.83 -3.69
C ASP B 33 -1.68 2.89 -2.30
N VAL B 34 -0.92 2.68 -1.22
CA VAL B 34 -1.47 2.73 0.14
C VAL B 34 -2.07 4.10 0.43
N VAL B 35 -1.41 5.20 0.02
CA VAL B 35 -1.94 6.54 0.25
C VAL B 35 -3.29 6.68 -0.46
N LYS B 36 -3.43 6.16 -1.69
CA LYS B 36 -4.67 6.22 -2.45
C LYS B 36 -5.75 5.39 -1.78
N LEU B 37 -5.41 4.17 -1.37
CA LEU B 37 -6.29 3.21 -0.70
C LEU B 37 -6.88 3.90 0.52
N THR B 38 -6.03 4.27 1.48
CA THR B 38 -6.44 4.92 2.72
C THR B 38 -7.25 6.17 2.44
N ALA B 39 -6.83 7.02 1.49
CA ALA B 39 -7.57 8.23 1.16
C ALA B 39 -8.98 7.91 0.63
N GLN B 40 -9.18 6.81 -0.11
CA GLN B 40 -10.51 6.45 -0.60
C GLN B 40 -11.39 6.04 0.59
N PHE B 41 -10.88 5.16 1.46
CA PHE B 41 -11.63 4.70 2.61
C PHE B 41 -12.06 5.86 3.52
N VAL B 42 -11.15 6.76 3.90
CA VAL B 42 -11.49 7.89 4.76
C VAL B 42 -12.53 8.79 4.08
N ALA B 43 -12.47 8.93 2.74
CA ALA B 43 -13.41 9.76 1.99
C ALA B 43 -14.80 9.13 1.90
N ARG B 44 -14.93 7.84 2.19
CA ARG B 44 -16.18 7.09 2.16
C ARG B 44 -16.74 6.89 3.57
N ASN B 45 -15.90 6.42 4.49
CA ASN B 45 -16.22 6.14 5.88
C ASN B 45 -16.32 7.41 6.74
N GLY B 46 -15.71 8.50 6.27
CA GLY B 46 -15.67 9.80 6.92
C GLY B 46 -14.38 9.94 7.73
N ARG B 47 -14.09 11.18 8.15
CA ARG B 47 -12.90 11.49 8.94
C ARG B 47 -12.81 10.68 10.22
N GLN B 48 -13.93 10.24 10.80
CA GLN B 48 -13.88 9.47 12.02
C GLN B 48 -12.98 8.24 11.85
N PHE B 49 -13.17 7.49 10.76
CA PHE B 49 -12.39 6.31 10.43
C PHE B 49 -10.90 6.67 10.34
N LEU B 50 -10.59 7.86 9.80
CA LEU B 50 -9.24 8.36 9.67
C LEU B 50 -8.64 8.46 11.07
N THR B 51 -9.33 9.15 11.99
CA THR B 51 -8.85 9.29 13.36
C THR B 51 -8.61 7.91 13.98
N GLN B 52 -9.52 6.95 13.80
CA GLN B 52 -9.35 5.62 14.36
C GLN B 52 -8.00 5.03 13.94
N LEU B 53 -7.66 5.09 12.65
CA LEU B 53 -6.38 4.58 12.14
C LEU B 53 -5.22 5.26 12.85
N MET B 54 -5.27 6.59 12.96
CA MET B 54 -4.23 7.37 13.60
C MET B 54 -4.01 6.99 15.06
N GLN B 55 -4.97 6.31 15.70
CA GLN B 55 -4.83 5.88 17.09
C GLN B 55 -4.26 4.47 17.17
N LYS B 56 -4.75 3.52 16.36
CA LYS B 56 -4.21 2.16 16.40
C LYS B 56 -2.78 2.08 15.89
N GLU B 57 -2.45 2.91 14.89
CA GLU B 57 -1.13 2.95 14.27
C GLU B 57 -0.32 4.18 14.71
N GLN B 58 -0.67 4.79 15.86
CA GLN B 58 -0.05 5.99 16.43
C GLN B 58 1.50 6.01 16.57
N ARG B 59 2.22 4.90 16.38
CA ARG B 59 3.68 4.85 16.47
C ARG B 59 4.30 4.10 15.29
N ASN B 60 3.52 3.76 14.26
CA ASN B 60 3.98 3.03 13.10
C ASN B 60 4.30 3.99 11.95
N TYR B 61 5.56 4.02 11.49
CA TYR B 61 6.02 4.90 10.42
C TYR B 61 5.16 4.80 9.15
N GLN B 62 4.66 3.61 8.81
CA GLN B 62 3.87 3.41 7.60
C GLN B 62 2.55 4.19 7.64
N PHE B 63 2.02 4.47 8.84
CA PHE B 63 0.79 5.21 9.02
C PHE B 63 1.08 6.65 9.49
N ASP B 64 2.34 7.11 9.41
CA ASP B 64 2.68 8.46 9.83
C ASP B 64 2.37 9.50 8.75
N PHE B 65 2.08 9.07 7.50
CA PHE B 65 1.75 10.02 6.44
C PHE B 65 0.41 10.71 6.73
N LEU B 66 -0.43 10.11 7.58
CA LEU B 66 -1.71 10.67 7.98
C LEU B 66 -1.45 11.90 8.88
N ARG B 67 -0.27 12.04 9.48
CA ARG B 67 0.10 13.16 10.34
C ARG B 67 0.63 14.28 9.45
N PRO B 68 0.44 15.55 9.85
CA PRO B 68 0.87 16.72 9.06
C PRO B 68 2.37 16.85 8.80
N GLN B 69 3.23 16.20 9.60
CA GLN B 69 4.67 16.28 9.43
C GLN B 69 5.17 15.65 8.13
N HIS B 70 4.48 14.63 7.61
CA HIS B 70 4.93 13.94 6.41
C HIS B 70 4.69 14.80 5.18
N SER B 71 5.64 14.82 4.23
CA SER B 71 5.49 15.58 2.99
C SER B 71 4.32 15.02 2.17
N LEU B 72 4.00 13.74 2.35
CA LEU B 72 2.90 13.08 1.65
C LEU B 72 1.53 13.52 2.19
N PHE B 73 1.46 14.20 3.35
CA PHE B 73 0.21 14.66 3.93
C PHE B 73 -0.54 15.55 2.93
N ASN B 74 0.18 16.40 2.19
CA ASN B 74 -0.40 17.28 1.17
C ASN B 74 -1.13 16.42 0.13
N TYR B 75 -0.39 15.49 -0.48
CA TYR B 75 -0.88 14.58 -1.50
C TYR B 75 -2.12 13.85 -0.96
N PHE B 76 -2.01 13.26 0.23
CA PHE B 76 -3.07 12.52 0.90
C PHE B 76 -4.33 13.38 1.09
N THR B 77 -4.24 14.52 1.78
CA THR B 77 -5.41 15.36 2.04
C THR B 77 -6.09 15.73 0.73
N LYS B 78 -5.31 16.16 -0.27
CA LYS B 78 -5.86 16.55 -1.56
C LYS B 78 -6.64 15.40 -2.18
N LEU B 79 -6.18 14.15 -2.02
CA LEU B 79 -6.90 13.00 -2.55
C LEU B 79 -8.24 12.81 -1.82
N VAL B 80 -8.27 12.93 -0.49
CA VAL B 80 -9.51 12.75 0.27
C VAL B 80 -10.52 13.78 -0.22
N GLU B 81 -10.10 15.04 -0.25
CA GLU B 81 -10.92 16.17 -0.66
C GLU B 81 -11.45 16.00 -2.10
N GLN B 82 -10.69 15.34 -2.98
CA GLN B 82 -11.07 15.09 -4.36
C GLN B 82 -12.07 13.91 -4.43
N TYR B 83 -11.92 12.94 -3.54
CA TYR B 83 -12.78 11.76 -3.46
C TYR B 83 -14.10 12.08 -2.75
N THR B 84 -14.13 12.99 -1.77
CA THR B 84 -15.35 13.36 -1.04
C THR B 84 -16.36 14.00 -1.98
N LYS B 85 -17.63 13.91 -1.59
CA LYS B 85 -18.80 14.46 -2.26
C LYS B 85 -19.95 14.37 -1.28
N GLY A 1 -5.49 -6.70 13.59
CA GLY A 1 -6.93 -6.92 13.66
C GLY A 1 -7.28 -8.04 14.62
N GLU A 2 -7.97 -7.71 15.72
CA GLU A 2 -8.40 -8.67 16.74
C GLU A 2 -9.85 -8.44 17.20
N LEU A 3 -10.48 -7.33 16.82
CA LEU A 3 -11.84 -7.00 17.23
C LEU A 3 -12.66 -6.53 16.03
N ASN A 4 -13.34 -7.47 15.38
CA ASN A 4 -14.24 -7.28 14.24
C ASN A 4 -15.48 -8.13 14.56
N ALA A 5 -16.61 -7.86 13.91
CA ALA A 5 -17.85 -8.61 14.14
C ALA A 5 -18.70 -8.59 12.88
N ILE A 6 -19.40 -9.70 12.63
CA ILE A 6 -20.28 -9.88 11.49
C ILE A 6 -21.49 -8.93 11.57
N SER A 7 -22.16 -8.72 10.43
CA SER A 7 -23.32 -7.87 10.20
C SER A 7 -22.98 -6.38 10.06
N GLY A 8 -21.70 -6.00 10.07
CA GLY A 8 -21.26 -4.62 9.92
C GLY A 8 -20.65 -4.41 8.54
N PRO A 9 -20.37 -3.16 8.13
CA PRO A 9 -19.76 -2.87 6.83
C PRO A 9 -18.32 -3.40 6.75
N ASN A 10 -17.76 -3.84 7.87
CA ASN A 10 -16.42 -4.42 8.07
C ASN A 10 -15.37 -3.67 7.27
N GLU A 11 -15.37 -2.36 7.43
CA GLU A 11 -14.45 -1.45 6.76
C GLU A 11 -13.02 -1.78 7.16
N PHE A 12 -12.78 -2.15 8.42
CA PHE A 12 -11.43 -2.50 8.86
C PHE A 12 -10.99 -3.78 8.16
N ALA A 13 -11.86 -4.79 8.11
CA ALA A 13 -11.57 -6.06 7.46
C ALA A 13 -11.18 -5.81 6.02
N GLU A 14 -12.05 -5.11 5.28
CA GLU A 14 -11.81 -4.80 3.88
C GLU A 14 -10.53 -3.98 3.76
N PHE A 15 -10.30 -2.97 4.59
CA PHE A 15 -9.11 -2.16 4.49
C PHE A 15 -7.85 -3.04 4.60
N TYR A 16 -7.79 -3.91 5.61
CA TYR A 16 -6.64 -4.79 5.78
C TYR A 16 -6.57 -5.83 4.64
N ASN A 17 -7.71 -6.29 4.09
CA ASN A 17 -7.78 -7.24 3.00
C ASN A 17 -7.19 -6.56 1.75
N ARG A 18 -7.57 -5.29 1.49
CA ARG A 18 -7.12 -4.48 0.37
C ARG A 18 -5.63 -4.22 0.55
N LEU A 19 -5.18 -3.91 1.77
CA LEU A 19 -3.77 -3.68 2.05
C LEU A 19 -2.99 -4.93 1.67
N LYS A 20 -3.46 -6.11 2.10
CA LYS A 20 -2.81 -7.38 1.79
C LYS A 20 -2.61 -7.46 0.28
N GLN A 21 -3.65 -7.20 -0.53
CA GLN A 21 -3.54 -7.24 -1.98
C GLN A 21 -2.36 -6.40 -2.47
N ILE A 22 -2.13 -5.19 -1.94
CA ILE A 22 -1.01 -4.34 -2.36
C ILE A 22 0.33 -5.00 -1.99
N LYS A 23 0.45 -5.50 -0.76
CA LYS A 23 1.67 -6.14 -0.29
C LYS A 23 2.04 -7.34 -1.16
N GLU A 24 1.07 -8.23 -1.36
CA GLU A 24 1.14 -9.47 -2.14
C GLU A 24 1.43 -9.21 -3.61
N PHE A 25 0.80 -8.18 -4.17
CA PHE A 25 0.97 -7.76 -5.56
C PHE A 25 2.46 -7.59 -5.82
N HIS A 26 3.10 -6.72 -5.04
CA HIS A 26 4.53 -6.48 -5.19
C HIS A 26 5.35 -7.70 -4.70
N ARG A 27 4.75 -8.63 -3.93
CA ARG A 27 5.44 -9.82 -3.47
C ARG A 27 5.65 -10.82 -4.61
N LYS A 28 4.89 -10.75 -5.70
CA LYS A 28 5.02 -11.66 -6.84
C LYS A 28 4.79 -10.87 -8.11
N HIS A 29 5.88 -10.54 -8.79
CA HIS A 29 5.83 -9.78 -10.03
C HIS A 29 5.35 -10.71 -11.14
N PRO A 30 4.62 -10.21 -12.16
CA PRO A 30 4.13 -11.03 -13.26
C PRO A 30 5.26 -11.63 -14.10
N ASN A 31 4.89 -12.52 -15.01
CA ASN A 31 5.83 -13.20 -15.89
C ASN A 31 6.49 -12.23 -16.86
N GLU A 32 7.65 -12.62 -17.40
CA GLU A 32 8.44 -11.85 -18.36
C GLU A 32 8.59 -10.40 -17.90
N ILE A 33 8.71 -9.44 -18.83
CA ILE A 33 8.84 -8.01 -18.56
C ILE A 33 8.04 -7.32 -19.68
N CYS A 34 6.71 -7.21 -19.49
CA CYS A 34 5.74 -6.58 -20.37
C CYS A 34 6.11 -6.68 -21.85
N VAL A 35 6.27 -7.89 -22.38
CA VAL A 35 6.64 -8.05 -23.78
C VAL A 35 5.44 -7.70 -24.68
N PRO A 36 5.47 -6.64 -25.49
CA PRO A 36 4.35 -6.25 -26.36
C PRO A 36 4.48 -7.03 -27.66
N MET A 37 4.22 -8.33 -27.61
CA MET A 37 4.31 -9.25 -28.74
C MET A 37 5.72 -9.18 -29.37
N SER A 38 6.73 -8.76 -28.60
CA SER A 38 8.13 -8.62 -28.97
C SER A 38 8.31 -8.06 -30.38
N GLY B 1 1.87 -39.50 -20.63
CA GLY B 1 1.49 -38.28 -21.33
C GLY B 1 0.45 -37.45 -20.59
N ALA B 2 0.07 -37.85 -19.37
CA ALA B 2 -0.90 -37.19 -18.53
C ALA B 2 -0.32 -37.17 -17.11
N GLN B 3 0.03 -35.98 -16.62
CA GLN B 3 0.59 -35.77 -15.29
C GLN B 3 0.53 -34.28 -14.96
N VAL B 4 1.07 -33.88 -13.81
CA VAL B 4 1.10 -32.50 -13.33
C VAL B 4 2.52 -32.04 -12.93
N ILE B 5 3.54 -32.88 -13.11
CA ILE B 5 4.93 -32.60 -12.78
C ILE B 5 5.57 -31.66 -13.83
N GLN B 6 6.58 -30.89 -13.42
CA GLN B 6 7.34 -29.96 -14.25
C GLN B 6 8.78 -29.79 -13.73
N GLU B 7 8.97 -29.85 -12.41
CA GLU B 7 10.24 -29.70 -11.69
C GLU B 7 11.00 -28.41 -12.08
N THR B 8 10.27 -27.34 -12.33
CA THR B 8 10.82 -26.03 -12.68
C THR B 8 11.20 -25.34 -11.35
N ILE B 9 12.11 -25.98 -10.62
CA ILE B 9 12.66 -25.58 -9.35
C ILE B 9 13.63 -24.40 -9.55
N VAL B 10 14.01 -23.75 -8.45
CA VAL B 10 14.94 -22.61 -8.41
C VAL B 10 15.79 -22.75 -7.14
N PRO B 11 17.04 -22.23 -7.09
CA PRO B 11 17.86 -22.32 -5.89
C PRO B 11 17.28 -21.45 -4.77
N LYS B 12 17.74 -21.63 -3.53
CA LYS B 12 17.28 -20.89 -2.37
C LYS B 12 18.37 -19.90 -1.97
N GLU B 13 18.44 -18.77 -2.68
CA GLU B 13 19.42 -17.71 -2.46
C GLU B 13 18.85 -16.60 -1.56
N PRO B 14 19.69 -15.75 -0.94
CA PRO B 14 19.25 -14.67 -0.07
C PRO B 14 18.70 -13.47 -0.87
N PRO B 15 18.03 -12.51 -0.20
CA PRO B 15 17.49 -11.31 -0.84
C PRO B 15 18.61 -10.29 -1.13
N PRO B 16 18.32 -9.23 -1.92
CA PRO B 16 19.31 -8.20 -2.24
C PRO B 16 19.67 -7.37 -1.00
N GLU B 17 20.70 -6.54 -1.14
CA GLU B 17 21.28 -5.67 -0.11
C GLU B 17 21.20 -4.18 -0.50
N PHE B 18 20.28 -3.84 -1.40
CA PHE B 18 20.07 -2.50 -1.92
C PHE B 18 20.00 -1.40 -0.86
N GLU B 19 20.42 -0.20 -1.24
CA GLU B 19 20.42 0.97 -0.39
C GLU B 19 19.02 1.62 -0.41
N PHE B 20 18.89 2.69 0.38
CA PHE B 20 17.69 3.49 0.57
C PHE B 20 18.05 4.97 0.58
N ILE B 21 17.04 5.83 0.54
CA ILE B 21 17.15 7.27 0.55
C ILE B 21 16.24 7.77 1.67
N ALA B 22 16.68 8.82 2.36
CA ALA B 22 15.95 9.46 3.43
C ALA B 22 14.94 10.37 2.72
N ASP B 23 13.67 9.98 2.67
CA ASP B 23 12.59 10.73 2.02
C ASP B 23 12.93 11.06 0.55
N PRO B 24 12.91 10.06 -0.35
CA PRO B 24 13.20 10.32 -1.76
C PRO B 24 12.05 11.12 -2.39
N PRO B 25 12.30 11.81 -3.52
CA PRO B 25 11.29 12.62 -4.21
C PRO B 25 10.19 11.82 -4.94
N SER B 26 10.25 10.50 -4.91
CA SER B 26 9.27 9.63 -5.55
C SER B 26 8.97 8.45 -4.62
N ILE B 27 7.69 8.29 -4.34
CA ILE B 27 7.07 7.28 -3.48
C ILE B 27 7.12 5.92 -4.18
N SER B 28 7.07 4.83 -3.43
CA SER B 28 7.07 3.50 -4.04
C SER B 28 5.66 3.23 -4.57
N ALA B 29 5.50 2.25 -5.46
CA ALA B 29 4.17 1.92 -5.99
C ALA B 29 3.29 1.37 -4.85
N PHE B 30 3.94 0.73 -3.88
CA PHE B 30 3.31 0.14 -2.71
C PHE B 30 2.73 1.29 -1.88
N ASP B 31 3.57 2.20 -1.38
CA ASP B 31 3.16 3.34 -0.56
C ASP B 31 2.10 4.16 -1.28
N LEU B 32 2.27 4.37 -2.59
CA LEU B 32 1.35 5.13 -3.42
C LEU B 32 -0.06 4.56 -3.34
N ASP B 33 -0.19 3.26 -3.54
CA ASP B 33 -1.49 2.63 -3.48
C ASP B 33 -2.02 2.62 -2.07
N VAL B 34 -1.17 2.51 -1.04
CA VAL B 34 -1.60 2.52 0.36
C VAL B 34 -2.25 3.90 0.60
N VAL B 35 -1.59 4.97 0.19
CA VAL B 35 -2.05 6.34 0.32
C VAL B 35 -3.39 6.50 -0.41
N LYS B 36 -3.49 6.10 -1.68
CA LYS B 36 -4.73 6.22 -2.45
C LYS B 36 -5.87 5.40 -1.86
N LEU B 37 -5.62 4.15 -1.46
CA LEU B 37 -6.60 3.25 -0.88
C LEU B 37 -7.15 3.92 0.39
N THR B 38 -6.25 4.31 1.29
CA THR B 38 -6.62 4.95 2.54
C THR B 38 -7.43 6.22 2.28
N ALA B 39 -6.98 7.07 1.35
CA ALA B 39 -7.65 8.32 1.00
C ALA B 39 -9.08 8.05 0.50
N GLN B 40 -9.32 6.94 -0.20
CA GLN B 40 -10.65 6.60 -0.67
C GLN B 40 -11.54 6.23 0.51
N PHE B 41 -11.10 5.33 1.40
CA PHE B 41 -11.88 4.91 2.56
C PHE B 41 -12.25 6.10 3.46
N VAL B 42 -11.29 6.98 3.78
CA VAL B 42 -11.54 8.14 4.63
C VAL B 42 -12.50 9.14 3.95
N ALA B 43 -12.40 9.35 2.63
CA ALA B 43 -13.27 10.28 1.92
C ALA B 43 -14.71 9.79 1.79
N ARG B 44 -14.92 8.48 1.96
CA ARG B 44 -16.22 7.84 1.85
C ARG B 44 -16.88 7.76 3.22
N ASN B 45 -16.22 7.07 4.14
CA ASN B 45 -16.71 6.86 5.51
C ASN B 45 -16.68 8.15 6.30
N GLY B 46 -15.59 8.92 6.19
CA GLY B 46 -15.39 10.20 6.84
C GLY B 46 -14.15 10.24 7.74
N ARG B 47 -13.85 11.45 8.23
CA ARG B 47 -12.71 11.73 9.10
C ARG B 47 -12.69 10.84 10.32
N GLN B 48 -13.85 10.52 10.88
CA GLN B 48 -13.94 9.67 12.07
C GLN B 48 -13.07 8.42 11.90
N PHE B 49 -13.20 7.74 10.75
CA PHE B 49 -12.44 6.55 10.42
C PHE B 49 -10.94 6.88 10.37
N LEU B 50 -10.55 7.99 9.73
CA LEU B 50 -9.14 8.39 9.64
C LEU B 50 -8.55 8.38 11.05
N THR B 51 -9.23 9.03 12.00
CA THR B 51 -8.79 9.11 13.37
C THR B 51 -8.64 7.74 14.02
N GLN B 52 -9.61 6.82 13.86
CA GLN B 52 -9.48 5.50 14.49
C GLN B 52 -8.21 4.80 14.01
N LEU B 53 -7.85 4.91 12.72
CA LEU B 53 -6.63 4.33 12.20
C LEU B 53 -5.43 4.97 12.88
N MET B 54 -5.38 6.30 12.98
CA MET B 54 -4.26 7.00 13.61
C MET B 54 -4.03 6.54 15.04
N GLN B 55 -5.04 5.98 15.71
CA GLN B 55 -4.95 5.49 17.07
C GLN B 55 -4.51 4.03 17.07
N LYS B 56 -5.15 3.13 16.32
CA LYS B 56 -4.73 1.72 16.31
C LYS B 56 -3.37 1.51 15.62
N GLU B 57 -2.89 2.49 14.86
CA GLU B 57 -1.60 2.48 14.15
C GLU B 57 -0.69 3.58 14.71
N GLN B 58 -0.96 4.14 15.91
CA GLN B 58 -0.17 5.21 16.54
C GLN B 58 1.32 4.94 16.73
N ARG B 59 1.80 3.72 16.53
CA ARG B 59 3.22 3.33 16.63
C ARG B 59 3.66 2.59 15.37
N ASN B 60 2.80 2.43 14.38
CA ASN B 60 3.15 1.76 13.14
C ASN B 60 3.61 2.82 12.16
N TYR B 61 4.92 2.94 11.97
CA TYR B 61 5.51 3.92 11.06
C TYR B 61 4.95 3.79 9.64
N GLN B 62 4.41 2.64 9.24
CA GLN B 62 3.86 2.48 7.88
C GLN B 62 2.72 3.49 7.65
N PHE B 63 2.04 3.94 8.71
CA PHE B 63 0.93 4.89 8.67
C PHE B 63 1.36 6.30 9.10
N ASP B 64 2.66 6.60 9.15
CA ASP B 64 3.13 7.93 9.54
C ASP B 64 2.70 8.99 8.52
N PHE B 65 2.36 8.61 7.27
CA PHE B 65 1.91 9.52 6.23
C PHE B 65 0.59 10.20 6.64
N LEU B 66 -0.14 9.63 7.62
CA LEU B 66 -1.39 10.17 8.14
C LEU B 66 -1.13 11.38 9.04
N ARG B 67 0.11 11.60 9.49
CA ARG B 67 0.47 12.71 10.36
C ARG B 67 1.10 13.83 9.53
N PRO B 68 0.95 15.10 9.94
CA PRO B 68 1.50 16.23 9.22
C PRO B 68 3.04 16.22 9.16
N GLN B 69 3.68 15.37 9.96
CA GLN B 69 5.13 15.22 9.98
C GLN B 69 5.68 14.76 8.63
N HIS B 70 4.85 14.15 7.78
CA HIS B 70 5.25 13.63 6.49
C HIS B 70 4.82 14.57 5.36
N SER B 71 5.70 14.75 4.37
CA SER B 71 5.43 15.57 3.19
C SER B 71 4.18 15.06 2.46
N LEU B 72 4.01 13.73 2.42
CA LEU B 72 2.92 13.00 1.79
C LEU B 72 1.53 13.39 2.31
N PHE B 73 1.44 13.94 3.53
CA PHE B 73 0.17 14.37 4.11
C PHE B 73 -0.55 15.31 3.16
N ASN B 74 0.21 16.20 2.48
CA ASN B 74 -0.35 17.16 1.53
C ASN B 74 -1.03 16.42 0.38
N TYR B 75 -0.29 15.60 -0.35
CA TYR B 75 -0.82 14.81 -1.47
C TYR B 75 -2.04 13.99 -1.03
N PHE B 76 -1.95 13.35 0.15
CA PHE B 76 -3.01 12.54 0.73
C PHE B 76 -4.27 13.38 0.97
N THR B 77 -4.19 14.48 1.75
CA THR B 77 -5.37 15.29 2.02
C THR B 77 -5.97 15.81 0.72
N LYS B 78 -5.16 16.23 -0.23
CA LYS B 78 -5.65 16.73 -1.52
C LYS B 78 -6.45 15.65 -2.24
N LEU B 79 -6.06 14.38 -2.12
CA LEU B 79 -6.78 13.26 -2.74
C LEU B 79 -8.10 13.09 -1.99
N VAL B 80 -8.12 13.09 -0.65
CA VAL B 80 -9.35 12.95 0.14
C VAL B 80 -10.32 14.03 -0.32
N GLU B 81 -9.87 15.29 -0.36
CA GLU B 81 -10.63 16.46 -0.76
C GLU B 81 -11.20 16.31 -2.17
N GLN B 82 -10.48 15.64 -3.06
CA GLN B 82 -10.90 15.42 -4.43
C GLN B 82 -11.98 14.32 -4.49
N TYR B 83 -11.84 13.29 -3.66
CA TYR B 83 -12.75 12.16 -3.58
C TYR B 83 -14.04 12.55 -2.84
N THR B 84 -13.98 13.39 -1.80
CA THR B 84 -15.15 13.81 -1.03
C THR B 84 -16.20 14.49 -1.90
N LYS B 85 -17.46 14.36 -1.49
CA LYS B 85 -18.61 14.96 -2.15
C LYS B 85 -19.61 15.29 -1.06
N GLY A 1 -6.41 -24.87 7.64
CA GLY A 1 -6.78 -23.45 7.71
C GLY A 1 -7.22 -23.12 9.12
N GLU A 2 -8.53 -23.17 9.37
CA GLU A 2 -9.24 -22.93 10.62
C GLU A 2 -9.08 -21.50 11.16
N LEU A 3 -9.91 -21.16 12.15
CA LEU A 3 -9.99 -19.86 12.83
C LEU A 3 -10.34 -18.73 11.86
N ASN A 4 -10.84 -19.11 10.68
CA ASN A 4 -11.28 -18.27 9.58
C ASN A 4 -12.73 -17.85 9.84
N ALA A 5 -13.18 -16.76 9.23
CA ALA A 5 -14.52 -16.25 9.34
C ALA A 5 -14.86 -15.63 8.00
N ILE A 6 -16.11 -15.77 7.59
CA ILE A 6 -16.59 -15.21 6.34
C ILE A 6 -16.49 -13.69 6.41
N SER A 7 -16.38 -13.06 5.24
CA SER A 7 -16.27 -11.62 5.09
C SER A 7 -17.56 -10.93 5.59
N GLY A 8 -17.58 -9.61 5.63
CA GLY A 8 -18.76 -8.88 6.08
C GLY A 8 -18.65 -7.41 5.75
N PRO A 9 -19.77 -6.65 5.83
CA PRO A 9 -19.81 -5.23 5.55
C PRO A 9 -19.12 -4.50 6.70
N ASN A 10 -17.81 -4.32 6.60
CA ASN A 10 -16.99 -3.67 7.60
C ASN A 10 -15.86 -2.94 6.93
N GLU A 11 -15.79 -1.64 7.19
CA GLU A 11 -14.76 -0.76 6.66
C GLU A 11 -13.35 -1.26 6.99
N PHE A 12 -13.05 -1.57 8.26
CA PHE A 12 -11.73 -2.05 8.63
C PHE A 12 -11.43 -3.43 8.03
N ALA A 13 -12.42 -4.31 7.92
CA ALA A 13 -12.23 -5.63 7.36
C ALA A 13 -11.78 -5.52 5.91
N GLU A 14 -12.56 -4.80 5.12
CA GLU A 14 -12.28 -4.63 3.70
C GLU A 14 -11.02 -3.80 3.48
N PHE A 15 -10.72 -2.83 4.36
CA PHE A 15 -9.52 -2.01 4.24
C PHE A 15 -8.30 -2.93 4.28
N TYR A 16 -8.23 -3.83 5.26
CA TYR A 16 -7.11 -4.75 5.36
C TYR A 16 -7.09 -5.72 4.20
N ASN A 17 -8.25 -6.16 3.70
CA ASN A 17 -8.32 -7.06 2.57
C ASN A 17 -7.66 -6.38 1.36
N ARG A 18 -8.00 -5.10 1.11
CA ARG A 18 -7.46 -4.30 0.03
C ARG A 18 -5.96 -4.13 0.24
N LEU A 19 -5.52 -3.78 1.46
CA LEU A 19 -4.10 -3.60 1.79
C LEU A 19 -3.32 -4.83 1.37
N LYS A 20 -3.74 -6.01 1.85
CA LYS A 20 -3.12 -7.30 1.55
C LYS A 20 -2.92 -7.47 0.04
N GLN A 21 -3.97 -7.18 -0.75
CA GLN A 21 -3.95 -7.30 -2.19
C GLN A 21 -2.71 -6.61 -2.77
N ILE A 22 -2.51 -5.34 -2.43
CA ILE A 22 -1.39 -4.54 -2.89
C ILE A 22 -0.06 -5.11 -2.34
N LYS A 23 -0.01 -5.54 -1.06
CA LYS A 23 1.22 -6.10 -0.47
C LYS A 23 1.75 -7.24 -1.33
N GLU A 24 0.95 -8.28 -1.50
CA GLU A 24 1.25 -9.48 -2.26
C GLU A 24 1.61 -9.11 -3.70
N PHE A 25 0.97 -8.07 -4.27
CA PHE A 25 1.25 -7.62 -5.64
C PHE A 25 2.75 -7.31 -5.78
N HIS A 26 3.28 -6.50 -4.85
CA HIS A 26 4.69 -6.13 -4.85
C HIS A 26 5.57 -7.21 -4.26
N ARG A 27 5.04 -8.08 -3.39
CA ARG A 27 5.81 -9.17 -2.80
C ARG A 27 6.19 -10.17 -3.88
N LYS A 28 5.23 -10.50 -4.75
CA LYS A 28 5.36 -11.43 -5.86
C LYS A 28 6.19 -10.76 -6.94
N HIS A 29 7.43 -11.21 -7.15
CA HIS A 29 8.34 -10.67 -8.16
C HIS A 29 8.95 -11.82 -8.95
N PRO A 30 9.35 -11.57 -10.22
CA PRO A 30 9.92 -12.61 -11.08
C PRO A 30 11.33 -13.00 -10.63
N ASN A 31 11.83 -14.06 -11.26
CA ASN A 31 13.14 -14.67 -11.05
C ASN A 31 14.22 -13.61 -11.25
N GLU A 32 14.11 -12.88 -12.36
CA GLU A 32 15.02 -11.82 -12.77
C GLU A 32 14.77 -10.60 -11.89
N ILE A 33 15.64 -10.40 -10.89
CA ILE A 33 15.54 -9.28 -9.99
C ILE A 33 16.03 -8.04 -10.76
N CYS A 34 15.39 -6.89 -10.50
CA CYS A 34 15.67 -5.59 -11.08
C CYS A 34 15.82 -5.59 -12.61
N VAL A 35 14.70 -5.79 -13.29
CA VAL A 35 14.66 -5.78 -14.75
C VAL A 35 14.58 -4.33 -15.26
N PRO A 36 15.02 -4.08 -16.51
CA PRO A 36 14.99 -2.75 -17.12
C PRO A 36 13.57 -2.29 -17.47
N MET A 37 13.45 -1.13 -18.11
CA MET A 37 12.21 -0.49 -18.57
C MET A 37 11.13 -0.28 -17.49
N SER A 38 11.49 -0.41 -16.20
CA SER A 38 10.59 -0.26 -15.06
C SER A 38 10.82 1.05 -14.31
N GLY B 1 12.20 -6.68 -18.98
CA GLY B 1 13.14 -7.78 -19.18
C GLY B 1 12.48 -9.12 -19.51
N ALA B 2 11.17 -9.15 -19.77
CA ALA B 2 10.39 -10.34 -20.09
C ALA B 2 10.69 -11.46 -19.09
N GLN B 3 11.05 -12.66 -19.56
CA GLN B 3 11.37 -13.82 -18.75
C GLN B 3 12.25 -14.77 -19.57
N VAL B 4 13.20 -15.45 -18.93
CA VAL B 4 14.09 -16.41 -19.58
C VAL B 4 14.54 -17.42 -18.52
N ILE B 5 14.87 -18.65 -18.95
CA ILE B 5 15.32 -19.74 -18.07
C ILE B 5 16.66 -20.33 -18.54
N GLN B 6 17.40 -19.56 -19.34
CA GLN B 6 18.70 -19.96 -19.88
C GLN B 6 19.85 -19.45 -19.00
N GLU B 7 19.55 -18.93 -17.81
CA GLU B 7 20.53 -18.42 -16.86
C GLU B 7 20.58 -19.33 -15.63
N THR B 8 21.60 -19.20 -14.80
CA THR B 8 21.79 -19.99 -13.59
C THR B 8 22.16 -19.02 -12.48
N ILE B 9 21.15 -18.35 -11.93
CA ILE B 9 21.31 -17.37 -10.86
C ILE B 9 20.73 -17.99 -9.59
N VAL B 10 21.48 -17.87 -8.49
CA VAL B 10 21.09 -18.40 -7.18
C VAL B 10 19.79 -17.70 -6.71
N PRO B 11 18.93 -18.38 -5.93
CA PRO B 11 17.68 -17.78 -5.45
C PRO B 11 17.91 -16.69 -4.42
N LYS B 12 17.15 -15.60 -4.52
CA LYS B 12 17.17 -14.42 -3.66
C LYS B 12 15.73 -13.93 -3.53
N GLU B 13 15.13 -14.09 -2.36
CA GLU B 13 13.76 -13.66 -2.08
C GLU B 13 13.80 -13.04 -0.67
N PRO B 14 14.28 -11.80 -0.55
CA PRO B 14 14.37 -11.14 0.74
C PRO B 14 12.99 -10.80 1.32
N PRO B 15 12.89 -10.63 2.64
CA PRO B 15 11.65 -10.28 3.31
C PRO B 15 11.39 -8.77 3.13
N PRO B 16 10.20 -8.27 3.49
CA PRO B 16 9.89 -6.85 3.39
C PRO B 16 10.77 -6.04 4.36
N GLU B 17 10.59 -4.72 4.34
CA GLU B 17 11.31 -3.76 5.17
C GLU B 17 12.81 -3.87 4.84
N PHE B 18 13.13 -3.83 3.55
CA PHE B 18 14.49 -3.95 3.02
C PHE B 18 14.94 -2.77 2.15
N GLU B 19 14.21 -1.64 2.17
CA GLU B 19 14.55 -0.44 1.41
C GLU B 19 14.78 0.66 2.46
N PHE B 20 15.96 1.25 2.44
CA PHE B 20 16.46 2.30 3.32
C PHE B 20 17.22 3.30 2.47
N ILE B 21 16.55 3.67 1.40
CA ILE B 21 17.05 4.61 0.42
C ILE B 21 17.24 5.96 1.11
N ALA B 22 18.45 6.51 0.99
CA ALA B 22 18.79 7.79 1.58
C ALA B 22 18.17 8.87 0.68
N ASP B 23 16.94 9.26 0.99
CA ASP B 23 16.11 10.26 0.31
C ASP B 23 15.82 9.80 -1.13
N PRO B 24 14.83 8.93 -1.35
CA PRO B 24 14.47 8.46 -2.70
C PRO B 24 13.90 9.65 -3.51
N PRO B 25 13.78 9.53 -4.85
CA PRO B 25 13.26 10.63 -5.66
C PRO B 25 11.76 10.81 -5.44
N SER B 26 11.03 9.70 -5.26
CA SER B 26 9.60 9.65 -5.03
C SER B 26 9.28 8.46 -4.12
N ILE B 27 8.03 8.35 -3.71
CA ILE B 27 7.56 7.27 -2.84
C ILE B 27 7.48 5.98 -3.67
N SER B 28 7.69 4.83 -3.03
CA SER B 28 7.63 3.55 -3.70
C SER B 28 6.18 3.27 -4.08
N ALA B 29 5.99 2.49 -5.14
CA ALA B 29 4.66 2.13 -5.65
C ALA B 29 3.75 1.51 -4.59
N PHE B 30 4.33 0.79 -3.63
CA PHE B 30 3.61 0.16 -2.55
C PHE B 30 2.91 1.24 -1.74
N ASP B 31 3.68 2.09 -1.04
CA ASP B 31 3.15 3.14 -0.19
C ASP B 31 2.31 4.15 -0.98
N LEU B 32 2.64 4.38 -2.26
CA LEU B 32 1.88 5.30 -3.11
C LEU B 32 0.42 4.87 -3.14
N ASP B 33 0.21 3.57 -3.35
CA ASP B 33 -1.12 3.01 -3.43
C ASP B 33 -1.76 2.88 -2.05
N VAL B 34 -0.99 2.63 -0.98
CA VAL B 34 -1.53 2.54 0.38
C VAL B 34 -2.18 3.90 0.68
N VAL B 35 -1.51 4.99 0.33
CA VAL B 35 -1.96 6.36 0.49
C VAL B 35 -3.27 6.52 -0.30
N LYS B 36 -3.31 6.15 -1.59
CA LYS B 36 -4.50 6.26 -2.44
C LYS B 36 -5.67 5.40 -1.92
N LEU B 37 -5.39 4.21 -1.38
CA LEU B 37 -6.35 3.27 -0.82
C LEU B 37 -6.99 3.91 0.41
N THR B 38 -6.16 4.24 1.40
CA THR B 38 -6.56 4.84 2.65
C THR B 38 -7.38 6.10 2.41
N ALA B 39 -6.94 6.98 1.50
CA ALA B 39 -7.65 8.21 1.20
C ALA B 39 -9.07 7.95 0.70
N GLN B 40 -9.29 6.92 -0.12
CA GLN B 40 -10.64 6.62 -0.61
C GLN B 40 -11.49 6.20 0.60
N PHE B 41 -10.97 5.30 1.45
CA PHE B 41 -11.69 4.84 2.64
C PHE B 41 -12.05 6.02 3.53
N VAL B 42 -11.12 6.86 3.97
CA VAL B 42 -11.43 7.99 4.85
C VAL B 42 -12.46 8.95 4.23
N ALA B 43 -12.59 9.04 2.92
CA ALA B 43 -13.56 9.89 2.23
C ALA B 43 -14.93 9.21 2.13
N ARG B 44 -14.94 7.90 1.90
CA ARG B 44 -16.14 7.07 1.75
C ARG B 44 -16.74 6.77 3.12
N ASN B 45 -15.89 6.56 4.12
CA ASN B 45 -16.21 6.25 5.50
C ASN B 45 -16.54 7.58 6.19
N GLY B 46 -15.52 8.41 6.34
CA GLY B 46 -15.53 9.72 6.96
C GLY B 46 -14.27 9.90 7.80
N ARG B 47 -14.04 11.13 8.29
CA ARG B 47 -12.89 11.52 9.11
C ARG B 47 -12.63 10.57 10.26
N GLN B 48 -13.69 10.05 10.87
CA GLN B 48 -13.58 9.13 11.98
C GLN B 48 -12.59 8.01 11.66
N PHE B 49 -12.77 7.29 10.55
CA PHE B 49 -11.89 6.20 10.13
C PHE B 49 -10.42 6.64 10.12
N LEU B 50 -10.14 7.85 9.66
CA LEU B 50 -8.80 8.41 9.60
C LEU B 50 -8.26 8.54 11.02
N THR B 51 -8.96 9.29 11.89
CA THR B 51 -8.51 9.50 13.25
C THR B 51 -8.34 8.15 13.97
N GLN B 52 -9.23 7.18 13.73
CA GLN B 52 -9.13 5.87 14.34
C GLN B 52 -7.81 5.21 13.91
N LEU B 53 -7.45 5.23 12.62
CA LEU B 53 -6.19 4.65 12.14
C LEU B 53 -5.01 5.31 12.84
N MET B 54 -5.06 6.63 13.04
CA MET B 54 -3.99 7.37 13.71
C MET B 54 -3.86 6.97 15.18
N GLN B 55 -4.90 6.38 15.78
CA GLN B 55 -4.90 5.94 17.16
C GLN B 55 -4.39 4.49 17.24
N LYS B 56 -5.02 3.55 16.53
CA LYS B 56 -4.61 2.14 16.60
C LYS B 56 -3.19 1.87 16.07
N GLU B 57 -2.75 2.55 15.02
CA GLU B 57 -1.41 2.35 14.44
C GLU B 57 -0.50 3.55 14.75
N GLN B 58 -0.68 4.22 15.89
CA GLN B 58 0.12 5.39 16.28
C GLN B 58 1.64 5.16 16.38
N ARG B 59 2.11 3.91 16.40
CA ARG B 59 3.54 3.58 16.48
C ARG B 59 4.06 3.00 15.18
N ASN B 60 3.20 2.74 14.18
CA ASN B 60 3.65 2.18 12.91
C ASN B 60 4.15 3.31 12.00
N TYR B 61 5.45 3.33 11.68
CA TYR B 61 5.98 4.36 10.79
C TYR B 61 5.35 4.27 9.40
N GLN B 62 4.84 3.10 8.99
CA GLN B 62 4.24 2.95 7.67
C GLN B 62 2.97 3.78 7.54
N PHE B 63 2.30 4.13 8.65
CA PHE B 63 1.09 4.94 8.65
C PHE B 63 1.39 6.37 9.10
N ASP B 64 2.67 6.74 9.22
CA ASP B 64 3.06 8.08 9.65
C ASP B 64 2.64 9.14 8.62
N PHE B 65 2.35 8.74 7.37
CA PHE B 65 1.92 9.63 6.31
C PHE B 65 0.58 10.30 6.67
N LEU B 66 -0.17 9.73 7.62
CA LEU B 66 -1.44 10.26 8.08
C LEU B 66 -1.19 11.55 8.88
N ARG B 67 0.03 11.78 9.38
CA ARG B 67 0.35 12.99 10.12
C ARG B 67 0.87 14.05 9.15
N PRO B 68 0.55 15.34 9.39
CA PRO B 68 1.03 16.43 8.55
C PRO B 68 2.55 16.60 8.65
N GLN B 69 3.15 15.96 9.66
CA GLN B 69 4.57 15.91 9.94
C GLN B 69 5.31 15.29 8.73
N HIS B 70 4.59 14.55 7.89
CA HIS B 70 5.06 13.88 6.69
C HIS B 70 4.64 14.75 5.50
N SER B 71 5.53 14.99 4.53
CA SER B 71 5.18 15.80 3.36
C SER B 71 4.01 15.17 2.59
N LEU B 72 3.99 13.83 2.53
CA LEU B 72 2.98 13.01 1.87
C LEU B 72 1.56 13.40 2.23
N PHE B 73 1.35 13.97 3.41
CA PHE B 73 0.04 14.41 3.88
C PHE B 73 -0.62 15.28 2.82
N ASN B 74 0.15 16.15 2.16
CA ASN B 74 -0.37 17.05 1.14
C ASN B 74 -0.91 16.32 -0.08
N TYR B 75 -0.38 15.15 -0.42
CA TYR B 75 -0.84 14.35 -1.55
C TYR B 75 -1.97 13.43 -1.07
N PHE B 76 -1.96 13.04 0.21
CA PHE B 76 -2.98 12.21 0.78
C PHE B 76 -4.28 13.02 0.91
N THR B 77 -4.21 14.16 1.58
CA THR B 77 -5.31 15.06 1.83
C THR B 77 -5.93 15.53 0.51
N LYS B 78 -5.12 15.92 -0.50
CA LYS B 78 -5.66 16.35 -1.78
C LYS B 78 -6.54 15.25 -2.41
N LEU B 79 -6.22 13.97 -2.16
CA LEU B 79 -7.02 12.86 -2.68
C LEU B 79 -8.29 12.75 -1.84
N VAL B 80 -8.21 12.82 -0.49
CA VAL B 80 -9.40 12.73 0.36
C VAL B 80 -10.39 13.81 -0.01
N GLU B 81 -9.96 15.07 -0.11
CA GLU B 81 -10.81 16.20 -0.46
C GLU B 81 -11.55 15.89 -1.77
N GLN B 82 -10.80 15.46 -2.81
CA GLN B 82 -11.35 15.12 -4.11
C GLN B 82 -12.24 13.86 -4.08
N TYR B 83 -12.13 13.03 -3.06
CA TYR B 83 -12.91 11.82 -2.88
C TYR B 83 -14.12 12.06 -1.96
N THR B 84 -14.11 13.06 -1.09
CA THR B 84 -15.20 13.38 -0.15
C THR B 84 -16.47 13.86 -0.87
N LYS B 85 -17.49 14.19 -0.08
CA LYS B 85 -18.77 14.68 -0.51
C LYS B 85 -19.20 15.69 0.52
N GLY A 1 -7.62 -18.65 9.35
CA GLY A 1 -8.03 -19.45 8.19
C GLY A 1 -9.12 -20.42 8.59
N GLU A 2 -10.36 -19.94 8.64
CA GLU A 2 -11.50 -20.73 9.06
C GLU A 2 -12.50 -20.86 7.91
N LEU A 3 -13.28 -21.94 7.93
CA LEU A 3 -14.30 -22.27 6.93
C LEU A 3 -15.57 -21.43 7.20
N ASN A 4 -16.52 -21.46 6.25
CA ASN A 4 -17.82 -20.77 6.29
C ASN A 4 -17.72 -19.37 6.86
N ALA A 5 -16.81 -18.55 6.32
CA ALA A 5 -16.64 -17.20 6.79
C ALA A 5 -17.86 -16.34 6.48
N ILE A 6 -18.09 -15.34 7.32
CA ILE A 6 -19.17 -14.39 7.21
C ILE A 6 -18.57 -13.02 6.93
N SER A 7 -19.40 -12.05 6.60
CA SER A 7 -19.02 -10.68 6.31
C SER A 7 -19.97 -9.77 7.10
N GLY A 8 -19.77 -8.47 7.02
CA GLY A 8 -20.59 -7.48 7.72
C GLY A 8 -20.19 -6.08 7.28
N PRO A 9 -20.83 -5.04 7.81
CA PRO A 9 -20.49 -3.66 7.49
C PRO A 9 -19.22 -3.32 8.27
N ASN A 10 -18.08 -3.89 7.88
CA ASN A 10 -16.80 -3.70 8.53
C ASN A 10 -15.84 -3.06 7.55
N GLU A 11 -15.65 -1.75 7.73
CA GLU A 11 -14.76 -0.96 6.89
C GLU A 11 -13.33 -1.45 7.09
N PHE A 12 -12.94 -1.78 8.34
CA PHE A 12 -11.60 -2.27 8.62
C PHE A 12 -11.35 -3.62 7.95
N ALA A 13 -12.37 -4.48 7.86
CA ALA A 13 -12.21 -5.80 7.25
C ALA A 13 -11.77 -5.62 5.80
N GLU A 14 -12.55 -4.88 5.02
CA GLU A 14 -12.25 -4.61 3.61
C GLU A 14 -10.94 -3.82 3.50
N PHE A 15 -10.71 -2.81 4.35
CA PHE A 15 -9.49 -2.00 4.33
C PHE A 15 -8.26 -2.91 4.48
N TYR A 16 -8.25 -3.80 5.47
CA TYR A 16 -7.15 -4.71 5.68
C TYR A 16 -7.02 -5.68 4.51
N ASN A 17 -8.12 -6.06 3.84
CA ASN A 17 -8.05 -6.95 2.69
C ASN A 17 -7.35 -6.21 1.56
N ARG A 18 -7.72 -4.96 1.28
CA ARG A 18 -7.08 -4.16 0.23
C ARG A 18 -5.60 -3.99 0.59
N LEU A 19 -5.27 -3.70 1.85
CA LEU A 19 -3.87 -3.57 2.27
C LEU A 19 -3.13 -4.84 1.86
N LYS A 20 -3.66 -6.00 2.26
CA LYS A 20 -3.08 -7.31 1.96
C LYS A 20 -3.00 -7.58 0.45
N GLN A 21 -3.91 -7.05 -0.37
CA GLN A 21 -3.90 -7.26 -1.80
C GLN A 21 -2.67 -6.58 -2.41
N ILE A 22 -2.38 -5.34 -1.99
CA ILE A 22 -1.26 -4.53 -2.47
C ILE A 22 0.06 -5.27 -2.26
N LYS A 23 0.33 -5.73 -1.02
CA LYS A 23 1.57 -6.42 -0.67
C LYS A 23 2.01 -7.46 -1.70
N GLU A 24 1.09 -8.34 -2.11
CA GLU A 24 1.31 -9.41 -3.07
C GLU A 24 1.69 -8.91 -4.45
N PHE A 25 1.06 -7.83 -4.91
CA PHE A 25 1.36 -7.25 -6.22
C PHE A 25 2.87 -7.03 -6.35
N HIS A 26 3.49 -6.43 -5.33
CA HIS A 26 4.93 -6.17 -5.31
C HIS A 26 5.72 -7.43 -4.97
N ARG A 27 5.10 -8.43 -4.32
CA ARG A 27 5.74 -9.69 -3.95
C ARG A 27 5.81 -10.67 -5.12
N LYS A 28 5.13 -10.44 -6.25
CA LYS A 28 5.15 -11.35 -7.38
C LYS A 28 5.10 -10.54 -8.68
N HIS A 29 6.15 -10.63 -9.50
CA HIS A 29 6.23 -9.91 -10.76
C HIS A 29 5.32 -10.54 -11.83
N PRO A 30 4.86 -9.73 -12.81
CA PRO A 30 3.98 -10.20 -13.87
C PRO A 30 4.69 -11.19 -14.79
N ASN A 31 3.98 -12.26 -15.13
CA ASN A 31 4.44 -13.36 -15.99
C ASN A 31 4.40 -12.97 -17.46
N GLU A 32 4.99 -11.84 -17.81
CA GLU A 32 5.05 -11.36 -19.19
C GLU A 32 5.88 -12.34 -20.03
N ILE A 33 5.71 -12.28 -21.35
CA ILE A 33 6.41 -13.15 -22.27
C ILE A 33 7.85 -12.65 -22.39
N CYS A 34 8.04 -11.36 -22.67
CA CYS A 34 9.37 -10.78 -22.77
C CYS A 34 9.92 -10.68 -21.35
N VAL A 35 11.13 -11.19 -21.14
CA VAL A 35 11.79 -11.22 -19.84
C VAL A 35 13.29 -10.91 -20.00
N PRO A 36 14.01 -10.54 -18.91
CA PRO A 36 15.45 -10.26 -18.98
C PRO A 36 16.26 -11.52 -19.36
N MET A 37 17.58 -11.37 -19.47
CA MET A 37 18.51 -12.44 -19.84
C MET A 37 19.72 -12.40 -18.90
N SER A 38 19.57 -12.96 -17.69
CA SER A 38 20.62 -13.00 -16.68
C SER A 38 21.19 -11.61 -16.40
N GLY B 1 8.74 -30.97 -32.15
CA GLY B 1 7.69 -31.52 -31.29
C GLY B 1 7.59 -30.82 -29.93
N ALA B 2 8.54 -29.95 -29.58
CA ALA B 2 8.57 -29.20 -28.34
C ALA B 2 9.10 -27.80 -28.64
N GLN B 3 8.83 -26.85 -27.76
CA GLN B 3 9.25 -25.45 -27.89
C GLN B 3 9.59 -24.80 -26.54
N VAL B 4 9.39 -25.51 -25.43
CA VAL B 4 9.66 -25.02 -24.10
C VAL B 4 11.13 -25.19 -23.72
N ILE B 5 11.55 -24.50 -22.66
CA ILE B 5 12.89 -24.51 -22.09
C ILE B 5 12.74 -24.54 -20.57
N GLN B 6 13.85 -24.75 -19.86
CA GLN B 6 13.92 -24.80 -18.42
C GLN B 6 15.40 -24.74 -18.00
N GLU B 7 15.63 -24.65 -16.70
CA GLU B 7 16.93 -24.61 -16.05
C GLU B 7 16.96 -25.83 -15.11
N THR B 8 18.16 -26.15 -14.64
CA THR B 8 18.45 -27.27 -13.72
C THR B 8 19.62 -26.84 -12.80
N ILE B 9 19.86 -25.53 -12.70
CA ILE B 9 20.93 -24.95 -11.89
C ILE B 9 20.44 -24.87 -10.44
N VAL B 10 21.38 -24.83 -9.50
CA VAL B 10 21.13 -24.72 -8.07
C VAL B 10 20.41 -23.38 -7.77
N PRO B 11 19.73 -23.23 -6.62
CA PRO B 11 19.04 -21.99 -6.31
C PRO B 11 20.03 -20.85 -6.06
N LYS B 12 19.52 -19.62 -6.03
CA LYS B 12 20.30 -18.41 -5.80
C LYS B 12 19.53 -17.49 -4.86
N GLU B 13 19.64 -17.73 -3.56
CA GLU B 13 18.99 -16.95 -2.52
C GLU B 13 20.01 -16.40 -1.50
N PRO B 14 21.03 -15.63 -1.94
CA PRO B 14 22.05 -15.08 -1.05
C PRO B 14 21.44 -14.03 -0.08
N PRO B 15 22.19 -13.58 0.94
CA PRO B 15 21.69 -12.58 1.90
C PRO B 15 21.33 -11.25 1.21
N PRO B 16 20.53 -10.39 1.84
CA PRO B 16 20.13 -9.10 1.28
C PRO B 16 21.35 -8.20 1.11
N GLU B 17 21.86 -8.09 -0.13
CA GLU B 17 23.02 -7.29 -0.48
C GLU B 17 22.66 -6.47 -1.72
N PHE B 18 22.03 -5.32 -1.47
CA PHE B 18 21.57 -4.35 -2.44
C PHE B 18 21.84 -2.91 -2.01
N GLU B 19 22.75 -2.73 -1.06
CA GLU B 19 23.11 -1.43 -0.50
C GLU B 19 21.86 -0.84 0.15
N PHE B 20 21.86 0.46 0.42
CA PHE B 20 20.71 1.16 0.99
C PHE B 20 20.69 2.58 0.44
N ILE B 21 19.52 3.21 0.46
CA ILE B 21 19.31 4.56 -0.03
C ILE B 21 18.82 5.40 1.14
N ALA B 22 19.34 6.63 1.22
CA ALA B 22 19.05 7.63 2.25
C ALA B 22 18.25 8.82 1.72
N ASP B 23 17.85 8.73 0.46
CA ASP B 23 17.08 9.72 -0.28
C ASP B 23 16.45 9.01 -1.48
N PRO B 24 15.21 8.49 -1.40
CA PRO B 24 14.61 7.84 -2.54
C PRO B 24 14.20 8.93 -3.54
N PRO B 25 14.32 8.71 -4.86
CA PRO B 25 13.96 9.73 -5.85
C PRO B 25 12.44 9.96 -5.92
N SER B 26 11.63 8.94 -5.61
CA SER B 26 10.18 8.96 -5.64
C SER B 26 9.66 7.97 -4.60
N ILE B 27 8.35 8.01 -4.31
CA ILE B 27 7.74 7.09 -3.36
C ILE B 27 7.61 5.73 -4.03
N SER B 28 7.75 4.66 -3.26
CA SER B 28 7.63 3.30 -3.78
C SER B 28 6.18 3.03 -4.16
N ALA B 29 5.96 2.19 -5.17
CA ALA B 29 4.63 1.83 -5.66
C ALA B 29 3.72 1.24 -4.57
N PHE B 30 4.31 0.52 -3.61
CA PHE B 30 3.60 -0.09 -2.50
C PHE B 30 2.95 1.03 -1.69
N ASP B 31 3.78 1.92 -1.16
CA ASP B 31 3.33 3.04 -0.34
C ASP B 31 2.34 3.90 -1.11
N LEU B 32 2.57 4.12 -2.41
CA LEU B 32 1.70 4.92 -3.26
C LEU B 32 0.27 4.40 -3.18
N ASP B 33 0.07 3.09 -3.43
CA ASP B 33 -1.27 2.52 -3.39
C ASP B 33 -1.80 2.51 -1.95
N VAL B 34 -0.96 2.31 -0.92
CA VAL B 34 -1.44 2.31 0.48
C VAL B 34 -2.05 3.69 0.79
N VAL B 35 -1.40 4.77 0.38
CA VAL B 35 -1.88 6.13 0.60
C VAL B 35 -3.20 6.31 -0.17
N LYS B 36 -3.25 5.98 -1.47
CA LYS B 36 -4.45 6.09 -2.30
C LYS B 36 -5.61 5.30 -1.70
N LEU B 37 -5.37 4.07 -1.27
CA LEU B 37 -6.34 3.16 -0.66
C LEU B 37 -6.90 3.85 0.57
N THR B 38 -6.03 4.22 1.52
CA THR B 38 -6.42 4.88 2.75
C THR B 38 -7.26 6.11 2.44
N ALA B 39 -6.80 6.97 1.51
CA ALA B 39 -7.47 8.19 1.11
C ALA B 39 -8.89 7.92 0.60
N GLN B 40 -9.08 6.86 -0.17
CA GLN B 40 -10.40 6.49 -0.69
C GLN B 40 -11.33 6.12 0.46
N PHE B 41 -10.89 5.27 1.39
CA PHE B 41 -11.71 4.84 2.51
C PHE B 41 -12.05 6.01 3.44
N VAL B 42 -11.09 6.88 3.78
CA VAL B 42 -11.36 8.03 4.64
C VAL B 42 -12.33 9.02 3.96
N ALA B 43 -12.37 9.04 2.64
CA ALA B 43 -13.25 9.90 1.85
C ALA B 43 -14.64 9.31 1.64
N ARG B 44 -14.79 7.99 1.83
CA ARG B 44 -16.07 7.30 1.67
C ARG B 44 -16.76 7.14 3.01
N ASN B 45 -15.98 6.86 4.05
CA ASN B 45 -16.47 6.67 5.41
C ASN B 45 -16.48 7.97 6.19
N GLY B 46 -15.47 8.82 6.04
CA GLY B 46 -15.37 10.10 6.72
C GLY B 46 -14.13 10.19 7.62
N ARG B 47 -13.99 11.34 8.25
CA ARG B 47 -12.91 11.70 9.16
C ARG B 47 -12.84 10.75 10.35
N GLN B 48 -13.95 10.25 10.88
CA GLN B 48 -13.90 9.34 12.03
C GLN B 48 -13.02 8.12 11.71
N PHE B 49 -13.23 7.48 10.55
CA PHE B 49 -12.44 6.32 10.12
C PHE B 49 -10.95 6.69 10.13
N LEU B 50 -10.61 7.90 9.66
CA LEU B 50 -9.23 8.40 9.62
C LEU B 50 -8.71 8.51 11.06
N THR B 51 -9.44 9.18 11.93
CA THR B 51 -9.06 9.37 13.32
C THR B 51 -8.79 8.02 13.99
N GLN B 52 -9.65 7.01 13.79
CA GLN B 52 -9.45 5.70 14.39
C GLN B 52 -8.08 5.16 14.01
N LEU B 53 -7.77 5.22 12.71
CA LEU B 53 -6.50 4.77 12.15
C LEU B 53 -5.33 5.53 12.79
N MET B 54 -5.45 6.84 12.98
CA MET B 54 -4.37 7.65 13.57
C MET B 54 -4.15 7.31 15.04
N GLN B 55 -5.12 6.73 15.75
CA GLN B 55 -4.96 6.38 17.15
C GLN B 55 -4.24 5.04 17.27
N LYS B 56 -4.81 3.98 16.68
CA LYS B 56 -4.20 2.66 16.76
C LYS B 56 -2.80 2.64 16.16
N GLU B 57 -2.57 3.34 15.07
CA GLU B 57 -1.26 3.36 14.42
C GLU B 57 -0.40 4.56 14.86
N GLN B 58 -0.70 5.23 15.97
CA GLN B 58 0.06 6.39 16.45
C GLN B 58 1.58 6.16 16.55
N ARG B 59 2.05 4.92 16.69
CA ARG B 59 3.48 4.58 16.79
C ARG B 59 3.93 3.67 15.63
N ASN B 60 3.06 3.34 14.67
CA ASN B 60 3.40 2.50 13.53
C ASN B 60 4.03 3.41 12.48
N TYR B 61 5.33 3.25 12.22
CA TYR B 61 6.07 4.07 11.26
C TYR B 61 5.39 4.21 9.91
N GLN B 62 4.86 3.12 9.34
CA GLN B 62 4.22 3.09 8.04
C GLN B 62 2.96 3.96 7.90
N PHE B 63 2.46 4.57 8.98
CA PHE B 63 1.28 5.42 8.97
C PHE B 63 1.66 6.86 9.32
N ASP B 64 2.95 7.19 9.37
CA ASP B 64 3.42 8.55 9.65
C ASP B 64 3.01 9.52 8.53
N PHE B 65 2.68 9.02 7.33
CA PHE B 65 2.26 9.83 6.18
C PHE B 65 0.94 10.57 6.48
N LEU B 66 0.15 10.04 7.43
CA LEU B 66 -1.13 10.62 7.83
C LEU B 66 -0.92 11.88 8.67
N ARG B 67 0.31 12.17 9.13
CA ARG B 67 0.61 13.35 9.93
C ARG B 67 1.18 14.43 9.03
N PRO B 68 0.92 15.71 9.33
CA PRO B 68 1.41 16.86 8.54
C PRO B 68 2.93 16.99 8.50
N GLN B 69 3.63 16.23 9.34
CA GLN B 69 5.07 16.20 9.43
C GLN B 69 5.67 15.51 8.18
N HIS B 70 4.86 14.91 7.30
CA HIS B 70 5.31 14.23 6.09
C HIS B 70 4.78 14.99 4.88
N SER B 71 5.59 15.18 3.83
CA SER B 71 5.19 15.85 2.60
C SER B 71 3.99 15.14 1.97
N LEU B 72 4.00 13.79 2.08
CA LEU B 72 2.97 12.90 1.58
C LEU B 72 1.60 13.31 2.12
N PHE B 73 1.53 13.93 3.30
CA PHE B 73 0.28 14.39 3.89
C PHE B 73 -0.46 15.26 2.90
N ASN B 74 0.23 16.20 2.26
CA ASN B 74 -0.39 17.08 1.29
C ASN B 74 -0.94 16.35 0.07
N TYR B 75 -0.33 15.25 -0.35
CA TYR B 75 -0.81 14.45 -1.48
C TYR B 75 -1.92 13.50 -1.00
N PHE B 76 -1.91 13.10 0.28
CA PHE B 76 -2.90 12.23 0.87
C PHE B 76 -4.19 13.02 1.07
N THR B 77 -4.12 14.11 1.83
CA THR B 77 -5.24 14.98 2.11
C THR B 77 -5.91 15.43 0.81
N LYS B 78 -5.14 15.84 -0.22
CA LYS B 78 -5.72 16.27 -1.47
C LYS B 78 -6.59 15.22 -2.13
N LEU B 79 -6.33 13.92 -1.90
CA LEU B 79 -7.16 12.88 -2.48
C LEU B 79 -8.45 12.78 -1.67
N VAL B 80 -8.41 12.98 -0.36
CA VAL B 80 -9.60 12.86 0.48
C VAL B 80 -10.61 13.93 0.10
N GLU B 81 -10.22 15.20 0.19
CA GLU B 81 -11.06 16.34 -0.11
C GLU B 81 -11.60 16.26 -1.56
N GLN B 82 -10.88 15.58 -2.45
CA GLN B 82 -11.24 15.38 -3.85
C GLN B 82 -12.27 14.25 -3.96
N TYR B 83 -12.06 13.13 -3.27
CA TYR B 83 -12.94 11.98 -3.30
C TYR B 83 -14.22 12.21 -2.47
N THR B 84 -14.21 13.08 -1.46
CA THR B 84 -15.42 13.35 -0.69
C THR B 84 -16.38 14.17 -1.53
N LYS B 85 -17.68 14.09 -1.23
CA LYS B 85 -18.73 14.83 -1.89
C LYS B 85 -19.95 14.76 -1.02
N GLY A 1 -6.17 -23.26 18.74
CA GLY A 1 -5.24 -22.38 18.04
C GLY A 1 -5.96 -21.66 16.93
N GLU A 2 -5.18 -21.01 16.07
CA GLU A 2 -5.50 -20.22 14.88
C GLU A 2 -7.01 -19.98 14.69
N LEU A 3 -7.58 -19.12 15.53
CA LEU A 3 -8.99 -18.77 15.49
C LEU A 3 -9.04 -17.32 15.04
N ASN A 4 -9.68 -17.08 13.89
CA ASN A 4 -9.85 -15.77 13.28
C ASN A 4 -11.30 -15.58 12.87
N ALA A 5 -11.80 -16.43 11.96
CA ALA A 5 -13.16 -16.40 11.42
C ALA A 5 -13.50 -14.98 10.88
N ILE A 6 -14.78 -14.68 10.71
CA ILE A 6 -15.28 -13.39 10.22
C ILE A 6 -16.48 -13.02 11.09
N SER A 7 -16.79 -11.73 11.19
CA SER A 7 -17.92 -11.23 11.96
C SER A 7 -19.05 -10.83 11.01
N GLY A 8 -18.69 -10.20 9.90
CA GLY A 8 -19.56 -9.73 8.83
C GLY A 8 -18.77 -8.72 7.99
N PRO A 9 -19.40 -8.07 7.00
CA PRO A 9 -18.72 -7.09 6.16
C PRO A 9 -18.43 -5.83 6.99
N ASN A 10 -17.18 -5.36 7.04
CA ASN A 10 -16.80 -4.18 7.80
C ASN A 10 -15.79 -3.34 7.03
N GLU A 11 -15.69 -2.06 7.42
CA GLU A 11 -14.76 -1.11 6.81
C GLU A 11 -13.33 -1.60 7.01
N PHE A 12 -12.99 -1.94 8.26
CA PHE A 12 -11.66 -2.41 8.65
C PHE A 12 -11.36 -3.79 8.05
N ALA A 13 -12.37 -4.65 7.91
CA ALA A 13 -12.21 -5.98 7.35
C ALA A 13 -11.71 -5.83 5.91
N GLU A 14 -12.42 -5.04 5.10
CA GLU A 14 -12.06 -4.80 3.71
C GLU A 14 -10.75 -4.03 3.61
N PHE A 15 -10.54 -3.02 4.47
CA PHE A 15 -9.33 -2.22 4.48
C PHE A 15 -8.09 -3.11 4.62
N TYR A 16 -8.06 -3.97 5.64
CA TYR A 16 -6.94 -4.86 5.86
C TYR A 16 -6.77 -5.85 4.72
N ASN A 17 -7.86 -6.32 4.12
CA ASN A 17 -7.84 -7.24 3.00
C ASN A 17 -7.18 -6.52 1.83
N ARG A 18 -7.63 -5.30 1.48
CA ARG A 18 -7.05 -4.51 0.39
C ARG A 18 -5.57 -4.30 0.64
N LEU A 19 -5.17 -3.99 1.88
CA LEU A 19 -3.78 -3.79 2.24
C LEU A 19 -2.99 -5.04 1.87
N LYS A 20 -3.45 -6.20 2.34
CA LYS A 20 -2.82 -7.51 2.10
C LYS A 20 -2.55 -7.68 0.61
N GLN A 21 -3.58 -7.49 -0.22
CA GLN A 21 -3.52 -7.61 -1.67
C GLN A 21 -2.34 -6.81 -2.23
N ILE A 22 -2.20 -5.53 -1.87
CA ILE A 22 -1.11 -4.69 -2.34
C ILE A 22 0.24 -5.26 -1.87
N LYS A 23 0.35 -5.70 -0.61
CA LYS A 23 1.62 -6.26 -0.11
C LYS A 23 2.04 -7.45 -0.94
N GLU A 24 1.14 -8.42 -1.10
CA GLU A 24 1.38 -9.64 -1.88
C GLU A 24 1.75 -9.26 -3.32
N PHE A 25 1.15 -8.19 -3.87
CA PHE A 25 1.42 -7.72 -5.22
C PHE A 25 2.89 -7.39 -5.42
N HIS A 26 3.56 -6.84 -4.41
CA HIS A 26 5.00 -6.53 -4.52
C HIS A 26 5.82 -7.73 -4.04
N ARG A 27 5.20 -8.67 -3.31
CA ARG A 27 5.87 -9.87 -2.80
C ARG A 27 6.17 -10.85 -3.93
N LYS A 28 5.24 -11.06 -4.87
CA LYS A 28 5.47 -11.99 -5.96
C LYS A 28 4.77 -11.55 -7.24
N HIS A 29 5.30 -12.03 -8.34
CA HIS A 29 4.81 -11.80 -9.69
C HIS A 29 3.56 -12.68 -9.87
N PRO A 30 2.51 -12.23 -10.60
CA PRO A 30 1.33 -13.06 -10.78
C PRO A 30 1.65 -14.25 -11.70
N ASN A 31 2.51 -14.05 -12.71
CA ASN A 31 2.93 -15.04 -13.70
C ASN A 31 1.72 -15.74 -14.31
N GLU A 32 0.88 -14.94 -14.98
CA GLU A 32 -0.34 -15.34 -15.65
C GLU A 32 -0.07 -16.50 -16.63
N ILE A 33 -1.09 -17.32 -16.89
CA ILE A 33 -1.04 -18.48 -17.79
C ILE A 33 -0.59 -18.00 -19.16
N CYS A 34 -1.40 -17.16 -19.78
CA CYS A 34 -1.19 -16.60 -21.09
C CYS A 34 -0.38 -15.30 -20.97
N VAL A 35 0.24 -14.91 -22.06
CA VAL A 35 1.05 -13.71 -22.17
C VAL A 35 0.88 -13.12 -23.58
N PRO A 36 1.08 -11.81 -23.76
CA PRO A 36 0.97 -11.19 -25.07
C PRO A 36 2.16 -11.64 -25.94
N MET A 37 2.21 -11.18 -27.19
CA MET A 37 3.29 -11.50 -28.13
C MET A 37 3.90 -10.21 -28.68
N SER A 38 3.06 -9.22 -28.98
CA SER A 38 3.44 -7.93 -29.54
C SER A 38 4.28 -8.08 -30.82
N GLY B 1 -5.53 -29.85 -19.70
CA GLY B 1 -4.84 -28.57 -19.70
C GLY B 1 -4.70 -28.04 -21.13
N ALA B 2 -4.00 -26.92 -21.29
CA ALA B 2 -3.78 -26.32 -22.59
C ALA B 2 -2.63 -27.05 -23.30
N GLN B 3 -2.51 -26.84 -24.62
CA GLN B 3 -1.44 -27.47 -25.39
C GLN B 3 -0.13 -26.81 -24.96
N VAL B 4 0.84 -27.62 -24.57
CA VAL B 4 2.17 -27.21 -24.14
C VAL B 4 3.18 -27.97 -25.00
N ILE B 5 4.43 -27.50 -25.04
CA ILE B 5 5.52 -28.11 -25.82
C ILE B 5 6.86 -28.06 -25.09
N GLN B 6 6.91 -27.57 -23.85
CA GLN B 6 8.13 -27.48 -23.07
C GLN B 6 7.77 -27.52 -21.59
N GLU B 7 8.60 -28.16 -20.78
CA GLU B 7 8.43 -28.32 -19.34
C GLU B 7 9.74 -28.21 -18.54
N THR B 8 10.89 -28.24 -19.22
CA THR B 8 12.19 -28.16 -18.56
C THR B 8 12.41 -26.78 -17.93
N ILE B 9 13.36 -26.71 -17.00
CA ILE B 9 13.70 -25.47 -16.31
C ILE B 9 14.37 -24.53 -17.31
N VAL B 10 14.18 -23.22 -17.10
CA VAL B 10 14.74 -22.17 -17.93
C VAL B 10 15.31 -21.08 -17.00
N PRO B 11 16.22 -20.21 -17.50
CA PRO B 11 16.81 -19.15 -16.69
C PRO B 11 15.80 -18.01 -16.43
N LYS B 12 16.30 -16.96 -15.78
CA LYS B 12 15.59 -15.74 -15.43
C LYS B 12 16.66 -14.67 -15.35
N GLU B 13 16.40 -13.46 -15.86
CA GLU B 13 17.34 -12.36 -15.83
C GLU B 13 16.59 -11.10 -15.37
N PRO B 14 16.20 -11.04 -14.08
CA PRO B 14 15.48 -9.89 -13.54
C PRO B 14 16.39 -8.66 -13.45
N PRO B 15 15.80 -7.44 -13.39
CA PRO B 15 16.57 -6.21 -13.25
C PRO B 15 17.16 -6.17 -11.82
N PRO B 16 18.11 -5.27 -11.49
CA PRO B 16 18.72 -5.17 -10.17
C PRO B 16 17.65 -4.91 -9.10
N GLU B 17 17.48 -5.87 -8.19
CA GLU B 17 16.52 -5.85 -7.08
C GLU B 17 17.23 -6.17 -5.76
N PHE B 18 18.45 -5.66 -5.58
CA PHE B 18 19.25 -5.86 -4.38
C PHE B 18 19.12 -4.62 -3.49
N GLU B 19 19.45 -4.76 -2.20
CA GLU B 19 19.38 -3.70 -1.20
C GLU B 19 18.01 -3.01 -1.23
N PHE B 20 17.95 -1.78 -0.78
CA PHE B 20 16.79 -0.91 -0.74
C PHE B 20 17.28 0.48 -1.19
N ILE B 21 16.42 1.24 -1.85
CA ILE B 21 16.79 2.56 -2.34
C ILE B 21 16.61 3.56 -1.22
N ALA B 22 17.71 4.17 -0.79
CA ALA B 22 17.72 5.19 0.24
C ALA B 22 17.43 6.51 -0.49
N ASP B 23 16.61 7.36 0.13
CA ASP B 23 16.17 8.67 -0.35
C ASP B 23 15.81 8.65 -1.85
N PRO B 24 14.75 7.94 -2.24
CA PRO B 24 14.32 7.87 -3.63
C PRO B 24 13.71 9.23 -4.05
N PRO B 25 13.83 9.63 -5.33
CA PRO B 25 13.32 10.90 -5.85
C PRO B 25 11.83 10.91 -6.19
N SER B 26 11.13 9.79 -5.99
CA SER B 26 9.71 9.58 -6.25
C SER B 26 9.21 8.50 -5.30
N ILE B 27 7.89 8.44 -5.10
CA ILE B 27 7.26 7.44 -4.24
C ILE B 27 7.20 6.09 -4.96
N SER B 28 7.13 4.99 -4.21
CA SER B 28 7.04 3.67 -4.79
C SER B 28 5.58 3.39 -5.11
N ALA B 29 5.32 2.46 -6.03
CA ALA B 29 3.97 2.08 -6.41
C ALA B 29 3.22 1.47 -5.21
N PHE B 30 3.95 0.94 -4.22
CA PHE B 30 3.38 0.34 -3.02
C PHE B 30 2.76 1.46 -2.19
N ASP B 31 3.57 2.42 -1.73
CA ASP B 31 3.11 3.54 -0.91
C ASP B 31 2.02 4.31 -1.65
N LEU B 32 2.20 4.57 -2.94
CA LEU B 32 1.22 5.29 -3.74
C LEU B 32 -0.16 4.65 -3.64
N ASP B 33 -0.23 3.35 -3.87
CA ASP B 33 -1.50 2.63 -3.83
C ASP B 33 -2.06 2.58 -2.42
N VAL B 34 -1.20 2.41 -1.41
CA VAL B 34 -1.61 2.39 -0.02
C VAL B 34 -2.26 3.74 0.29
N VAL B 35 -1.61 4.85 -0.03
CA VAL B 35 -2.11 6.21 0.19
C VAL B 35 -3.48 6.36 -0.50
N LYS B 36 -3.59 5.97 -1.77
CA LYS B 36 -4.84 6.06 -2.51
C LYS B 36 -5.93 5.22 -1.86
N LEU B 37 -5.63 4.03 -1.33
CA LEU B 37 -6.58 3.15 -0.67
C LEU B 37 -7.17 3.90 0.53
N THR B 38 -6.35 4.31 1.50
CA THR B 38 -6.87 5.02 2.65
C THR B 38 -7.64 6.27 2.24
N ALA B 39 -7.06 7.13 1.38
CA ALA B 39 -7.69 8.38 0.93
C ALA B 39 -9.10 8.17 0.36
N GLN B 40 -9.32 7.06 -0.34
CA GLN B 40 -10.62 6.72 -0.92
C GLN B 40 -11.61 6.39 0.19
N PHE B 41 -11.26 5.47 1.08
CA PHE B 41 -12.13 5.06 2.17
C PHE B 41 -12.41 6.21 3.15
N VAL B 42 -11.45 7.06 3.50
CA VAL B 42 -11.69 8.19 4.42
C VAL B 42 -12.67 9.20 3.79
N ALA B 43 -12.72 9.31 2.46
CA ALA B 43 -13.63 10.22 1.80
C ALA B 43 -15.07 9.71 1.90
N ARG B 44 -15.26 8.39 2.05
CA ARG B 44 -16.57 7.74 2.15
C ARG B 44 -17.02 7.59 3.60
N ASN B 45 -16.19 6.99 4.45
CA ASN B 45 -16.50 6.77 5.87
C ASN B 45 -16.35 8.04 6.70
N GLY B 46 -15.63 9.04 6.18
CA GLY B 46 -15.42 10.30 6.86
C GLY B 46 -14.16 10.29 7.70
N ARG B 47 -13.92 11.43 8.35
CA ARG B 47 -12.77 11.68 9.21
C ARG B 47 -12.62 10.64 10.32
N GLN B 48 -13.71 10.13 10.91
CA GLN B 48 -13.62 9.16 11.99
C GLN B 48 -12.70 8.01 11.58
N PHE B 49 -12.96 7.39 10.43
CA PHE B 49 -12.18 6.29 9.92
C PHE B 49 -10.69 6.61 9.90
N LEU B 50 -10.35 7.83 9.46
CA LEU B 50 -8.99 8.31 9.40
C LEU B 50 -8.42 8.33 10.81
N THR B 51 -9.10 9.00 11.75
CA THR B 51 -8.62 9.10 13.11
C THR B 51 -8.42 7.71 13.69
N GLN B 52 -9.40 6.80 13.64
CA GLN B 52 -9.28 5.45 14.19
C GLN B 52 -7.96 4.80 13.79
N LEU B 53 -7.62 4.91 12.50
CA LEU B 53 -6.39 4.36 11.95
C LEU B 53 -5.16 4.98 12.60
N MET B 54 -5.14 6.30 12.80
CA MET B 54 -4.02 7.00 13.43
C MET B 54 -3.78 6.51 14.86
N GLN B 55 -4.79 5.95 15.56
CA GLN B 55 -4.62 5.43 16.92
C GLN B 55 -4.20 3.96 16.82
N LYS B 56 -4.95 3.17 16.03
CA LYS B 56 -4.70 1.76 15.82
C LYS B 56 -3.27 1.50 15.38
N GLU B 57 -2.77 2.31 14.45
CA GLU B 57 -1.42 2.16 13.90
C GLU B 57 -0.42 3.17 14.45
N GLN B 58 -0.64 3.77 15.63
CA GLN B 58 0.27 4.76 16.24
C GLN B 58 1.71 4.29 16.53
N ARG B 59 2.06 3.05 16.19
CA ARG B 59 3.39 2.44 16.37
C ARG B 59 3.94 1.89 15.05
N ASN B 60 3.14 1.91 13.98
CA ASN B 60 3.47 1.41 12.66
C ASN B 60 4.01 2.58 11.84
N TYR B 61 5.34 2.71 11.74
CA TYR B 61 6.01 3.79 10.99
C TYR B 61 5.48 3.95 9.56
N GLN B 62 4.96 2.89 8.94
CA GLN B 62 4.43 2.90 7.59
C GLN B 62 3.23 3.87 7.48
N PHE B 63 2.49 4.09 8.58
CA PHE B 63 1.33 4.99 8.65
C PHE B 63 1.73 6.43 9.00
N ASP B 64 3.02 6.73 9.15
CA ASP B 64 3.49 8.08 9.49
C ASP B 64 3.08 9.12 8.44
N PHE B 65 2.70 8.72 7.22
CA PHE B 65 2.27 9.64 6.17
C PHE B 65 1.01 10.40 6.59
N LEU B 66 0.23 9.85 7.52
CA LEU B 66 -1.00 10.45 8.05
C LEU B 66 -0.67 11.62 8.98
N ARG B 67 0.57 11.73 9.45
CA ARG B 67 1.00 12.78 10.36
C ARG B 67 1.64 13.88 9.52
N PRO B 68 1.53 15.16 9.93
CA PRO B 68 2.10 16.28 9.18
C PRO B 68 3.63 16.23 9.02
N GLN B 69 4.34 15.42 9.81
CA GLN B 69 5.79 15.25 9.75
C GLN B 69 6.26 14.59 8.45
N HIS B 70 5.34 14.12 7.62
CA HIS B 70 5.62 13.49 6.34
C HIS B 70 5.18 14.46 5.24
N SER B 71 6.01 14.68 4.21
CA SER B 71 5.63 15.59 3.13
C SER B 71 4.37 15.11 2.40
N LEU B 72 4.27 13.78 2.23
CA LEU B 72 3.16 13.12 1.55
C LEU B 72 1.80 13.41 2.20
N PHE B 73 1.78 13.94 3.43
CA PHE B 73 0.57 14.31 4.15
C PHE B 73 -0.25 15.26 3.29
N ASN B 74 0.42 16.22 2.61
CA ASN B 74 -0.20 17.20 1.74
C ASN B 74 -0.89 16.56 0.53
N TYR B 75 -0.32 15.47 -0.01
CA TYR B 75 -0.90 14.78 -1.15
C TYR B 75 -2.17 14.06 -0.70
N PHE B 76 -2.08 13.35 0.42
CA PHE B 76 -3.18 12.59 0.99
C PHE B 76 -4.39 13.48 1.25
N THR B 77 -4.25 14.58 2.03
CA THR B 77 -5.36 15.49 2.31
C THR B 77 -6.01 15.93 0.99
N LYS B 78 -5.22 16.40 0.02
CA LYS B 78 -5.75 16.83 -1.27
C LYS B 78 -6.53 15.72 -1.97
N LEU B 79 -6.12 14.45 -1.84
CA LEU B 79 -6.84 13.35 -2.47
C LEU B 79 -8.20 13.21 -1.80
N VAL B 80 -8.28 13.25 -0.47
CA VAL B 80 -9.54 13.12 0.24
C VAL B 80 -10.48 14.24 -0.20
N GLU B 81 -10.01 15.49 -0.11
CA GLU B 81 -10.75 16.69 -0.46
C GLU B 81 -11.22 16.69 -1.93
N GLN B 82 -10.57 15.91 -2.79
CA GLN B 82 -10.91 15.79 -4.20
C GLN B 82 -11.93 14.65 -4.39
N TYR B 83 -11.94 13.64 -3.51
CA TYR B 83 -12.85 12.51 -3.56
C TYR B 83 -14.14 12.74 -2.76
N THR B 84 -14.13 13.63 -1.77
CA THR B 84 -15.31 13.93 -0.96
C THR B 84 -16.40 14.55 -1.82
N LYS B 85 -17.65 14.26 -1.47
CA LYS B 85 -18.84 14.76 -2.12
C LYS B 85 -19.96 14.46 -1.16
N GLY A 1 -3.11 -23.53 16.85
CA GLY A 1 -4.55 -23.59 16.62
C GLY A 1 -4.83 -23.11 15.22
N GLU A 2 -5.19 -21.83 15.07
CA GLU A 2 -5.47 -21.17 13.80
C GLU A 2 -6.54 -21.88 12.98
N LEU A 3 -7.75 -21.76 13.50
CA LEU A 3 -8.97 -22.33 12.96
C LEU A 3 -9.79 -21.18 12.36
N ASN A 4 -10.33 -21.40 11.16
CA ASN A 4 -11.12 -20.42 10.43
C ASN A 4 -12.25 -19.84 11.28
N ALA A 5 -12.48 -18.54 11.15
CA ALA A 5 -13.50 -17.78 11.84
C ALA A 5 -14.46 -17.15 10.84
N ILE A 6 -15.58 -16.63 11.32
CA ILE A 6 -16.60 -15.97 10.51
C ILE A 6 -16.77 -14.54 11.03
N SER A 7 -17.26 -13.64 10.17
CA SER A 7 -17.47 -12.24 10.48
C SER A 7 -18.39 -11.63 9.41
N GLY A 8 -18.64 -10.33 9.48
CA GLY A 8 -19.48 -9.54 8.57
C GLY A 8 -18.69 -8.39 7.94
N PRO A 9 -19.31 -7.62 7.02
CA PRO A 9 -18.68 -6.50 6.31
C PRO A 9 -18.34 -5.32 7.23
N ASN A 10 -17.05 -5.05 7.47
CA ASN A 10 -16.59 -3.96 8.33
C ASN A 10 -15.53 -3.13 7.64
N GLU A 11 -15.39 -1.85 8.03
CA GLU A 11 -14.41 -0.94 7.45
C GLU A 11 -12.98 -1.47 7.61
N PHE A 12 -12.56 -1.80 8.83
CA PHE A 12 -11.21 -2.31 9.07
C PHE A 12 -10.94 -3.65 8.41
N ALA A 13 -11.95 -4.50 8.28
CA ALA A 13 -11.78 -5.79 7.65
C ALA A 13 -11.41 -5.56 6.19
N GLU A 14 -12.20 -4.73 5.49
CA GLU A 14 -11.96 -4.43 4.10
C GLU A 14 -10.70 -3.59 3.91
N PHE A 15 -10.34 -2.77 4.90
CA PHE A 15 -9.14 -1.95 4.84
C PHE A 15 -7.92 -2.89 4.88
N TYR A 16 -7.86 -3.76 5.89
CA TYR A 16 -6.77 -4.70 6.04
C TYR A 16 -6.73 -5.69 4.87
N ASN A 17 -7.87 -5.99 4.22
CA ASN A 17 -7.95 -6.88 3.08
C ASN A 17 -7.10 -6.27 1.97
N ARG A 18 -7.43 -5.04 1.57
CA ARG A 18 -6.70 -4.32 0.52
C ARG A 18 -5.23 -4.20 0.93
N LEU A 19 -4.94 -3.89 2.19
CA LEU A 19 -3.54 -3.78 2.66
C LEU A 19 -2.78 -5.08 2.46
N LYS A 20 -3.42 -6.24 2.39
CA LYS A 20 -2.76 -7.52 2.19
C LYS A 20 -2.59 -7.75 0.69
N GLN A 21 -3.66 -7.51 -0.08
CA GLN A 21 -3.75 -7.68 -1.51
C GLN A 21 -2.68 -6.84 -2.26
N ILE A 22 -2.52 -5.57 -1.88
CA ILE A 22 -1.56 -4.67 -2.51
C ILE A 22 -0.13 -5.20 -2.30
N LYS A 23 0.19 -5.78 -1.14
CA LYS A 23 1.54 -6.29 -0.90
C LYS A 23 1.90 -7.32 -1.97
N GLU A 24 1.04 -8.32 -2.16
CA GLU A 24 1.21 -9.42 -3.10
C GLU A 24 1.42 -8.90 -4.51
N PHE A 25 0.70 -7.83 -4.88
CA PHE A 25 0.83 -7.24 -6.20
C PHE A 25 2.27 -6.80 -6.40
N HIS A 26 2.81 -6.02 -5.46
CA HIS A 26 4.19 -5.54 -5.52
C HIS A 26 5.20 -6.65 -5.19
N ARG A 27 4.78 -7.77 -4.58
CA ARG A 27 5.66 -8.89 -4.24
C ARG A 27 5.91 -9.77 -5.47
N LYS A 28 5.40 -9.42 -6.66
CA LYS A 28 5.58 -10.21 -7.87
C LYS A 28 6.12 -9.34 -8.99
N HIS A 29 6.69 -10.02 -10.00
CA HIS A 29 7.27 -9.41 -11.18
C HIS A 29 6.36 -9.71 -12.37
N PRO A 30 5.50 -8.77 -12.82
CA PRO A 30 4.63 -8.95 -13.98
C PRO A 30 5.44 -8.68 -15.27
N ASN A 31 4.82 -8.67 -16.45
CA ASN A 31 5.56 -8.37 -17.69
C ASN A 31 5.94 -6.87 -17.60
N GLU A 32 6.94 -6.42 -18.36
CA GLU A 32 7.35 -5.01 -18.33
C GLU A 32 6.26 -4.06 -18.84
N ILE A 33 6.53 -2.76 -18.67
CA ILE A 33 5.71 -1.62 -19.06
C ILE A 33 4.24 -1.87 -18.66
N CYS A 34 4.01 -2.19 -17.39
CA CYS A 34 2.68 -2.43 -16.85
C CYS A 34 2.17 -1.09 -16.34
N VAL A 35 0.85 -0.89 -16.34
CA VAL A 35 0.21 0.35 -15.91
C VAL A 35 -1.18 0.09 -15.31
N PRO A 36 -1.70 1.00 -14.46
CA PRO A 36 -3.04 0.87 -13.93
C PRO A 36 -4.01 1.28 -15.05
N MET A 37 -5.32 1.20 -14.83
CA MET A 37 -6.38 1.54 -15.81
C MET A 37 -6.41 0.63 -17.05
N SER A 38 -5.43 -0.27 -17.22
CA SER A 38 -5.29 -1.23 -18.31
C SER A 38 -4.53 -2.45 -17.79
N GLY B 1 3.36 -13.58 -44.73
CA GLY B 1 4.04 -14.04 -43.52
C GLY B 1 3.86 -13.02 -42.39
N ALA B 2 4.47 -13.29 -41.24
CA ALA B 2 4.43 -12.44 -40.05
C ALA B 2 5.75 -12.65 -39.29
N GLN B 3 6.04 -11.75 -38.36
CA GLN B 3 7.26 -11.83 -37.54
C GLN B 3 7.17 -12.93 -36.49
N VAL B 4 5.94 -13.22 -35.99
CA VAL B 4 5.65 -14.22 -34.96
C VAL B 4 6.29 -13.77 -33.63
N ILE B 5 5.98 -14.47 -32.54
CA ILE B 5 6.49 -14.22 -31.19
C ILE B 5 6.47 -15.58 -30.49
N GLN B 6 7.38 -15.81 -29.55
CA GLN B 6 7.48 -17.05 -28.80
C GLN B 6 7.79 -16.70 -27.34
N GLU B 7 6.94 -15.87 -26.70
CA GLU B 7 7.15 -15.51 -25.31
C GLU B 7 6.55 -16.62 -24.46
N THR B 8 7.40 -17.53 -24.02
CA THR B 8 7.07 -18.68 -23.18
C THR B 8 8.00 -18.72 -21.96
N ILE B 9 8.69 -17.62 -21.70
CA ILE B 9 9.63 -17.44 -20.61
C ILE B 9 8.81 -16.87 -19.44
N VAL B 10 9.16 -17.26 -18.22
CA VAL B 10 8.50 -16.82 -17.00
C VAL B 10 9.56 -16.58 -15.92
N PRO B 11 9.31 -15.67 -14.96
CA PRO B 11 10.26 -15.36 -13.90
C PRO B 11 10.39 -16.53 -12.92
N LYS B 12 11.24 -16.36 -11.92
CA LYS B 12 11.50 -17.34 -10.86
C LYS B 12 11.11 -16.72 -9.52
N GLU B 13 11.47 -17.39 -8.42
CA GLU B 13 11.22 -16.95 -7.06
C GLU B 13 12.58 -17.01 -6.36
N PRO B 14 13.54 -16.13 -6.74
CA PRO B 14 14.88 -16.08 -6.18
C PRO B 14 14.88 -15.63 -4.70
N PRO B 15 15.99 -15.81 -3.97
CA PRO B 15 16.11 -15.42 -2.58
C PRO B 15 15.92 -13.89 -2.37
N PRO B 16 15.64 -13.47 -1.12
CA PRO B 16 15.43 -12.07 -0.76
C PRO B 16 16.75 -11.29 -0.71
N GLU B 17 17.25 -10.97 -1.88
CA GLU B 17 18.50 -10.22 -2.08
C GLU B 17 18.28 -8.75 -2.45
N PHE B 18 17.02 -8.34 -2.46
CA PHE B 18 16.55 -7.01 -2.79
C PHE B 18 17.06 -5.99 -1.76
N GLU B 19 17.05 -4.72 -2.15
CA GLU B 19 17.49 -3.57 -1.39
C GLU B 19 16.39 -2.51 -1.35
N PHE B 20 16.74 -1.27 -0.98
CA PHE B 20 15.87 -0.12 -0.89
C PHE B 20 16.63 1.08 -1.46
N ILE B 21 15.95 2.21 -1.66
CA ILE B 21 16.55 3.41 -2.20
C ILE B 21 16.59 4.49 -1.11
N ALA B 22 17.76 5.10 -0.94
CA ALA B 22 17.99 6.15 0.03
C ALA B 22 17.31 7.43 -0.47
N ASP B 23 16.34 7.91 0.31
CA ASP B 23 15.49 9.11 0.14
C ASP B 23 15.29 9.44 -1.36
N PRO B 24 14.48 8.64 -2.07
CA PRO B 24 14.21 8.80 -3.50
C PRO B 24 13.47 10.10 -3.85
N PRO B 25 13.42 10.49 -5.13
CA PRO B 25 12.73 11.69 -5.57
C PRO B 25 11.20 11.51 -5.59
N SER B 26 10.69 10.29 -5.44
CA SER B 26 9.27 10.02 -5.44
C SER B 26 8.97 8.76 -4.63
N ILE B 27 7.70 8.61 -4.29
CA ILE B 27 7.15 7.51 -3.51
C ILE B 27 7.12 6.24 -4.38
N SER B 28 7.32 5.08 -3.75
CA SER B 28 7.29 3.82 -4.46
C SER B 28 5.82 3.45 -4.75
N ALA B 29 5.58 2.73 -5.83
CA ALA B 29 4.24 2.31 -6.28
C ALA B 29 3.41 1.57 -5.21
N PHE B 30 4.06 0.91 -4.25
CA PHE B 30 3.40 0.19 -3.17
C PHE B 30 2.81 1.24 -2.24
N ASP B 31 3.66 2.11 -1.68
CA ASP B 31 3.25 3.17 -0.75
C ASP B 31 2.20 4.05 -1.40
N LEU B 32 2.36 4.32 -2.69
CA LEU B 32 1.46 5.13 -3.50
C LEU B 32 0.02 4.64 -3.37
N ASP B 33 -0.18 3.33 -3.48
CA ASP B 33 -1.51 2.72 -3.38
C ASP B 33 -1.95 2.68 -1.91
N VAL B 34 -1.07 2.49 -0.93
CA VAL B 34 -1.50 2.48 0.49
C VAL B 34 -2.08 3.87 0.83
N VAL B 35 -1.51 4.95 0.29
CA VAL B 35 -2.01 6.30 0.51
C VAL B 35 -3.36 6.42 -0.20
N LYS B 36 -3.48 5.98 -1.46
CA LYS B 36 -4.74 6.04 -2.22
C LYS B 36 -5.84 5.24 -1.52
N LEU B 37 -5.53 4.02 -1.07
CA LEU B 37 -6.39 3.09 -0.37
C LEU B 37 -6.96 3.81 0.85
N THR B 38 -6.08 4.27 1.73
CA THR B 38 -6.49 4.96 2.93
C THR B 38 -7.35 6.19 2.58
N ALA B 39 -6.93 7.01 1.62
CA ALA B 39 -7.64 8.21 1.21
C ALA B 39 -9.04 7.87 0.65
N GLN B 40 -9.23 6.72 0.00
CA GLN B 40 -10.51 6.31 -0.55
C GLN B 40 -11.50 6.02 0.58
N PHE B 41 -11.08 5.22 1.56
CA PHE B 41 -11.92 4.82 2.69
C PHE B 41 -12.31 6.02 3.55
N VAL B 42 -11.40 6.94 3.85
CA VAL B 42 -11.69 8.11 4.67
C VAL B 42 -12.64 9.08 3.93
N ALA B 43 -12.60 9.12 2.60
CA ALA B 43 -13.47 9.98 1.80
C ALA B 43 -14.87 9.37 1.64
N ARG B 44 -14.99 8.05 1.83
CA ARG B 44 -16.23 7.32 1.73
C ARG B 44 -16.96 7.38 3.07
N ASN B 45 -16.33 6.85 4.12
CA ASN B 45 -16.93 6.80 5.45
C ASN B 45 -16.97 8.18 6.07
N GLY B 46 -15.83 8.85 6.16
CA GLY B 46 -15.70 10.18 6.74
C GLY B 46 -14.42 10.27 7.59
N ARG B 47 -14.24 11.43 8.22
CA ARG B 47 -13.08 11.72 9.06
C ARG B 47 -12.97 10.76 10.24
N GLN B 48 -14.08 10.27 10.79
CA GLN B 48 -14.09 9.33 11.92
C GLN B 48 -13.17 8.16 11.62
N PHE B 49 -13.32 7.52 10.44
CA PHE B 49 -12.50 6.38 10.05
C PHE B 49 -11.00 6.74 10.03
N LEU B 50 -10.66 7.95 9.56
CA LEU B 50 -9.27 8.42 9.50
C LEU B 50 -8.74 8.48 10.93
N THR B 51 -9.48 9.15 11.83
CA THR B 51 -9.05 9.27 13.20
C THR B 51 -8.87 7.89 13.82
N GLN B 52 -9.80 6.95 13.61
CA GLN B 52 -9.68 5.62 14.17
C GLN B 52 -8.35 4.97 13.77
N LEU B 53 -7.91 5.15 12.52
CA LEU B 53 -6.63 4.59 12.06
C LEU B 53 -5.51 5.22 12.87
N MET B 54 -5.49 6.55 13.00
CA MET B 54 -4.46 7.27 13.76
C MET B 54 -4.42 6.82 15.22
N GLN B 55 -5.47 6.17 15.73
CA GLN B 55 -5.60 5.66 17.08
C GLN B 55 -5.19 4.18 17.19
N LYS B 56 -5.76 3.27 16.40
CA LYS B 56 -5.42 1.84 16.47
C LYS B 56 -4.01 1.53 15.96
N GLU B 57 -3.46 2.36 15.07
CA GLU B 57 -2.12 2.22 14.51
C GLU B 57 -1.24 3.38 15.00
N GLN B 58 -1.58 4.03 16.11
CA GLN B 58 -0.85 5.18 16.68
C GLN B 58 0.66 5.00 16.85
N ARG B 59 1.17 3.79 17.01
CA ARG B 59 2.61 3.54 17.17
C ARG B 59 3.21 2.91 15.90
N ASN B 60 2.41 2.66 14.87
CA ASN B 60 2.89 2.07 13.64
C ASN B 60 3.31 3.19 12.69
N TYR B 61 4.62 3.28 12.49
CA TYR B 61 5.26 4.26 11.61
C TYR B 61 4.74 4.15 10.17
N GLN B 62 4.18 3.00 9.74
CA GLN B 62 3.67 2.84 8.38
C GLN B 62 2.48 3.79 8.10
N PHE B 63 1.89 4.36 9.15
CA PHE B 63 0.77 5.30 9.10
C PHE B 63 1.26 6.74 9.36
N ASP B 64 2.57 6.97 9.48
CA ASP B 64 3.15 8.29 9.74
C ASP B 64 2.83 9.30 8.63
N PHE B 65 2.47 8.85 7.41
CA PHE B 65 2.12 9.77 6.33
C PHE B 65 0.84 10.54 6.65
N LEU B 66 0.01 10.02 7.55
CA LEU B 66 -1.24 10.67 7.97
C LEU B 66 -0.91 11.88 8.86
N ARG B 67 0.32 11.98 9.38
CA ARG B 67 0.75 13.09 10.23
C ARG B 67 1.47 14.11 9.37
N PRO B 68 1.35 15.41 9.69
CA PRO B 68 1.99 16.48 8.92
C PRO B 68 3.52 16.42 8.87
N GLN B 69 4.15 15.64 9.73
CA GLN B 69 5.60 15.49 9.74
C GLN B 69 6.12 14.88 8.43
N HIS B 70 5.29 14.16 7.68
CA HIS B 70 5.66 13.53 6.43
C HIS B 70 5.27 14.45 5.27
N SER B 71 6.14 14.61 4.27
CA SER B 71 5.86 15.45 3.08
C SER B 71 4.56 14.95 2.41
N LEU B 72 4.37 13.62 2.37
CA LEU B 72 3.22 12.94 1.78
C LEU B 72 1.88 13.41 2.35
N PHE B 73 1.84 14.07 3.51
CA PHE B 73 0.62 14.59 4.10
C PHE B 73 -0.13 15.45 3.06
N ASN B 74 0.64 16.21 2.26
CA ASN B 74 0.16 17.11 1.21
C ASN B 74 -0.50 16.36 0.05
N TYR B 75 -0.05 15.13 -0.24
CA TYR B 75 -0.57 14.29 -1.30
C TYR B 75 -1.85 13.64 -0.78
N PHE B 76 -1.78 12.99 0.39
CA PHE B 76 -2.93 12.33 1.01
C PHE B 76 -4.11 13.28 1.18
N THR B 77 -3.92 14.43 1.82
CA THR B 77 -5.01 15.38 2.04
C THR B 77 -5.69 15.76 0.71
N LYS B 78 -4.91 16.00 -0.35
CA LYS B 78 -5.49 16.33 -1.65
C LYS B 78 -6.33 15.18 -2.14
N LEU B 79 -5.83 13.94 -2.04
CA LEU B 79 -6.57 12.77 -2.49
C LEU B 79 -7.92 12.67 -1.79
N VAL B 80 -7.98 12.81 -0.46
CA VAL B 80 -9.24 12.72 0.28
C VAL B 80 -10.22 13.75 -0.26
N GLU B 81 -9.79 15.01 -0.33
CA GLU B 81 -10.62 16.11 -0.80
C GLU B 81 -11.13 15.83 -2.22
N GLN B 82 -10.26 15.38 -3.14
CA GLN B 82 -10.62 15.05 -4.52
C GLN B 82 -11.60 13.89 -4.58
N TYR B 83 -11.49 12.94 -3.66
CA TYR B 83 -12.38 11.79 -3.60
C TYR B 83 -13.72 12.18 -3.00
N THR B 84 -13.73 13.03 -1.98
CA THR B 84 -14.99 13.45 -1.37
C THR B 84 -15.81 14.26 -2.35
N LYS B 85 -17.12 14.35 -2.09
CA LYS B 85 -18.01 15.12 -2.93
C LYS B 85 -19.12 15.58 -2.03
N GLY A 1 -7.20 -13.85 26.35
CA GLY A 1 -7.83 -14.28 25.09
C GLY A 1 -8.39 -15.67 25.31
N GLU A 2 -9.52 -15.75 25.99
CA GLU A 2 -10.18 -17.00 26.34
C GLU A 2 -11.09 -17.37 25.17
N LEU A 3 -11.99 -16.48 24.78
CA LEU A 3 -12.91 -16.66 23.67
C LEU A 3 -12.97 -15.33 22.91
N ASN A 4 -13.41 -15.35 21.66
CA ASN A 4 -13.54 -14.17 20.81
C ASN A 4 -14.96 -14.19 20.25
N ALA A 5 -15.85 -13.40 20.82
CA ALA A 5 -17.23 -13.34 20.34
C ALA A 5 -17.22 -12.76 18.94
N ILE A 6 -18.11 -13.26 18.09
CA ILE A 6 -18.23 -12.81 16.72
C ILE A 6 -18.83 -11.40 16.70
N SER A 7 -18.48 -10.61 15.69
CA SER A 7 -18.95 -9.26 15.42
C SER A 7 -18.92 -9.11 13.89
N GLY A 8 -19.34 -7.97 13.36
CA GLY A 8 -19.32 -7.76 11.92
C GLY A 8 -17.87 -7.62 11.41
N PRO A 9 -17.65 -7.78 10.10
CA PRO A 9 -16.34 -7.67 9.47
C PRO A 9 -15.78 -6.27 9.69
N ASN A 10 -16.61 -5.26 9.40
CA ASN A 10 -16.37 -3.82 9.51
C ASN A 10 -15.67 -3.24 8.29
N GLU A 11 -15.42 -1.94 8.33
CA GLU A 11 -14.72 -1.20 7.29
C GLU A 11 -13.26 -1.67 7.35
N PHE A 12 -12.77 -1.97 8.57
CA PHE A 12 -11.42 -2.44 8.79
C PHE A 12 -11.18 -3.76 8.08
N ALA A 13 -12.18 -4.64 7.99
CA ALA A 13 -12.05 -5.92 7.30
C ALA A 13 -11.70 -5.69 5.84
N GLU A 14 -12.47 -4.84 5.17
CA GLU A 14 -12.30 -4.48 3.77
C GLU A 14 -10.94 -3.78 3.59
N PHE A 15 -10.62 -2.86 4.49
CA PHE A 15 -9.38 -2.09 4.48
C PHE A 15 -8.18 -3.03 4.56
N TYR A 16 -8.13 -3.92 5.57
CA TYR A 16 -7.04 -4.87 5.72
C TYR A 16 -6.98 -5.82 4.54
N ASN A 17 -8.11 -6.11 3.87
CA ASN A 17 -8.13 -6.99 2.70
C ASN A 17 -7.34 -6.27 1.61
N ARG A 18 -7.63 -4.99 1.34
CA ARG A 18 -6.89 -4.23 0.33
C ARG A 18 -5.42 -4.16 0.72
N LEU A 19 -5.08 -3.96 2.01
CA LEU A 19 -3.67 -3.92 2.43
C LEU A 19 -2.98 -5.23 2.05
N LYS A 20 -3.65 -6.36 2.29
CA LYS A 20 -3.15 -7.69 1.96
C LYS A 20 -3.01 -7.82 0.45
N GLN A 21 -3.94 -7.28 -0.35
CA GLN A 21 -3.91 -7.35 -1.80
C GLN A 21 -2.75 -6.54 -2.38
N ILE A 22 -2.46 -5.35 -1.86
CA ILE A 22 -1.35 -4.51 -2.34
C ILE A 22 -0.05 -5.28 -2.11
N LYS A 23 0.10 -5.88 -0.92
CA LYS A 23 1.27 -6.65 -0.57
C LYS A 23 1.55 -7.71 -1.65
N GLU A 24 0.54 -8.47 -2.07
CA GLU A 24 0.69 -9.53 -3.08
C GLU A 24 1.16 -9.00 -4.43
N PHE A 25 0.84 -7.74 -4.74
CA PHE A 25 1.23 -7.12 -6.00
C PHE A 25 2.76 -7.05 -6.04
N HIS A 26 3.34 -6.36 -5.07
CA HIS A 26 4.78 -6.19 -4.96
C HIS A 26 5.50 -7.49 -4.58
N ARG A 27 4.79 -8.51 -4.08
CA ARG A 27 5.35 -9.80 -3.72
C ARG A 27 5.73 -10.62 -4.95
N LYS A 28 5.27 -10.23 -6.15
CA LYS A 28 5.56 -10.96 -7.37
C LYS A 28 6.70 -10.31 -8.16
N HIS A 29 7.26 -11.07 -9.08
CA HIS A 29 8.33 -10.62 -9.96
C HIS A 29 7.65 -9.90 -11.14
N PRO A 30 8.30 -8.92 -11.78
CA PRO A 30 7.71 -8.21 -12.91
C PRO A 30 7.62 -9.12 -14.14
N ASN A 31 6.88 -8.68 -15.16
CA ASN A 31 6.69 -9.42 -16.40
C ASN A 31 7.83 -9.09 -17.36
N GLU A 32 8.33 -10.06 -18.13
CA GLU A 32 9.43 -9.80 -19.07
C GLU A 32 9.47 -10.77 -20.26
N ILE A 33 8.35 -11.43 -20.59
CA ILE A 33 8.25 -12.37 -21.71
C ILE A 33 8.16 -11.59 -23.04
N CYS A 34 9.29 -11.16 -23.61
CA CYS A 34 9.34 -10.44 -24.88
C CYS A 34 8.93 -11.39 -26.01
N VAL A 35 7.98 -11.01 -26.84
CA VAL A 35 7.48 -11.82 -27.95
C VAL A 35 7.24 -10.97 -29.22
N PRO A 36 7.18 -11.58 -30.43
CA PRO A 36 6.93 -10.86 -31.66
C PRO A 36 5.41 -10.56 -31.71
N MET A 37 4.99 -9.50 -31.00
CA MET A 37 3.61 -9.06 -30.90
C MET A 37 2.95 -8.90 -32.27
N SER A 38 3.68 -8.38 -33.25
CA SER A 38 3.23 -8.17 -34.61
C SER A 38 2.81 -9.51 -35.23
N GLY B 1 4.42 -33.37 -0.74
CA GLY B 1 5.09 -34.67 -0.83
C GLY B 1 6.60 -34.60 -0.56
N ALA B 2 7.06 -33.54 0.11
CA ALA B 2 8.45 -33.33 0.46
C ALA B 2 8.56 -33.07 1.97
N GLN B 3 9.77 -33.08 2.51
CA GLN B 3 10.08 -32.83 3.91
C GLN B 3 11.45 -32.16 3.88
N VAL B 4 11.57 -30.96 4.44
CA VAL B 4 12.82 -30.20 4.48
C VAL B 4 12.95 -29.58 5.86
N ILE B 5 14.18 -29.25 6.27
CA ILE B 5 14.46 -28.64 7.56
C ILE B 5 14.07 -27.16 7.43
N GLN B 6 12.80 -26.87 7.67
CA GLN B 6 12.20 -25.54 7.60
C GLN B 6 11.29 -25.37 8.83
N GLU B 7 11.84 -25.74 9.99
CA GLU B 7 11.22 -25.70 11.32
C GLU B 7 12.22 -25.20 12.39
N THR B 8 13.34 -24.61 11.97
CA THR B 8 14.41 -24.06 12.80
C THR B 8 14.57 -22.57 12.41
N ILE B 9 15.44 -21.81 13.09
CA ILE B 9 15.67 -20.40 12.83
C ILE B 9 17.18 -20.15 12.72
N VAL B 10 17.57 -18.90 12.42
CA VAL B 10 18.95 -18.47 12.29
C VAL B 10 19.10 -17.13 13.03
N PRO B 11 20.27 -16.80 13.61
CA PRO B 11 20.45 -15.54 14.33
C PRO B 11 20.43 -14.37 13.34
N LYS B 12 19.50 -13.42 13.49
CA LYS B 12 19.39 -12.26 12.58
C LYS B 12 19.30 -10.94 13.34
N GLU B 13 20.19 -10.73 14.30
CA GLU B 13 20.23 -9.52 15.13
C GLU B 13 21.61 -8.85 15.00
N PRO B 14 21.87 -8.16 13.87
CA PRO B 14 23.12 -7.44 13.64
C PRO B 14 23.15 -6.12 14.43
N PRO B 15 24.33 -5.51 14.62
CA PRO B 15 24.46 -4.25 15.34
C PRO B 15 23.77 -3.11 14.55
N PRO B 16 23.48 -1.96 15.19
CA PRO B 16 22.82 -0.84 14.52
C PRO B 16 23.82 -0.21 13.54
N GLU B 17 23.46 -0.20 12.27
CA GLU B 17 24.29 0.36 11.19
C GLU B 17 23.46 1.26 10.27
N PHE B 18 22.32 1.73 10.77
CA PHE B 18 21.38 2.60 10.08
C PHE B 18 22.01 3.99 10.01
N GLU B 19 22.30 4.46 8.81
CA GLU B 19 22.89 5.77 8.54
C GLU B 19 21.76 6.81 8.49
N PHE B 20 22.11 8.07 8.31
CA PHE B 20 21.17 9.18 8.20
C PHE B 20 20.56 9.14 6.80
N ILE B 21 19.45 9.85 6.59
CA ILE B 21 18.75 9.94 5.32
C ILE B 21 18.64 11.43 5.03
N ALA B 22 19.14 11.84 3.87
CA ALA B 22 19.16 13.21 3.40
C ALA B 22 18.74 13.29 1.95
N ASP B 23 17.72 14.10 1.70
CA ASP B 23 17.08 14.38 0.41
C ASP B 23 16.77 13.06 -0.32
N PRO B 24 15.87 12.23 0.24
CA PRO B 24 15.48 10.94 -0.32
C PRO B 24 14.76 11.04 -1.68
N PRO B 25 14.69 9.92 -2.44
CA PRO B 25 14.05 9.86 -3.75
C PRO B 25 12.52 9.84 -3.63
N SER B 26 11.83 9.53 -4.74
CA SER B 26 10.38 9.45 -4.83
C SER B 26 9.83 8.31 -3.95
N ILE B 27 8.50 8.30 -3.82
CA ILE B 27 7.75 7.33 -3.03
C ILE B 27 7.74 5.98 -3.73
N SER B 28 7.73 4.90 -2.95
CA SER B 28 7.70 3.55 -3.50
C SER B 28 6.32 3.31 -4.12
N ALA B 29 6.22 2.45 -5.12
CA ALA B 29 4.98 2.12 -5.80
C ALA B 29 3.96 1.53 -4.80
N PHE B 30 4.45 0.82 -3.78
CA PHE B 30 3.64 0.22 -2.74
C PHE B 30 3.06 1.33 -1.87
N ASP B 31 3.91 2.20 -1.30
CA ASP B 31 3.50 3.29 -0.43
C ASP B 31 2.44 4.15 -1.11
N LEU B 32 2.65 4.46 -2.39
CA LEU B 32 1.76 5.24 -3.25
C LEU B 32 0.36 4.63 -3.27
N ASP B 33 0.29 3.32 -3.49
CA ASP B 33 -0.97 2.57 -3.55
C ASP B 33 -1.69 2.65 -2.19
N VAL B 34 -0.94 2.55 -1.09
CA VAL B 34 -1.49 2.61 0.26
C VAL B 34 -2.04 4.02 0.54
N VAL B 35 -1.39 5.11 0.07
CA VAL B 35 -1.91 6.46 0.29
C VAL B 35 -3.25 6.56 -0.45
N LYS B 36 -3.30 6.11 -1.70
CA LYS B 36 -4.52 6.15 -2.51
C LYS B 36 -5.63 5.36 -1.80
N LEU B 37 -5.35 4.13 -1.36
CA LEU B 37 -6.27 3.25 -0.65
C LEU B 37 -6.83 3.98 0.57
N THR B 38 -5.95 4.44 1.46
CA THR B 38 -6.34 5.13 2.68
C THR B 38 -7.21 6.36 2.35
N ALA B 39 -6.80 7.19 1.39
CA ALA B 39 -7.54 8.39 1.01
C ALA B 39 -8.96 8.07 0.48
N GLN B 40 -9.15 6.91 -0.14
CA GLN B 40 -10.45 6.49 -0.66
C GLN B 40 -11.41 6.20 0.50
N PHE B 41 -10.97 5.34 1.43
CA PHE B 41 -11.76 4.92 2.58
C PHE B 41 -12.05 6.07 3.54
N VAL B 42 -11.08 6.94 3.85
CA VAL B 42 -11.31 8.06 4.77
C VAL B 42 -12.34 9.03 4.21
N ALA B 43 -12.43 9.16 2.88
CA ALA B 43 -13.40 10.06 2.27
C ALA B 43 -14.80 9.46 2.46
N ARG B 44 -14.95 8.18 2.09
CA ARG B 44 -16.21 7.45 2.17
C ARG B 44 -16.74 7.27 3.58
N ASN B 45 -15.90 6.77 4.48
CA ASN B 45 -16.24 6.50 5.87
C ASN B 45 -16.20 7.79 6.71
N GLY B 46 -15.52 8.82 6.23
CA GLY B 46 -15.40 10.10 6.89
C GLY B 46 -14.19 10.17 7.83
N ARG B 47 -13.99 11.35 8.41
CA ARG B 47 -12.90 11.65 9.34
C ARG B 47 -12.83 10.67 10.50
N GLN B 48 -13.96 10.15 10.99
CA GLN B 48 -13.96 9.22 12.12
C GLN B 48 -13.02 8.05 11.85
N PHE B 49 -13.19 7.38 10.70
CA PHE B 49 -12.38 6.25 10.27
C PHE B 49 -10.89 6.63 10.21
N LEU B 50 -10.61 7.85 9.73
CA LEU B 50 -9.25 8.37 9.62
C LEU B 50 -8.67 8.42 11.02
N THR B 51 -9.35 9.08 11.95
CA THR B 51 -8.89 9.20 13.32
C THR B 51 -8.68 7.81 13.93
N GLN B 52 -9.62 6.87 13.74
CA GLN B 52 -9.48 5.54 14.29
C GLN B 52 -8.17 4.91 13.84
N LEU B 53 -7.79 5.06 12.56
CA LEU B 53 -6.53 4.53 12.05
C LEU B 53 -5.37 5.22 12.78
N MET B 54 -5.42 6.55 12.90
CA MET B 54 -4.40 7.34 13.60
C MET B 54 -4.29 6.96 15.08
N GLN B 55 -5.30 6.29 15.64
CA GLN B 55 -5.35 5.82 17.02
C GLN B 55 -4.85 4.38 17.14
N LYS B 56 -5.51 3.41 16.47
CA LYS B 56 -5.12 2.00 16.54
C LYS B 56 -3.72 1.75 16.02
N GLU B 57 -3.24 2.54 15.05
CA GLU B 57 -1.90 2.40 14.48
C GLU B 57 -1.00 3.60 14.83
N GLN B 58 -1.30 4.30 15.93
CA GLN B 58 -0.53 5.46 16.38
C GLN B 58 0.96 5.14 16.64
N ARG B 59 1.30 3.86 16.87
CA ARG B 59 2.67 3.41 17.13
C ARG B 59 3.28 2.72 15.92
N ASN B 60 2.56 2.58 14.80
CA ASN B 60 3.06 1.93 13.60
C ASN B 60 3.49 2.95 12.56
N TYR B 61 4.79 2.97 12.24
CA TYR B 61 5.37 3.88 11.27
C TYR B 61 4.69 3.76 9.90
N GLN B 62 4.10 2.62 9.54
CA GLN B 62 3.44 2.43 8.24
C GLN B 62 2.27 3.39 8.03
N PHE B 63 1.77 4.01 9.10
CA PHE B 63 0.68 4.97 9.11
C PHE B 63 1.18 6.37 9.51
N ASP B 64 2.49 6.63 9.46
CA ASP B 64 3.07 7.93 9.80
C ASP B 64 2.71 9.01 8.78
N PHE B 65 2.46 8.63 7.52
CA PHE B 65 2.11 9.56 6.45
C PHE B 65 0.80 10.31 6.74
N LEU B 66 -0.03 9.79 7.65
CA LEU B 66 -1.30 10.40 8.05
C LEU B 66 -1.07 11.68 8.84
N ARG B 67 0.15 11.96 9.31
CA ARG B 67 0.46 13.16 10.08
C ARG B 67 1.14 14.18 9.18
N PRO B 68 0.99 15.49 9.47
CA PRO B 68 1.60 16.56 8.66
C PRO B 68 3.13 16.53 8.63
N GLN B 69 3.75 15.74 9.50
CA GLN B 69 5.18 15.52 9.65
C GLN B 69 5.79 14.80 8.43
N HIS B 70 4.97 14.38 7.46
CA HIS B 70 5.35 13.69 6.24
C HIS B 70 5.02 14.60 5.05
N SER B 71 5.89 14.68 4.04
CA SER B 71 5.67 15.51 2.85
C SER B 71 4.45 15.03 2.08
N LEU B 72 4.18 13.72 2.15
CA LEU B 72 3.05 13.06 1.50
C LEU B 72 1.71 13.51 2.07
N PHE B 73 1.68 14.13 3.25
CA PHE B 73 0.43 14.59 3.85
C PHE B 73 -0.32 15.54 2.91
N ASN B 74 0.40 16.43 2.22
CA ASN B 74 -0.21 17.38 1.29
C ASN B 74 -0.88 16.62 0.13
N TYR B 75 -0.25 15.57 -0.39
CA TYR B 75 -0.78 14.75 -1.47
C TYR B 75 -2.02 13.98 -0.96
N PHE B 76 -1.95 13.45 0.26
CA PHE B 76 -3.03 12.71 0.88
C PHE B 76 -4.27 13.60 1.04
N THR B 77 -4.16 14.77 1.67
CA THR B 77 -5.33 15.65 1.85
C THR B 77 -5.93 15.94 0.48
N LYS B 78 -5.12 16.31 -0.53
CA LYS B 78 -5.58 16.59 -1.88
C LYS B 78 -6.40 15.44 -2.45
N LEU B 79 -6.08 14.19 -2.13
CA LEU B 79 -6.84 13.03 -2.60
C LEU B 79 -8.16 12.92 -1.84
N VAL B 80 -8.17 13.05 -0.51
CA VAL B 80 -9.41 12.95 0.27
C VAL B 80 -10.43 13.94 -0.25
N GLU B 81 -10.04 15.20 -0.49
CA GLU B 81 -10.91 16.26 -0.98
C GLU B 81 -11.57 15.89 -2.31
N GLN B 82 -10.83 15.22 -3.19
CA GLN B 82 -11.33 14.79 -4.49
C GLN B 82 -12.22 13.57 -4.34
N TYR B 83 -11.91 12.68 -3.40
CA TYR B 83 -12.72 11.48 -3.17
C TYR B 83 -14.05 11.87 -2.50
N THR B 84 -14.05 12.86 -1.59
CA THR B 84 -15.27 13.29 -0.90
C THR B 84 -16.23 13.94 -1.89
N LYS B 85 -17.53 13.68 -1.75
CA LYS B 85 -18.52 14.28 -2.64
C LYS B 85 -19.81 14.49 -1.87
N GLY A 1 -16.33 -23.29 -1.66
CA GLY A 1 -15.98 -24.32 -0.69
C GLY A 1 -15.60 -23.65 0.62
N GLU A 2 -14.32 -23.65 0.97
CA GLU A 2 -13.79 -23.03 2.18
C GLU A 2 -12.40 -22.52 1.83
N LEU A 3 -12.30 -21.26 1.41
CA LEU A 3 -11.04 -20.63 1.06
C LEU A 3 -11.23 -19.12 1.06
N ASN A 4 -12.03 -18.60 0.12
CA ASN A 4 -12.29 -17.16 0.02
C ASN A 4 -13.02 -16.65 1.26
N ALA A 5 -12.82 -15.37 1.58
CA ALA A 5 -13.44 -14.69 2.71
C ALA A 5 -14.84 -14.20 2.29
N ILE A 6 -15.31 -13.10 2.90
CA ILE A 6 -16.58 -12.45 2.66
C ILE A 6 -16.41 -10.93 2.73
N SER A 7 -17.44 -10.18 2.32
CA SER A 7 -17.45 -8.73 2.34
C SER A 7 -18.65 -8.31 3.21
N GLY A 8 -18.39 -7.71 4.37
CA GLY A 8 -19.37 -7.24 5.33
C GLY A 8 -19.09 -5.79 5.71
N PRO A 9 -19.97 -5.14 6.49
CA PRO A 9 -19.81 -3.75 6.91
C PRO A 9 -18.60 -3.44 7.78
N ASN A 10 -17.82 -4.43 8.22
CA ASN A 10 -16.62 -4.21 9.04
C ASN A 10 -15.60 -3.59 8.10
N GLU A 11 -15.52 -2.26 8.10
CA GLU A 11 -14.63 -1.50 7.25
C GLU A 11 -13.17 -1.91 7.44
N PHE A 12 -12.74 -2.14 8.69
CA PHE A 12 -11.37 -2.54 8.95
C PHE A 12 -11.03 -3.82 8.17
N ALA A 13 -12.01 -4.72 7.99
CA ALA A 13 -11.85 -5.96 7.25
C ALA A 13 -11.51 -5.68 5.79
N GLU A 14 -12.35 -4.88 5.11
CA GLU A 14 -12.17 -4.52 3.70
C GLU A 14 -10.83 -3.78 3.53
N PHE A 15 -10.51 -2.88 4.45
CA PHE A 15 -9.26 -2.13 4.43
C PHE A 15 -8.08 -3.10 4.34
N TYR A 16 -8.01 -4.05 5.27
CA TYR A 16 -6.94 -5.03 5.30
C TYR A 16 -6.98 -5.95 4.08
N ASN A 17 -8.15 -6.17 3.45
CA ASN A 17 -8.27 -7.00 2.25
C ASN A 17 -7.54 -6.28 1.11
N ARG A 18 -7.81 -4.98 0.93
CA ARG A 18 -7.16 -4.17 -0.11
C ARG A 18 -5.67 -4.05 0.20
N LEU A 19 -5.29 -3.91 1.47
CA LEU A 19 -3.86 -3.84 1.83
C LEU A 19 -3.17 -5.11 1.40
N LYS A 20 -3.82 -6.27 1.57
CA LYS A 20 -3.28 -7.56 1.19
C LYS A 20 -2.98 -7.57 -0.31
N GLN A 21 -3.87 -7.02 -1.13
CA GLN A 21 -3.69 -6.96 -2.58
C GLN A 21 -2.35 -6.28 -2.91
N ILE A 22 -2.12 -5.07 -2.40
CA ILE A 22 -0.89 -4.32 -2.64
C ILE A 22 0.32 -5.12 -2.14
N LYS A 23 0.26 -5.56 -0.88
CA LYS A 23 1.31 -6.32 -0.21
C LYS A 23 1.74 -7.56 -0.98
N GLU A 24 0.83 -8.50 -1.23
CA GLU A 24 1.07 -9.76 -1.92
C GLU A 24 1.67 -9.53 -3.29
N PHE A 25 1.11 -8.56 -4.02
CA PHE A 25 1.61 -8.22 -5.35
C PHE A 25 3.11 -7.98 -5.24
N HIS A 26 3.53 -7.07 -4.35
CA HIS A 26 4.95 -6.77 -4.18
C HIS A 26 5.69 -7.92 -3.47
N ARG A 27 5.01 -8.83 -2.77
CA ARG A 27 5.61 -9.98 -2.08
C ARG A 27 6.02 -11.04 -3.10
N LYS A 28 5.58 -10.96 -4.35
CA LYS A 28 5.92 -11.91 -5.40
C LYS A 28 6.51 -11.21 -6.60
N HIS A 29 6.10 -9.97 -6.89
CA HIS A 29 6.56 -9.18 -8.01
C HIS A 29 6.85 -7.76 -7.50
N PRO A 30 8.08 -7.45 -7.06
CA PRO A 30 8.42 -6.12 -6.55
C PRO A 30 8.58 -5.07 -7.66
N ASN A 31 8.54 -5.48 -8.95
CA ASN A 31 8.69 -4.66 -10.14
C ASN A 31 9.87 -3.71 -10.00
N GLU A 32 11.06 -4.31 -9.83
CA GLU A 32 12.33 -3.61 -9.65
C GLU A 32 13.10 -3.42 -10.97
N ILE A 33 12.50 -3.84 -12.10
CA ILE A 33 13.02 -3.75 -13.45
C ILE A 33 14.36 -4.50 -13.55
N CYS A 34 14.27 -5.83 -13.63
CA CYS A 34 15.38 -6.78 -13.73
C CYS A 34 16.13 -6.90 -12.40
N VAL A 35 16.86 -5.86 -12.06
CA VAL A 35 17.68 -5.71 -10.85
C VAL A 35 17.74 -4.23 -10.45
N PRO A 36 17.88 -3.92 -9.15
CA PRO A 36 17.96 -2.55 -8.68
C PRO A 36 19.33 -1.98 -9.07
N MET A 37 19.35 -0.98 -9.96
CA MET A 37 20.57 -0.32 -10.43
C MET A 37 20.39 1.18 -10.18
N SER A 38 20.12 1.55 -8.94
CA SER A 38 19.92 2.91 -8.48
C SER A 38 20.66 3.10 -7.17
N GLY B 1 -4.09 -21.40 -19.61
CA GLY B 1 -4.14 -22.21 -18.40
C GLY B 1 -3.00 -23.22 -18.31
N ALA B 2 -2.03 -23.19 -19.22
CA ALA B 2 -0.91 -24.09 -19.21
C ALA B 2 0.08 -23.55 -18.17
N GLN B 3 -0.19 -23.86 -16.91
CA GLN B 3 0.61 -23.49 -15.74
C GLN B 3 0.94 -24.75 -14.92
N VAL B 4 0.78 -25.95 -15.51
CA VAL B 4 1.06 -27.22 -14.87
C VAL B 4 2.58 -27.47 -14.79
N ILE B 5 3.37 -26.77 -15.60
CA ILE B 5 4.83 -26.90 -15.63
C ILE B 5 5.46 -25.89 -14.67
N GLN B 6 6.54 -26.30 -14.02
CA GLN B 6 7.36 -25.56 -13.06
C GLN B 6 8.81 -25.99 -13.26
N GLU B 7 9.17 -26.23 -14.51
CA GLU B 7 10.48 -26.68 -14.99
C GLU B 7 11.44 -25.53 -15.23
N THR B 8 10.95 -24.29 -15.26
CA THR B 8 11.82 -23.13 -15.47
C THR B 8 12.69 -22.92 -14.23
N ILE B 9 13.92 -22.48 -14.44
CA ILE B 9 14.91 -22.21 -13.40
C ILE B 9 15.53 -20.83 -13.64
N VAL B 10 16.26 -20.31 -12.65
CA VAL B 10 16.91 -19.01 -12.74
C VAL B 10 18.35 -19.11 -12.21
N PRO B 11 19.28 -18.24 -12.67
CA PRO B 11 20.66 -18.26 -12.22
C PRO B 11 20.77 -17.76 -10.77
N LYS B 12 21.96 -17.87 -10.17
CA LYS B 12 22.24 -17.45 -8.79
C LYS B 12 23.42 -16.47 -8.79
N GLU B 13 23.21 -15.29 -9.36
CA GLU B 13 24.22 -14.23 -9.44
C GLU B 13 24.54 -13.70 -8.03
N PRO B 14 25.76 -13.18 -7.77
CA PRO B 14 26.12 -12.67 -6.46
C PRO B 14 25.44 -11.30 -6.18
N PRO B 15 25.36 -10.87 -4.91
CA PRO B 15 24.75 -9.59 -4.54
C PRO B 15 25.61 -8.42 -5.05
N PRO B 16 25.04 -7.20 -5.14
CA PRO B 16 25.76 -6.02 -5.59
C PRO B 16 26.77 -5.56 -4.54
N GLU B 17 27.62 -4.61 -4.90
CA GLU B 17 28.66 -4.03 -4.06
C GLU B 17 28.57 -2.50 -4.16
N PHE B 18 27.36 -1.96 -4.22
CA PHE B 18 27.06 -0.55 -4.34
C PHE B 18 26.54 -0.01 -3.01
N GLU B 19 26.45 1.31 -2.89
CA GLU B 19 25.97 1.93 -1.66
C GLU B 19 24.48 1.62 -1.43
N PHE B 20 24.06 1.78 -0.18
CA PHE B 20 22.69 1.55 0.22
C PHE B 20 21.82 2.73 -0.26
N ILE B 21 20.51 2.54 -0.29
CA ILE B 21 19.55 3.56 -0.68
C ILE B 21 18.65 3.80 0.52
N ALA B 22 18.71 5.03 1.00
CA ALA B 22 17.97 5.59 2.09
C ALA B 22 17.44 6.91 1.56
N ASP B 23 16.23 7.28 1.95
CA ASP B 23 15.53 8.50 1.53
C ASP B 23 15.58 8.67 0.00
N PRO B 24 15.06 7.72 -0.78
CA PRO B 24 15.05 7.82 -2.24
C PRO B 24 14.05 8.90 -2.68
N PRO B 25 14.14 9.39 -3.92
CA PRO B 25 13.22 10.40 -4.43
C PRO B 25 11.82 9.79 -4.61
N SER B 26 10.81 10.67 -4.67
CA SER B 26 9.42 10.32 -4.84
C SER B 26 9.01 9.29 -3.77
N ILE B 27 8.11 8.40 -4.13
CA ILE B 27 7.58 7.32 -3.31
C ILE B 27 7.55 6.06 -4.20
N SER B 28 7.60 4.86 -3.61
CA SER B 28 7.54 3.64 -4.37
C SER B 28 6.09 3.40 -4.84
N ALA B 29 5.90 2.52 -5.82
CA ALA B 29 4.57 2.20 -6.33
C ALA B 29 3.71 1.48 -5.26
N PHE B 30 4.35 0.97 -4.21
CA PHE B 30 3.70 0.28 -3.10
C PHE B 30 2.98 1.32 -2.24
N ASP B 31 3.75 2.17 -1.56
CA ASP B 31 3.20 3.19 -0.65
C ASP B 31 2.30 4.16 -1.40
N LEU B 32 2.53 4.37 -2.70
CA LEU B 32 1.70 5.23 -3.51
C LEU B 32 0.25 4.74 -3.45
N ASP B 33 0.08 3.43 -3.64
CA ASP B 33 -1.19 2.75 -3.64
C ASP B 33 -1.79 2.76 -2.23
N VAL B 34 -0.98 2.57 -1.19
CA VAL B 34 -1.42 2.58 0.21
C VAL B 34 -2.08 3.93 0.51
N VAL B 35 -1.45 5.03 0.10
CA VAL B 35 -1.98 6.38 0.30
C VAL B 35 -3.30 6.49 -0.46
N LYS B 36 -3.32 6.09 -1.73
CA LYS B 36 -4.50 6.13 -2.59
C LYS B 36 -5.67 5.30 -2.02
N LEU B 37 -5.41 4.16 -1.41
CA LEU B 37 -6.39 3.26 -0.80
C LEU B 37 -6.97 3.96 0.43
N THR B 38 -6.10 4.37 1.35
CA THR B 38 -6.45 5.04 2.58
C THR B 38 -7.32 6.28 2.33
N ALA B 39 -6.88 7.16 1.42
CA ALA B 39 -7.61 8.39 1.10
C ALA B 39 -8.99 8.14 0.46
N GLN B 40 -9.20 6.99 -0.18
CA GLN B 40 -10.48 6.68 -0.81
C GLN B 40 -11.57 6.37 0.20
N PHE B 41 -11.31 5.51 1.18
CA PHE B 41 -12.36 5.18 2.14
C PHE B 41 -12.57 6.28 3.17
N VAL B 42 -11.53 7.01 3.62
CA VAL B 42 -11.73 8.09 4.59
C VAL B 42 -12.72 9.10 3.98
N ALA B 43 -12.63 9.36 2.67
CA ALA B 43 -13.51 10.27 1.97
C ALA B 43 -14.94 9.74 1.83
N ARG B 44 -15.15 8.44 2.06
CA ARG B 44 -16.44 7.76 1.95
C ARG B 44 -17.10 7.46 3.30
N ASN B 45 -16.31 7.22 4.35
CA ASN B 45 -16.81 6.90 5.70
C ASN B 45 -16.67 8.08 6.65
N GLY B 46 -15.77 9.01 6.38
CA GLY B 46 -15.53 10.21 7.16
C GLY B 46 -14.20 10.25 7.90
N ARG B 47 -13.99 11.39 8.57
CA ARG B 47 -12.79 11.69 9.34
C ARG B 47 -12.63 10.77 10.54
N GLN B 48 -13.71 10.28 11.18
CA GLN B 48 -13.53 9.41 12.32
C GLN B 48 -12.73 8.18 11.92
N PHE B 49 -13.05 7.50 10.80
CA PHE B 49 -12.32 6.33 10.35
C PHE B 49 -10.81 6.64 10.25
N LEU B 50 -10.46 7.84 9.76
CA LEU B 50 -9.08 8.29 9.62
C LEU B 50 -8.44 8.37 11.01
N THR B 51 -9.06 9.10 11.94
CA THR B 51 -8.54 9.25 13.28
C THR B 51 -8.33 7.89 13.94
N GLN B 52 -9.28 6.95 13.81
CA GLN B 52 -9.15 5.64 14.43
C GLN B 52 -7.84 4.99 14.00
N LEU B 53 -7.50 5.02 12.70
CA LEU B 53 -6.23 4.48 12.20
C LEU B 53 -5.04 5.10 12.91
N MET B 54 -5.04 6.43 13.06
CA MET B 54 -3.95 7.13 13.73
C MET B 54 -3.80 6.70 15.19
N GLN B 55 -4.84 6.14 15.83
CA GLN B 55 -4.79 5.68 17.21
C GLN B 55 -4.46 4.18 17.29
N LYS B 56 -5.11 3.32 16.51
CA LYS B 56 -4.85 1.88 16.53
C LYS B 56 -3.43 1.55 16.05
N GLU B 57 -2.82 2.45 15.28
CA GLU B 57 -1.47 2.29 14.75
C GLU B 57 -0.56 3.40 15.27
N GLN B 58 -0.87 4.02 16.42
CA GLN B 58 -0.07 5.10 17.00
C GLN B 58 1.40 4.74 17.27
N ARG B 59 1.76 3.46 17.32
CA ARG B 59 3.13 3.01 17.55
C ARG B 59 3.81 2.54 16.27
N ASN B 60 3.06 2.36 15.18
CA ASN B 60 3.57 1.91 13.89
C ASN B 60 4.03 3.13 13.10
N TYR B 61 4.95 2.99 12.16
CA TYR B 61 5.46 4.12 11.36
C TYR B 61 4.96 4.09 9.91
N GLN B 62 4.44 2.96 9.40
CA GLN B 62 4.00 2.87 8.00
C GLN B 62 2.86 3.80 7.58
N PHE B 63 2.09 4.33 8.53
CA PHE B 63 0.98 5.25 8.30
C PHE B 63 1.40 6.66 8.71
N ASP B 64 2.69 6.93 8.91
CA ASP B 64 3.20 8.23 9.30
C ASP B 64 2.84 9.32 8.28
N PHE B 65 2.47 8.93 7.04
CA PHE B 65 2.05 9.85 5.99
C PHE B 65 0.74 10.54 6.38
N LEU B 66 -0.04 9.96 7.31
CA LEU B 66 -1.30 10.52 7.78
C LEU B 66 -1.03 11.75 8.65
N ARG B 67 0.19 11.92 9.18
CA ARG B 67 0.55 13.06 10.02
C ARG B 67 1.13 14.17 9.14
N PRO B 68 0.93 15.45 9.51
CA PRO B 68 1.45 16.59 8.75
C PRO B 68 2.98 16.64 8.69
N GLN B 69 3.66 15.84 9.50
CA GLN B 69 5.11 15.73 9.57
C GLN B 69 5.67 15.16 8.25
N HIS B 70 4.85 14.51 7.43
CA HIS B 70 5.28 13.92 6.17
C HIS B 70 4.88 14.77 4.97
N SER B 71 5.75 14.88 3.97
CA SER B 71 5.47 15.65 2.74
C SER B 71 4.31 15.03 1.95
N LEU B 72 4.01 13.76 2.20
CA LEU B 72 2.96 13.00 1.57
C LEU B 72 1.59 13.45 2.10
N PHE B 73 1.54 14.06 3.28
CA PHE B 73 0.31 14.53 3.90
C PHE B 73 -0.45 15.43 2.93
N ASN B 74 0.23 16.38 2.29
CA ASN B 74 -0.40 17.30 1.34
C ASN B 74 -0.99 16.58 0.12
N TYR B 75 -0.50 15.40 -0.25
CA TYR B 75 -1.02 14.63 -1.38
C TYR B 75 -2.15 13.72 -0.86
N PHE B 76 -2.07 13.26 0.38
CA PHE B 76 -3.10 12.43 0.98
C PHE B 76 -4.36 13.28 1.13
N THR B 77 -4.26 14.44 1.82
CA THR B 77 -5.39 15.33 2.05
C THR B 77 -6.06 15.72 0.73
N LYS B 78 -5.29 16.13 -0.29
CA LYS B 78 -5.88 16.53 -1.57
C LYS B 78 -6.74 15.43 -2.17
N LEU B 79 -6.33 14.17 -2.02
CA LEU B 79 -7.10 13.05 -2.55
C LEU B 79 -8.41 12.94 -1.78
N VAL B 80 -8.40 13.12 -0.46
CA VAL B 80 -9.62 13.03 0.34
C VAL B 80 -10.56 14.13 -0.11
N GLU B 81 -10.10 15.38 -0.16
CA GLU B 81 -10.89 16.53 -0.57
C GLU B 81 -11.52 16.30 -1.95
N GLN B 82 -10.77 15.73 -2.89
CA GLN B 82 -11.23 15.43 -4.24
C GLN B 82 -12.25 14.28 -4.24
N TYR B 83 -12.07 13.29 -3.35
CA TYR B 83 -12.95 12.13 -3.25
C TYR B 83 -14.21 12.41 -2.43
N THR B 84 -14.19 13.35 -1.48
CA THR B 84 -15.37 13.69 -0.68
C THR B 84 -16.43 14.35 -1.55
N LYS B 85 -17.65 14.43 -1.06
CA LYS B 85 -18.76 15.06 -1.76
C LYS B 85 -19.77 15.51 -0.73
N GLY A 1 -0.17 -9.73 14.92
CA GLY A 1 -0.62 -9.80 16.31
C GLY A 1 -1.89 -10.61 16.44
N GLU A 2 -3.04 -9.97 16.24
CA GLU A 2 -4.39 -10.52 16.33
C GLU A 2 -5.13 -10.27 15.00
N LEU A 3 -4.42 -10.51 13.89
CA LEU A 3 -4.88 -10.34 12.52
C LEU A 3 -6.19 -11.10 12.29
N ASN A 4 -7.21 -10.44 11.73
CA ASN A 4 -8.51 -11.06 11.43
C ASN A 4 -8.27 -12.19 10.41
N ALA A 5 -9.12 -13.21 10.40
CA ALA A 5 -8.99 -14.35 9.49
C ALA A 5 -10.25 -14.66 8.66
N ILE A 6 -11.25 -13.79 8.69
CA ILE A 6 -12.50 -13.97 7.96
C ILE A 6 -12.90 -12.69 7.23
N SER A 7 -14.00 -12.75 6.47
CA SER A 7 -14.62 -11.70 5.68
C SER A 7 -15.52 -10.85 6.59
N GLY A 8 -16.56 -10.22 6.04
CA GLY A 8 -17.53 -9.40 6.75
C GLY A 8 -17.59 -7.98 6.19
N PRO A 9 -18.78 -7.37 6.11
CA PRO A 9 -18.98 -6.03 5.59
C PRO A 9 -18.59 -4.99 6.66
N ASN A 10 -17.32 -4.61 6.72
CA ASN A 10 -16.81 -3.62 7.68
C ASN A 10 -15.71 -2.82 7.00
N GLU A 11 -15.52 -1.58 7.44
CA GLU A 11 -14.50 -0.70 6.91
C GLU A 11 -13.11 -1.25 7.20
N PHE A 12 -12.79 -1.57 8.46
CA PHE A 12 -11.49 -2.11 8.85
C PHE A 12 -11.21 -3.46 8.19
N ALA A 13 -12.23 -4.33 8.11
CA ALA A 13 -12.08 -5.65 7.51
C ALA A 13 -11.62 -5.55 6.06
N GLU A 14 -12.33 -4.74 5.29
CA GLU A 14 -12.04 -4.50 3.89
C GLU A 14 -10.71 -3.77 3.73
N PHE A 15 -10.44 -2.79 4.59
CA PHE A 15 -9.22 -2.00 4.57
C PHE A 15 -8.02 -2.94 4.68
N TYR A 16 -7.99 -3.78 5.72
CA TYR A 16 -6.90 -4.72 5.90
C TYR A 16 -6.86 -5.76 4.75
N ASN A 17 -8.00 -6.05 4.10
CA ASN A 17 -8.07 -6.98 2.99
C ASN A 17 -7.27 -6.40 1.82
N ARG A 18 -7.54 -5.14 1.46
CA ARG A 18 -6.85 -4.44 0.38
C ARG A 18 -5.39 -4.28 0.79
N LEU A 19 -5.09 -3.92 2.04
CA LEU A 19 -3.69 -3.77 2.49
C LEU A 19 -2.90 -5.05 2.24
N LYS A 20 -3.53 -6.22 2.42
CA LYS A 20 -2.93 -7.53 2.20
C LYS A 20 -2.72 -7.78 0.70
N GLN A 21 -3.69 -7.39 -0.13
CA GLN A 21 -3.67 -7.55 -1.58
C GLN A 21 -2.53 -6.72 -2.20
N ILE A 22 -2.36 -5.46 -1.79
CA ILE A 22 -1.34 -4.56 -2.29
C ILE A 22 0.05 -5.19 -2.13
N LYS A 23 0.31 -5.82 -0.96
CA LYS A 23 1.61 -6.43 -0.70
C LYS A 23 1.96 -7.41 -1.82
N GLU A 24 1.09 -8.38 -2.06
CA GLU A 24 1.21 -9.43 -3.06
C GLU A 24 1.38 -8.89 -4.46
N PHE A 25 0.55 -7.91 -4.82
CA PHE A 25 0.60 -7.29 -6.13
C PHE A 25 2.03 -6.84 -6.44
N HIS A 26 2.68 -6.12 -5.51
CA HIS A 26 4.05 -5.66 -5.69
C HIS A 26 5.07 -6.76 -5.34
N ARG A 27 4.68 -7.84 -4.65
CA ARG A 27 5.55 -8.95 -4.25
C ARG A 27 6.01 -9.80 -5.45
N LYS A 28 5.64 -9.48 -6.67
CA LYS A 28 6.03 -10.26 -7.84
C LYS A 28 6.41 -9.32 -8.96
N HIS A 29 7.22 -9.81 -9.88
CA HIS A 29 7.65 -9.04 -11.03
C HIS A 29 7.10 -9.76 -12.26
N PRO A 30 5.89 -9.42 -12.73
CA PRO A 30 5.25 -10.04 -13.90
C PRO A 30 5.87 -9.48 -15.18
N ASN A 31 6.90 -10.14 -15.69
CA ASN A 31 7.65 -9.78 -16.90
C ASN A 31 8.15 -8.34 -16.80
N GLU A 32 8.92 -8.06 -15.75
CA GLU A 32 9.50 -6.74 -15.49
C GLU A 32 10.48 -6.36 -16.58
N ILE A 33 10.87 -5.09 -16.59
CA ILE A 33 11.83 -4.53 -17.52
C ILE A 33 13.20 -4.97 -17.00
N CYS A 34 13.53 -6.23 -17.27
CA CYS A 34 14.77 -6.87 -16.88
C CYS A 34 15.84 -6.42 -17.85
N VAL A 35 16.62 -5.40 -17.49
CA VAL A 35 17.66 -4.85 -18.35
C VAL A 35 18.98 -4.72 -17.55
N PRO A 36 19.74 -5.81 -17.39
CA PRO A 36 21.00 -5.81 -16.66
C PRO A 36 22.08 -5.07 -17.45
N MET A 37 23.15 -4.66 -16.76
CA MET A 37 24.27 -3.95 -17.38
C MET A 37 25.27 -4.87 -18.09
N SER A 38 24.98 -6.16 -18.22
CA SER A 38 25.84 -7.15 -18.88
C SER A 38 24.94 -8.09 -19.68
N GLY B 1 1.12 -24.91 -30.31
CA GLY B 1 1.66 -26.11 -29.69
C GLY B 1 1.72 -26.03 -28.16
N ALA B 2 1.18 -24.95 -27.57
CA ALA B 2 1.17 -24.69 -26.13
C ALA B 2 2.60 -24.66 -25.58
N GLN B 3 2.76 -24.73 -24.26
CA GLN B 3 4.04 -24.72 -23.55
C GLN B 3 3.85 -25.52 -22.26
N VAL B 4 4.90 -26.20 -21.81
CA VAL B 4 4.91 -27.02 -20.60
C VAL B 4 6.32 -26.95 -19.98
N ILE B 5 6.44 -27.24 -18.68
CA ILE B 5 7.66 -27.27 -17.88
C ILE B 5 7.26 -27.68 -16.47
N GLN B 6 7.95 -28.65 -15.88
CA GLN B 6 7.72 -29.17 -14.54
C GLN B 6 9.07 -29.61 -13.97
N GLU B 7 9.14 -29.82 -12.65
CA GLU B 7 10.29 -30.23 -11.83
C GLU B 7 11.52 -29.30 -11.88
N THR B 8 11.64 -28.48 -12.90
CA THR B 8 12.73 -27.55 -13.15
C THR B 8 12.61 -26.31 -12.25
N ILE B 9 13.14 -26.39 -11.03
CA ILE B 9 13.15 -25.28 -10.07
C ILE B 9 14.48 -24.56 -10.26
N VAL B 10 14.46 -23.23 -10.12
CA VAL B 10 15.61 -22.36 -10.29
C VAL B 10 15.58 -21.29 -9.16
N PRO B 11 16.71 -20.61 -8.86
CA PRO B 11 16.73 -19.59 -7.82
C PRO B 11 15.82 -18.42 -8.17
N LYS B 12 15.31 -17.74 -7.14
CA LYS B 12 14.43 -16.58 -7.24
C LYS B 12 14.83 -15.59 -6.15
N GLU B 13 15.81 -14.75 -6.46
CA GLU B 13 16.34 -13.73 -5.56
C GLU B 13 16.58 -12.43 -6.34
N PRO B 14 16.71 -11.28 -5.64
CA PRO B 14 16.94 -9.98 -6.27
C PRO B 14 18.29 -9.94 -7.00
N PRO B 15 18.50 -8.93 -7.88
CA PRO B 15 19.74 -8.79 -8.64
C PRO B 15 20.93 -8.39 -7.76
N PRO B 16 22.16 -8.55 -8.28
CA PRO B 16 23.39 -8.19 -7.57
C PRO B 16 23.52 -6.66 -7.55
N GLU B 17 24.60 -6.16 -6.93
CA GLU B 17 24.91 -4.73 -6.80
C GLU B 17 23.81 -3.98 -6.04
N PHE B 18 23.02 -4.73 -5.25
CA PHE B 18 21.96 -4.17 -4.45
C PHE B 18 22.55 -3.38 -3.29
N GLU B 19 21.89 -2.27 -2.97
CA GLU B 19 22.25 -1.38 -1.89
C GLU B 19 20.95 -0.79 -1.34
N PHE B 20 20.94 -0.41 -0.07
CA PHE B 20 19.77 0.14 0.58
C PHE B 20 19.47 1.56 0.06
N ILE B 21 18.20 1.81 -0.24
CA ILE B 21 17.67 3.08 -0.77
C ILE B 21 17.80 4.17 0.32
N ALA B 22 18.08 5.41 -0.10
CA ALA B 22 18.24 6.57 0.78
C ALA B 22 17.63 7.80 0.13
N ASP B 23 16.46 8.21 0.65
CA ASP B 23 15.67 9.36 0.19
C ASP B 23 15.49 9.26 -1.33
N PRO B 24 14.67 8.30 -1.81
CA PRO B 24 14.46 8.09 -3.23
C PRO B 24 13.82 9.28 -3.97
N PRO B 25 13.95 9.32 -5.31
CA PRO B 25 13.42 10.38 -6.17
C PRO B 25 11.89 10.45 -6.16
N SER B 26 11.23 9.40 -5.70
CA SER B 26 9.78 9.30 -5.61
C SER B 26 9.47 8.20 -4.59
N ILE B 27 8.21 8.12 -4.20
CA ILE B 27 7.73 7.13 -3.25
C ILE B 27 7.70 5.76 -3.95
N SER B 28 7.80 4.68 -3.17
CA SER B 28 7.77 3.33 -3.70
C SER B 28 6.34 3.05 -4.18
N ALA B 29 6.18 2.20 -5.21
CA ALA B 29 4.88 1.86 -5.78
C ALA B 29 3.92 1.27 -4.75
N PHE B 30 4.45 0.56 -3.76
CA PHE B 30 3.69 -0.06 -2.68
C PHE B 30 3.09 1.05 -1.79
N ASP B 31 3.96 1.86 -1.19
CA ASP B 31 3.62 2.97 -0.29
C ASP B 31 2.60 3.91 -0.91
N LEU B 32 2.72 4.13 -2.21
CA LEU B 32 1.85 4.99 -3.02
C LEU B 32 0.42 4.47 -3.02
N ASP B 33 0.26 3.18 -3.31
CA ASP B 33 -1.04 2.53 -3.37
C ASP B 33 -1.69 2.51 -1.98
N VAL B 34 -0.88 2.34 -0.93
CA VAL B 34 -1.34 2.33 0.46
C VAL B 34 -2.02 3.67 0.76
N VAL B 35 -1.38 4.79 0.43
CA VAL B 35 -1.94 6.13 0.66
C VAL B 35 -3.27 6.25 -0.10
N LYS B 36 -3.30 5.84 -1.37
CA LYS B 36 -4.50 5.90 -2.20
C LYS B 36 -5.63 5.05 -1.64
N LEU B 37 -5.37 3.89 -1.06
CA LEU B 37 -6.37 3.01 -0.47
C LEU B 37 -7.04 3.78 0.67
N THR B 38 -6.23 4.24 1.62
CA THR B 38 -6.71 4.98 2.78
C THR B 38 -7.47 6.22 2.33
N ALA B 39 -6.92 7.01 1.40
CA ALA B 39 -7.55 8.23 0.90
C ALA B 39 -8.94 7.95 0.30
N GLN B 40 -9.16 6.78 -0.32
CA GLN B 40 -10.43 6.41 -0.89
C GLN B 40 -11.41 6.18 0.27
N PHE B 41 -11.13 5.20 1.13
CA PHE B 41 -11.97 4.85 2.27
C PHE B 41 -12.31 6.04 3.16
N VAL B 42 -11.32 6.85 3.54
CA VAL B 42 -11.54 8.01 4.39
C VAL B 42 -12.53 9.01 3.78
N ALA B 43 -12.60 9.07 2.45
CA ALA B 43 -13.50 9.96 1.73
C ALA B 43 -14.92 9.40 1.68
N ARG B 44 -15.09 8.08 1.83
CA ARG B 44 -16.39 7.44 1.81
C ARG B 44 -16.96 7.42 3.23
N ASN B 45 -16.27 6.75 4.13
CA ASN B 45 -16.72 6.57 5.51
C ASN B 45 -16.58 7.82 6.40
N GLY B 46 -15.70 8.78 6.09
CA GLY B 46 -15.52 10.02 6.85
C GLY B 46 -14.30 10.08 7.77
N ARG B 47 -14.02 11.28 8.29
CA ARG B 47 -12.89 11.60 9.18
C ARG B 47 -12.82 10.68 10.40
N GLN B 48 -13.94 10.13 10.85
CA GLN B 48 -14.01 9.23 11.99
C GLN B 48 -13.03 8.07 11.78
N PHE B 49 -13.20 7.28 10.71
CA PHE B 49 -12.31 6.15 10.40
C PHE B 49 -10.85 6.59 10.33
N LEU B 50 -10.61 7.74 9.69
CA LEU B 50 -9.28 8.31 9.53
C LEU B 50 -8.63 8.47 10.91
N THR B 51 -9.32 9.16 11.81
CA THR B 51 -8.84 9.43 13.14
C THR B 51 -8.58 8.11 13.89
N GLN B 52 -9.50 7.16 13.82
CA GLN B 52 -9.33 5.87 14.50
C GLN B 52 -8.07 5.15 13.98
N LEU B 53 -7.82 5.19 12.67
CA LEU B 53 -6.65 4.56 12.06
C LEU B 53 -5.38 5.20 12.64
N MET B 54 -5.37 6.53 12.77
CA MET B 54 -4.22 7.26 13.29
C MET B 54 -3.92 6.85 14.74
N GLN B 55 -4.94 6.51 15.52
CA GLN B 55 -4.77 6.10 16.90
C GLN B 55 -4.31 4.64 16.99
N LYS B 56 -5.03 3.71 16.34
CA LYS B 56 -4.69 2.28 16.37
C LYS B 56 -3.22 2.08 16.03
N GLU B 57 -2.78 2.66 14.92
CA GLU B 57 -1.41 2.55 14.41
C GLU B 57 -0.54 3.76 14.79
N GLN B 58 -0.84 4.48 15.88
CA GLN B 58 -0.05 5.64 16.30
C GLN B 58 1.45 5.36 16.45
N ARG B 59 1.84 4.14 16.83
CA ARG B 59 3.24 3.77 17.02
C ARG B 59 3.89 3.20 15.76
N ASN B 60 3.14 3.13 14.65
CA ASN B 60 3.61 2.60 13.39
C ASN B 60 3.83 3.74 12.40
N TYR B 61 5.09 4.08 12.16
CA TYR B 61 5.51 5.13 11.24
C TYR B 61 4.95 4.97 9.82
N GLN B 62 4.52 3.76 9.44
CA GLN B 62 3.96 3.51 8.12
C GLN B 62 2.67 4.31 7.91
N PHE B 63 2.00 4.71 9.00
CA PHE B 63 0.78 5.51 8.99
C PHE B 63 1.08 6.97 9.32
N ASP B 64 2.34 7.37 9.47
CA ASP B 64 2.72 8.75 9.78
C ASP B 64 2.23 9.72 8.71
N PHE B 65 2.00 9.26 7.47
CA PHE B 65 1.50 10.12 6.39
C PHE B 65 0.13 10.71 6.72
N LEU B 66 -0.61 10.08 7.64
CA LEU B 66 -1.92 10.57 8.07
C LEU B 66 -1.74 11.79 8.99
N ARG B 67 -0.55 12.00 9.55
CA ARG B 67 -0.21 13.11 10.42
C ARG B 67 0.47 14.18 9.55
N PRO B 68 0.31 15.46 9.89
CA PRO B 68 0.88 16.58 9.13
C PRO B 68 2.41 16.63 9.08
N GLN B 69 3.08 15.84 9.92
CA GLN B 69 4.53 15.76 10.02
C GLN B 69 5.19 15.14 8.77
N HIS B 70 4.47 14.31 8.03
CA HIS B 70 5.00 13.65 6.85
C HIS B 70 4.93 14.56 5.63
N SER B 71 5.76 14.31 4.62
CA SER B 71 5.76 15.08 3.38
C SER B 71 4.72 14.52 2.38
N LEU B 72 4.00 13.47 2.77
CA LEU B 72 2.97 12.84 1.96
C LEU B 72 1.58 13.30 2.44
N PHE B 73 1.49 14.00 3.57
CA PHE B 73 0.22 14.49 4.11
C PHE B 73 -0.54 15.29 3.07
N ASN B 74 0.12 16.25 2.42
CA ASN B 74 -0.47 17.09 1.39
C ASN B 74 -1.07 16.22 0.28
N TYR B 75 -0.35 15.23 -0.23
CA TYR B 75 -0.81 14.35 -1.29
C TYR B 75 -1.97 13.46 -0.80
N PHE B 76 -1.97 13.07 0.46
CA PHE B 76 -3.02 12.26 1.05
C PHE B 76 -4.28 13.10 1.16
N THR B 77 -4.25 14.20 1.90
CA THR B 77 -5.42 15.06 2.11
C THR B 77 -5.96 15.61 0.78
N LYS B 78 -5.11 15.95 -0.20
CA LYS B 78 -5.56 16.45 -1.51
C LYS B 78 -6.37 15.40 -2.27
N LEU B 79 -6.21 14.10 -1.95
CA LEU B 79 -6.96 13.04 -2.59
C LEU B 79 -8.30 12.91 -1.87
N VAL B 80 -8.34 13.05 -0.54
CA VAL B 80 -9.59 12.93 0.21
C VAL B 80 -10.53 14.03 -0.24
N GLU B 81 -10.06 15.27 -0.30
CA GLU B 81 -10.83 16.44 -0.71
C GLU B 81 -11.31 16.33 -2.16
N GLN B 82 -10.58 15.59 -2.99
CA GLN B 82 -10.94 15.38 -4.40
C GLN B 82 -12.07 14.35 -4.51
N TYR B 83 -12.10 13.38 -3.59
CA TYR B 83 -13.09 12.32 -3.54
C TYR B 83 -14.35 12.73 -2.77
N THR B 84 -14.27 13.58 -1.74
CA THR B 84 -15.45 14.02 -0.98
C THR B 84 -16.33 14.95 -1.82
N LYS B 85 -17.44 15.43 -1.23
CA LYS B 85 -18.43 16.30 -1.83
C LYS B 85 -18.98 15.66 -3.10
N GLY A 1 -4.18 -16.90 -11.29
CA GLY A 1 -4.57 -16.74 -9.88
C GLY A 1 -6.06 -16.96 -9.78
N GLU A 2 -6.81 -15.97 -9.29
CA GLU A 2 -8.25 -16.04 -9.14
C GLU A 2 -8.83 -14.85 -9.89
N LEU A 3 -9.84 -15.10 -10.72
CA LEU A 3 -10.54 -14.08 -11.50
C LEU A 3 -11.52 -13.37 -10.55
N ASN A 4 -12.22 -12.36 -11.06
CA ASN A 4 -13.19 -11.57 -10.29
C ASN A 4 -12.51 -10.93 -9.07
N ALA A 5 -13.32 -10.46 -8.12
CA ALA A 5 -12.90 -9.84 -6.88
C ALA A 5 -13.97 -10.08 -5.83
N ILE A 6 -13.63 -9.90 -4.55
CA ILE A 6 -14.54 -10.06 -3.43
C ILE A 6 -14.41 -8.87 -2.49
N SER A 7 -15.41 -8.73 -1.63
CA SER A 7 -15.51 -7.68 -0.63
C SER A 7 -16.08 -8.29 0.66
N GLY A 8 -16.09 -7.53 1.75
CA GLY A 8 -16.62 -8.01 3.02
C GLY A 8 -17.02 -6.86 3.93
N PRO A 9 -17.88 -7.13 4.94
CA PRO A 9 -18.31 -6.12 5.89
C PRO A 9 -17.18 -5.80 6.87
N ASN A 10 -17.30 -4.65 7.54
CA ASN A 10 -16.39 -4.06 8.52
C ASN A 10 -15.33 -3.29 7.76
N GLU A 11 -15.30 -1.98 7.98
CA GLU A 11 -14.37 -1.05 7.36
C GLU A 11 -12.95 -1.49 7.64
N PHE A 12 -12.66 -1.91 8.89
CA PHE A 12 -11.35 -2.37 9.29
C PHE A 12 -10.96 -3.65 8.58
N ALA A 13 -11.86 -4.63 8.51
CA ALA A 13 -11.62 -5.90 7.85
C ALA A 13 -11.27 -5.68 6.39
N GLU A 14 -12.13 -4.96 5.68
CA GLU A 14 -11.95 -4.68 4.27
C GLU A 14 -10.67 -3.88 4.03
N PHE A 15 -10.33 -2.92 4.89
CA PHE A 15 -9.12 -2.15 4.72
C PHE A 15 -7.91 -3.10 4.72
N TYR A 16 -7.88 -4.10 5.62
CA TYR A 16 -6.77 -5.05 5.66
C TYR A 16 -6.78 -5.96 4.43
N ASN A 17 -7.97 -6.31 3.91
CA ASN A 17 -8.09 -7.15 2.73
C ASN A 17 -7.42 -6.41 1.56
N ARG A 18 -7.83 -5.16 1.33
CA ARG A 18 -7.31 -4.31 0.27
C ARG A 18 -5.81 -4.05 0.52
N LEU A 19 -5.35 -3.95 1.78
CA LEU A 19 -3.93 -3.78 2.05
C LEU A 19 -3.16 -4.98 1.54
N LYS A 20 -3.62 -6.19 1.93
CA LYS A 20 -3.01 -7.46 1.53
C LYS A 20 -2.80 -7.51 0.02
N GLN A 21 -3.81 -7.10 -0.76
CA GLN A 21 -3.77 -7.07 -2.21
C GLN A 21 -2.48 -6.35 -2.66
N ILE A 22 -2.26 -5.12 -2.20
CA ILE A 22 -1.08 -4.30 -2.53
C ILE A 22 0.22 -5.02 -2.14
N LYS A 23 0.29 -5.55 -0.92
CA LYS A 23 1.49 -6.22 -0.43
C LYS A 23 1.88 -7.40 -1.31
N GLU A 24 0.94 -8.30 -1.52
CA GLU A 24 1.05 -9.52 -2.33
C GLU A 24 1.43 -9.20 -3.75
N PHE A 25 0.88 -8.10 -4.27
CA PHE A 25 1.13 -7.59 -5.62
C PHE A 25 2.65 -7.64 -5.86
N HIS A 26 3.40 -6.92 -5.02
CA HIS A 26 4.86 -6.83 -5.08
C HIS A 26 5.53 -8.10 -4.53
N ARG A 27 4.87 -8.87 -3.64
CA ARG A 27 5.44 -10.10 -3.06
C ARG A 27 5.61 -11.21 -4.12
N LYS A 28 5.11 -11.04 -5.33
CA LYS A 28 5.24 -12.04 -6.40
C LYS A 28 5.89 -11.42 -7.61
N HIS A 29 5.41 -10.26 -8.08
CA HIS A 29 5.99 -9.57 -9.23
C HIS A 29 6.15 -8.11 -8.81
N PRO A 30 7.34 -7.70 -8.34
CA PRO A 30 7.61 -6.32 -7.93
C PRO A 30 7.64 -5.41 -9.17
N ASN A 31 7.84 -4.10 -8.97
CA ASN A 31 7.89 -3.16 -10.08
C ASN A 31 8.80 -1.97 -9.75
N GLU A 32 9.97 -1.93 -10.38
CA GLU A 32 10.97 -0.89 -10.26
C GLU A 32 11.60 -0.77 -11.64
N ILE A 33 11.91 0.46 -12.06
CA ILE A 33 12.50 0.77 -13.36
C ILE A 33 13.61 1.80 -13.13
N CYS A 34 13.26 3.05 -12.83
CA CYS A 34 14.16 4.17 -12.58
C CYS A 34 13.37 5.21 -11.78
N VAL A 35 14.02 6.25 -11.28
CA VAL A 35 13.39 7.33 -10.52
C VAL A 35 13.81 8.66 -11.17
N PRO A 36 12.98 9.71 -11.07
CA PRO A 36 13.29 11.01 -11.65
C PRO A 36 14.29 11.74 -10.74
N MET A 37 14.74 12.94 -11.14
CA MET A 37 15.68 13.75 -10.37
C MET A 37 17.06 13.09 -10.18
N SER A 38 17.40 12.10 -11.01
CA SER A 38 18.63 11.30 -11.03
C SER A 38 18.71 10.37 -9.83
N GLY B 1 3.13 18.19 -20.02
CA GLY B 1 4.41 17.57 -20.37
C GLY B 1 4.58 17.27 -21.86
N ALA B 2 3.64 17.69 -22.72
CA ALA B 2 3.62 17.48 -24.16
C ALA B 2 4.02 16.05 -24.56
N GLN B 3 4.79 15.88 -25.63
CA GLN B 3 5.28 14.60 -26.13
C GLN B 3 6.81 14.68 -26.09
N VAL B 4 7.46 13.56 -25.84
CA VAL B 4 8.91 13.51 -25.78
C VAL B 4 9.43 13.44 -27.22
N ILE B 5 10.41 14.27 -27.56
CA ILE B 5 11.07 14.34 -28.86
C ILE B 5 12.54 14.62 -28.59
N GLN B 6 13.38 14.45 -29.61
CA GLN B 6 14.82 14.66 -29.56
C GLN B 6 15.43 13.75 -28.50
N GLU B 7 15.78 12.52 -28.89
CA GLU B 7 16.40 11.54 -28.01
C GLU B 7 17.60 12.26 -27.37
N THR B 8 17.73 12.12 -26.05
CA THR B 8 18.77 12.76 -25.28
C THR B 8 19.39 11.76 -24.31
N ILE B 9 20.49 12.17 -23.68
CA ILE B 9 21.21 11.35 -22.72
C ILE B 9 20.35 11.21 -21.45
N VAL B 10 20.84 10.40 -20.52
CA VAL B 10 20.21 10.10 -19.24
C VAL B 10 21.26 10.40 -18.15
N PRO B 11 20.85 10.72 -16.92
CA PRO B 11 21.81 11.03 -15.85
C PRO B 11 22.63 9.79 -15.45
N LYS B 12 22.10 8.59 -15.70
CA LYS B 12 22.72 7.30 -15.41
C LYS B 12 22.99 7.14 -13.91
N GLU B 13 23.50 5.98 -13.50
CA GLU B 13 23.81 5.70 -12.10
C GLU B 13 24.97 6.64 -11.70
N PRO B 14 25.07 7.03 -10.42
CA PRO B 14 26.09 7.94 -9.93
C PRO B 14 27.54 7.44 -10.02
N PRO B 15 28.53 8.34 -9.85
CA PRO B 15 29.95 8.02 -9.90
C PRO B 15 30.38 7.17 -8.68
N PRO B 16 31.59 6.58 -8.70
CA PRO B 16 32.09 5.77 -7.60
C PRO B 16 32.47 6.68 -6.40
N GLU B 17 32.94 6.04 -5.33
CA GLU B 17 33.39 6.59 -4.05
C GLU B 17 32.39 7.40 -3.23
N PHE B 18 31.17 7.51 -3.72
CA PHE B 18 30.10 8.24 -3.03
C PHE B 18 29.47 7.32 -1.97
N GLU B 19 28.53 7.83 -1.17
CA GLU B 19 27.83 7.06 -0.14
C GLU B 19 26.54 6.47 -0.71
N PHE B 20 25.92 5.54 0.00
CA PHE B 20 24.69 4.88 -0.46
C PHE B 20 23.44 5.74 -0.22
N ILE B 21 22.45 5.62 -1.11
CA ILE B 21 21.17 6.34 -1.05
C ILE B 21 20.18 5.39 -0.40
N ALA B 22 19.43 5.88 0.59
CA ALA B 22 18.40 5.14 1.32
C ALA B 22 17.05 5.87 1.35
N ASP B 23 16.99 7.02 0.69
CA ASP B 23 15.85 7.92 0.56
C ASP B 23 15.81 8.37 -0.91
N PRO B 24 15.43 7.47 -1.85
CA PRO B 24 15.38 7.82 -3.25
C PRO B 24 14.20 8.78 -3.55
N PRO B 25 14.28 9.56 -4.64
CA PRO B 25 13.22 10.49 -5.03
C PRO B 25 11.96 9.72 -5.45
N SER B 26 10.82 10.41 -5.46
CA SER B 26 9.49 9.90 -5.79
C SER B 26 9.04 8.88 -4.73
N ILE B 27 7.92 8.20 -4.97
CA ILE B 27 7.37 7.18 -4.09
C ILE B 27 7.21 5.89 -4.90
N SER B 28 7.41 4.76 -4.24
CA SER B 28 7.27 3.45 -4.87
C SER B 28 5.77 3.22 -5.16
N ALA B 29 5.44 2.31 -6.07
CA ALA B 29 4.04 2.04 -6.38
C ALA B 29 3.33 1.39 -5.20
N PHE B 30 4.07 0.72 -4.31
CA PHE B 30 3.51 0.09 -3.13
C PHE B 30 3.02 1.22 -2.24
N ASP B 31 3.94 2.07 -1.78
CA ASP B 31 3.62 3.19 -0.89
C ASP B 31 2.54 4.09 -1.47
N LEU B 32 2.56 4.32 -2.79
CA LEU B 32 1.57 5.14 -3.47
C LEU B 32 0.17 4.61 -3.19
N ASP B 33 -0.05 3.33 -3.49
CA ASP B 33 -1.35 2.74 -3.26
C ASP B 33 -1.67 2.75 -1.76
N VAL B 34 -0.64 2.65 -0.90
CA VAL B 34 -0.82 2.70 0.55
C VAL B 34 -1.28 4.11 1.01
N VAL B 35 -1.29 5.12 0.15
CA VAL B 35 -1.82 6.44 0.50
C VAL B 35 -3.18 6.54 -0.19
N LYS B 36 -3.30 6.10 -1.46
CA LYS B 36 -4.51 6.15 -2.27
C LYS B 36 -5.68 5.35 -1.68
N LEU B 37 -5.50 4.09 -1.26
CA LEU B 37 -6.57 3.26 -0.68
C LEU B 37 -7.15 3.98 0.53
N THR B 38 -6.31 4.33 1.52
CA THR B 38 -6.69 5.03 2.73
C THR B 38 -7.42 6.31 2.34
N ALA B 39 -6.84 7.13 1.43
CA ALA B 39 -7.47 8.38 1.00
C ALA B 39 -8.88 8.18 0.43
N GLN B 40 -9.15 7.05 -0.23
CA GLN B 40 -10.47 6.76 -0.78
C GLN B 40 -11.42 6.39 0.36
N PHE B 41 -11.02 5.48 1.24
CA PHE B 41 -11.83 5.03 2.37
C PHE B 41 -12.16 6.18 3.33
N VAL B 42 -11.20 7.04 3.67
CA VAL B 42 -11.45 8.17 4.59
C VAL B 42 -12.47 9.16 3.99
N ALA B 43 -12.54 9.28 2.66
CA ALA B 43 -13.49 10.18 2.02
C ALA B 43 -14.88 9.53 2.06
N ARG B 44 -14.97 8.28 1.63
CA ARG B 44 -16.22 7.51 1.57
C ARG B 44 -16.80 7.28 2.96
N ASN B 45 -16.06 6.60 3.83
CA ASN B 45 -16.47 6.27 5.18
C ASN B 45 -16.62 7.58 5.95
N GLY B 46 -15.54 8.36 6.05
CA GLY B 46 -15.50 9.65 6.72
C GLY B 46 -14.21 9.85 7.53
N ARG B 47 -13.98 11.08 7.98
CA ARG B 47 -12.81 11.47 8.78
C ARG B 47 -12.72 10.61 10.02
N GLN B 48 -13.85 10.25 10.60
CA GLN B 48 -13.89 9.44 11.80
C GLN B 48 -13.00 8.21 11.61
N PHE B 49 -13.17 7.46 10.50
CA PHE B 49 -12.40 6.26 10.14
C PHE B 49 -10.90 6.56 10.14
N LEU B 50 -10.50 7.71 9.58
CA LEU B 50 -9.11 8.16 9.51
C LEU B 50 -8.54 8.24 10.93
N THR B 51 -9.20 8.99 11.81
CA THR B 51 -8.71 9.16 13.17
C THR B 51 -8.65 7.83 13.90
N GLN B 52 -9.65 6.96 13.76
CA GLN B 52 -9.63 5.66 14.43
C GLN B 52 -8.37 4.90 14.01
N LEU B 53 -8.06 4.88 12.71
CA LEU B 53 -6.86 4.23 12.18
C LEU B 53 -5.60 4.81 12.83
N MET B 54 -5.51 6.14 12.92
CA MET B 54 -4.35 6.79 13.50
C MET B 54 -4.15 6.40 14.96
N GLN B 55 -5.22 6.11 15.70
CA GLN B 55 -5.14 5.72 17.09
C GLN B 55 -4.66 4.27 17.21
N LYS B 56 -5.32 3.33 16.52
CA LYS B 56 -4.91 1.93 16.63
C LYS B 56 -3.52 1.66 16.06
N GLU B 57 -3.10 2.39 15.02
CA GLU B 57 -1.77 2.20 14.40
C GLU B 57 -0.77 3.25 14.91
N GLN B 58 -1.04 3.96 16.01
CA GLN B 58 -0.16 5.00 16.56
C GLN B 58 1.30 4.62 16.85
N ARG B 59 1.70 3.35 16.76
CA ARG B 59 3.06 2.88 16.99
C ARG B 59 3.65 2.22 15.75
N ASN B 60 2.91 2.19 14.64
CA ASN B 60 3.36 1.61 13.40
C ASN B 60 3.97 2.75 12.57
N TYR B 61 5.27 2.68 12.28
CA TYR B 61 5.96 3.70 11.50
C TYR B 61 5.37 3.86 10.11
N GLN B 62 4.83 2.77 9.53
CA GLN B 62 4.25 2.80 8.20
C GLN B 62 2.95 3.62 8.14
N PHE B 63 2.38 4.03 9.28
CA PHE B 63 1.16 4.82 9.34
C PHE B 63 1.51 6.28 9.71
N ASP B 64 2.77 6.69 9.54
CA ASP B 64 3.24 8.05 9.83
C ASP B 64 2.89 9.04 8.70
N PHE B 65 2.56 8.58 7.48
CA PHE B 65 2.21 9.50 6.39
C PHE B 65 0.88 10.22 6.65
N LEU B 66 0.05 9.69 7.56
CA LEU B 66 -1.23 10.27 7.93
C LEU B 66 -1.01 11.49 8.83
N ARG B 67 0.22 11.70 9.34
CA ARG B 67 0.57 12.83 10.18
C ARG B 67 1.19 13.92 9.32
N PRO B 68 1.09 15.20 9.74
CA PRO B 68 1.65 16.33 9.01
C PRO B 68 3.18 16.28 8.87
N GLN B 69 3.86 15.44 9.65
CA GLN B 69 5.31 15.24 9.67
C GLN B 69 5.85 14.51 8.43
N HIS B 70 4.99 14.19 7.46
CA HIS B 70 5.36 13.49 6.25
C HIS B 70 5.04 14.34 5.04
N SER B 71 5.95 14.43 4.07
CA SER B 71 5.77 15.21 2.84
C SER B 71 4.48 14.78 2.13
N LEU B 72 4.18 13.48 2.15
CA LEU B 72 3.00 12.88 1.53
C LEU B 72 1.67 13.33 2.14
N PHE B 73 1.64 13.91 3.35
CA PHE B 73 0.40 14.36 3.98
C PHE B 73 -0.36 15.33 3.06
N ASN B 74 0.34 16.28 2.44
CA ASN B 74 -0.27 17.24 1.52
C ASN B 74 -0.97 16.51 0.38
N TYR B 75 -0.27 15.59 -0.28
CA TYR B 75 -0.84 14.81 -1.38
C TYR B 75 -2.01 13.93 -0.87
N PHE B 76 -1.97 13.46 0.38
CA PHE B 76 -3.02 12.65 0.96
C PHE B 76 -4.27 13.51 1.14
N THR B 77 -4.18 14.63 1.88
CA THR B 77 -5.32 15.51 2.13
C THR B 77 -5.91 16.01 0.80
N LYS B 78 -5.08 16.41 -0.18
CA LYS B 78 -5.58 16.90 -1.47
C LYS B 78 -6.39 15.85 -2.24
N LEU B 79 -6.27 14.57 -1.91
CA LEU B 79 -7.02 13.50 -2.54
C LEU B 79 -8.34 13.29 -1.81
N VAL B 80 -8.37 13.41 -0.48
CA VAL B 80 -9.60 13.21 0.28
C VAL B 80 -10.60 14.26 -0.18
N GLU B 81 -10.16 15.51 -0.31
CA GLU B 81 -10.99 16.63 -0.75
C GLU B 81 -11.66 16.32 -2.08
N GLN B 82 -10.92 15.76 -3.03
CA GLN B 82 -11.42 15.39 -4.34
C GLN B 82 -12.39 14.22 -4.25
N TYR B 83 -12.02 13.19 -3.48
CA TYR B 83 -12.86 12.02 -3.30
C TYR B 83 -14.16 12.40 -2.58
N THR B 84 -14.16 13.39 -1.69
CA THR B 84 -15.37 13.84 -0.99
C THR B 84 -16.27 14.59 -1.98
N LYS B 85 -17.46 15.01 -1.54
CA LYS B 85 -18.46 15.72 -2.31
C LYS B 85 -18.94 14.78 -3.41
N GLY A 1 -8.97 -25.36 3.40
CA GLY A 1 -8.76 -24.34 4.43
C GLY A 1 -10.03 -24.11 5.20
N GLU A 2 -10.73 -23.00 4.95
CA GLU A 2 -11.98 -22.64 5.58
C GLU A 2 -12.74 -21.72 4.60
N LEU A 3 -14.05 -21.53 4.80
CA LEU A 3 -14.88 -20.70 3.93
C LEU A 3 -15.63 -19.60 4.69
N ASN A 4 -15.39 -19.48 6.01
CA ASN A 4 -16.03 -18.52 6.90
C ASN A 4 -16.05 -17.10 6.33
N ALA A 5 -14.91 -16.66 5.80
CA ALA A 5 -14.71 -15.34 5.22
C ALA A 5 -15.22 -14.28 6.21
N ILE A 6 -15.86 -13.23 5.69
CA ILE A 6 -16.46 -12.11 6.40
C ILE A 6 -17.72 -11.75 5.61
N SER A 7 -18.73 -11.19 6.26
CA SER A 7 -19.98 -10.75 5.64
C SER A 7 -20.68 -9.87 6.67
N GLY A 8 -20.48 -8.55 6.56
CA GLY A 8 -21.07 -7.55 7.45
C GLY A 8 -20.57 -6.16 7.06
N PRO A 9 -21.04 -5.09 7.73
CA PRO A 9 -20.64 -3.72 7.44
C PRO A 9 -19.29 -3.41 8.12
N ASN A 10 -18.27 -4.21 7.82
CA ASN A 10 -16.93 -4.09 8.39
C ASN A 10 -16.00 -3.41 7.38
N GLU A 11 -15.82 -2.10 7.52
CA GLU A 11 -14.95 -1.32 6.63
C GLU A 11 -13.50 -1.76 6.82
N PHE A 12 -13.10 -2.00 8.08
CA PHE A 12 -11.73 -2.42 8.38
C PHE A 12 -11.38 -3.76 7.74
N ALA A 13 -12.34 -4.68 7.62
CA ALA A 13 -12.11 -5.99 7.02
C ALA A 13 -11.64 -5.78 5.58
N GLU A 14 -12.44 -5.03 4.82
CA GLU A 14 -12.14 -4.71 3.43
C GLU A 14 -10.83 -3.92 3.35
N PHE A 15 -10.61 -2.92 4.21
CA PHE A 15 -9.39 -2.13 4.18
C PHE A 15 -8.17 -3.06 4.33
N TYR A 16 -8.16 -3.94 5.32
CA TYR A 16 -7.04 -4.85 5.50
C TYR A 16 -6.95 -5.82 4.32
N ASN A 17 -8.08 -6.26 3.75
CA ASN A 17 -8.11 -7.17 2.61
C ASN A 17 -7.41 -6.50 1.43
N ARG A 18 -7.71 -5.23 1.17
CA ARG A 18 -7.10 -4.43 0.10
C ARG A 18 -5.63 -4.26 0.45
N LEU A 19 -5.27 -3.91 1.70
CA LEU A 19 -3.86 -3.75 2.10
C LEU A 19 -3.05 -4.99 1.75
N LYS A 20 -3.52 -6.17 2.18
CA LYS A 20 -2.85 -7.46 1.93
C LYS A 20 -2.56 -7.62 0.44
N GLN A 21 -3.54 -7.30 -0.41
CA GLN A 21 -3.45 -7.37 -1.86
C GLN A 21 -2.23 -6.55 -2.27
N ILE A 22 -2.15 -5.26 -1.92
CA ILE A 22 -1.03 -4.37 -2.27
C ILE A 22 0.31 -4.95 -1.83
N LYS A 23 0.42 -5.41 -0.58
CA LYS A 23 1.69 -5.95 -0.09
C LYS A 23 2.12 -7.12 -0.96
N GLU A 24 1.27 -8.14 -1.08
CA GLU A 24 1.52 -9.34 -1.87
C GLU A 24 1.86 -9.00 -3.31
N PHE A 25 1.13 -8.04 -3.87
CA PHE A 25 1.32 -7.54 -5.23
C PHE A 25 2.81 -7.37 -5.52
N HIS A 26 3.51 -6.65 -4.63
CA HIS A 26 4.93 -6.36 -4.70
C HIS A 26 5.81 -7.44 -4.05
N ARG A 27 5.25 -8.31 -3.21
CA ARG A 27 5.94 -9.43 -2.55
C ARG A 27 5.93 -10.65 -3.49
N LYS A 28 5.37 -10.54 -4.69
CA LYS A 28 5.25 -11.60 -5.69
C LYS A 28 5.52 -10.99 -7.07
N HIS A 29 5.50 -11.81 -8.11
CA HIS A 29 5.74 -11.41 -9.49
C HIS A 29 4.48 -11.71 -10.33
N PRO A 30 4.24 -10.99 -11.44
CA PRO A 30 3.07 -11.20 -12.30
C PRO A 30 3.12 -12.54 -13.03
N ASN A 31 2.06 -12.82 -13.80
CA ASN A 31 1.89 -14.03 -14.60
C ASN A 31 1.74 -13.73 -16.08
N GLU A 32 2.01 -12.49 -16.50
CA GLU A 32 1.90 -12.02 -17.87
C GLU A 32 3.19 -11.31 -18.23
N ILE A 33 3.57 -11.32 -19.50
CA ILE A 33 4.80 -10.70 -20.01
C ILE A 33 4.71 -9.18 -19.88
N CYS A 34 3.59 -8.62 -20.37
CA CYS A 34 3.29 -7.20 -20.35
C CYS A 34 1.80 -7.05 -20.09
N VAL A 35 1.35 -5.85 -19.73
CA VAL A 35 -0.04 -5.52 -19.45
C VAL A 35 -0.29 -4.12 -20.03
N PRO A 36 -1.52 -3.82 -20.49
CA PRO A 36 -1.86 -2.53 -21.07
C PRO A 36 -1.95 -1.41 -20.04
N MET A 37 -1.84 -0.17 -20.52
CA MET A 37 -1.95 1.05 -19.73
C MET A 37 -2.79 2.02 -20.55
N SER A 38 -3.97 2.38 -20.03
CA SER A 38 -4.93 3.28 -20.66
C SER A 38 -5.18 2.91 -22.12
N GLY B 1 4.64 -21.41 -28.29
CA GLY B 1 4.88 -22.82 -28.00
C GLY B 1 5.38 -23.05 -26.57
N ALA B 2 5.52 -21.98 -25.78
CA ALA B 2 5.98 -22.01 -24.40
C ALA B 2 5.06 -21.23 -23.49
N GLN B 3 5.29 -21.36 -22.18
CA GLN B 3 4.57 -20.73 -21.10
C GLN B 3 5.49 -20.69 -19.87
N VAL B 4 6.16 -21.81 -19.57
CA VAL B 4 7.08 -21.96 -18.44
C VAL B 4 8.38 -22.63 -18.90
N ILE B 5 9.42 -22.53 -18.07
CA ILE B 5 10.71 -23.12 -18.37
C ILE B 5 10.66 -24.65 -18.17
N GLN B 6 11.71 -25.31 -18.65
CA GLN B 6 11.95 -26.75 -18.62
C GLN B 6 13.21 -27.05 -17.78
N GLU B 7 13.52 -26.18 -16.82
CA GLU B 7 14.67 -26.28 -15.92
C GLU B 7 16.00 -26.39 -16.70
N THR B 8 16.10 -25.63 -17.80
CA THR B 8 17.28 -25.62 -18.63
C THR B 8 18.47 -25.01 -17.85
N ILE B 9 19.69 -25.26 -18.34
CA ILE B 9 20.90 -24.75 -17.69
C ILE B 9 20.94 -23.23 -17.73
N VAL B 10 21.62 -22.66 -16.74
CA VAL B 10 21.81 -21.23 -16.52
C VAL B 10 23.30 -20.89 -16.67
N PRO B 11 23.69 -19.61 -16.86
CA PRO B 11 25.09 -19.22 -17.00
C PRO B 11 25.81 -19.27 -15.64
N LYS B 12 26.93 -18.56 -15.51
CA LYS B 12 27.76 -18.45 -14.31
C LYS B 12 27.94 -16.94 -14.22
N GLU B 13 27.20 -16.30 -13.34
CA GLU B 13 27.20 -14.86 -13.12
C GLU B 13 27.07 -14.59 -11.60
N PRO B 14 27.40 -13.39 -11.11
CA PRO B 14 27.29 -13.07 -9.68
C PRO B 14 25.81 -12.96 -9.25
N PRO B 15 25.53 -12.95 -7.94
CA PRO B 15 24.16 -12.86 -7.44
C PRO B 15 23.58 -11.44 -7.67
N PRO B 16 22.39 -11.31 -8.27
CA PRO B 16 21.70 -10.06 -8.53
C PRO B 16 21.06 -9.50 -7.25
N GLU B 17 20.42 -8.33 -7.39
CA GLU B 17 19.70 -7.55 -6.39
C GLU B 17 20.60 -7.08 -5.24
N PHE B 18 21.92 -7.10 -5.44
CA PHE B 18 22.93 -6.70 -4.48
C PHE B 18 23.07 -5.19 -4.27
N GLU B 19 22.15 -4.41 -4.82
CA GLU B 19 22.15 -2.95 -4.71
C GLU B 19 20.82 -2.43 -4.18
N PHE B 20 20.83 -1.17 -3.75
CA PHE B 20 19.71 -0.43 -3.21
C PHE B 20 19.94 1.05 -3.50
N ILE B 21 18.89 1.87 -3.49
CA ILE B 21 18.97 3.30 -3.73
C ILE B 21 18.36 3.93 -2.49
N ALA B 22 19.18 4.69 -1.79
CA ALA B 22 18.79 5.39 -0.59
C ALA B 22 17.87 6.52 -1.03
N ASP B 23 16.67 6.57 -0.45
CA ASP B 23 15.60 7.54 -0.69
C ASP B 23 15.52 7.95 -2.16
N PRO B 24 14.98 7.09 -3.04
CA PRO B 24 14.87 7.39 -4.45
C PRO B 24 13.81 8.50 -4.68
N PRO B 25 13.78 9.14 -5.86
CA PRO B 25 12.80 10.16 -6.17
C PRO B 25 11.41 9.53 -6.24
N SER B 26 10.37 10.37 -6.32
CA SER B 26 8.99 9.95 -6.38
C SER B 26 8.69 9.09 -5.15
N ILE B 27 7.68 8.25 -5.26
CA ILE B 27 7.19 7.33 -4.25
C ILE B 27 7.01 5.96 -4.92
N SER B 28 7.13 4.87 -4.17
CA SER B 28 6.95 3.53 -4.72
C SER B 28 5.47 3.30 -5.07
N ALA B 29 5.19 2.38 -6.01
CA ALA B 29 3.80 2.10 -6.40
C ALA B 29 3.04 1.51 -5.20
N PHE B 30 3.74 0.80 -4.30
CA PHE B 30 3.20 0.19 -3.10
C PHE B 30 2.67 1.31 -2.22
N ASP B 31 3.55 2.19 -1.78
CA ASP B 31 3.19 3.30 -0.89
C ASP B 31 2.12 4.17 -1.54
N LEU B 32 2.21 4.40 -2.85
CA LEU B 32 1.25 5.19 -3.59
C LEU B 32 -0.16 4.61 -3.48
N ASP B 33 -0.31 3.32 -3.76
CA ASP B 33 -1.61 2.65 -3.69
C ASP B 33 -2.09 2.59 -2.25
N VAL B 34 -1.20 2.45 -1.26
CA VAL B 34 -1.60 2.44 0.15
C VAL B 34 -2.20 3.81 0.46
N VAL B 35 -1.49 4.90 0.14
CA VAL B 35 -1.95 6.27 0.36
C VAL B 35 -3.31 6.48 -0.32
N LYS B 36 -3.44 6.10 -1.59
CA LYS B 36 -4.68 6.25 -2.33
C LYS B 36 -5.81 5.46 -1.68
N LEU B 37 -5.62 4.16 -1.40
CA LEU B 37 -6.60 3.27 -0.78
C LEU B 37 -7.09 3.94 0.51
N THR B 38 -6.17 4.27 1.41
CA THR B 38 -6.45 4.91 2.68
C THR B 38 -7.25 6.20 2.46
N ALA B 39 -6.84 7.05 1.51
CA ALA B 39 -7.52 8.31 1.18
C ALA B 39 -8.93 8.10 0.61
N GLN B 40 -9.22 6.96 -0.01
CA GLN B 40 -10.53 6.67 -0.56
C GLN B 40 -11.50 6.30 0.56
N PHE B 41 -11.13 5.41 1.48
CA PHE B 41 -12.03 5.03 2.57
C PHE B 41 -12.38 6.20 3.47
N VAL B 42 -11.44 7.08 3.81
CA VAL B 42 -11.69 8.24 4.68
C VAL B 42 -12.68 9.22 4.01
N ALA B 43 -12.69 9.30 2.68
CA ALA B 43 -13.60 10.18 1.97
C ALA B 43 -15.04 9.65 2.01
N ARG B 44 -15.21 8.33 2.15
CA ARG B 44 -16.50 7.66 2.22
C ARG B 44 -17.00 7.61 3.65
N ASN B 45 -16.22 6.93 4.51
CA ASN B 45 -16.50 6.69 5.91
C ASN B 45 -16.41 7.95 6.76
N GLY B 46 -15.64 8.94 6.34
CA GLY B 46 -15.47 10.21 7.04
C GLY B 46 -14.14 10.29 7.78
N ARG B 47 -13.92 11.45 8.39
CA ARG B 47 -12.68 11.73 9.13
C ARG B 47 -12.52 10.83 10.34
N GLN B 48 -13.59 10.49 11.07
CA GLN B 48 -13.46 9.64 12.24
C GLN B 48 -12.69 8.37 11.90
N PHE B 49 -13.04 7.68 10.80
CA PHE B 49 -12.36 6.46 10.36
C PHE B 49 -10.85 6.69 10.21
N LEU B 50 -10.43 7.87 9.74
CA LEU B 50 -9.03 8.25 9.58
C LEU B 50 -8.40 8.30 10.96
N THR B 51 -8.97 9.10 11.86
CA THR B 51 -8.46 9.24 13.21
C THR B 51 -8.36 7.87 13.87
N GLN B 52 -9.37 6.99 13.72
CA GLN B 52 -9.34 5.65 14.30
C GLN B 52 -8.06 4.92 13.89
N LEU B 53 -7.67 5.00 12.62
CA LEU B 53 -6.46 4.36 12.12
C LEU B 53 -5.24 4.92 12.83
N MET B 54 -5.16 6.26 12.93
CA MET B 54 -4.05 6.93 13.60
C MET B 54 -3.94 6.55 15.07
N GLN B 55 -4.98 5.95 15.68
CA GLN B 55 -4.94 5.51 17.07
C GLN B 55 -4.54 4.04 17.15
N LYS B 56 -5.18 3.14 16.37
CA LYS B 56 -4.85 1.71 16.42
C LYS B 56 -3.43 1.40 15.91
N GLU B 57 -2.91 2.20 14.98
CA GLU B 57 -1.58 2.01 14.40
C GLU B 57 -0.66 3.20 14.71
N GLN B 58 -0.96 3.99 15.76
CA GLN B 58 -0.21 5.18 16.18
C GLN B 58 1.31 5.06 16.33
N ARG B 59 1.88 3.85 16.42
CA ARG B 59 3.32 3.63 16.55
C ARG B 59 3.89 2.94 15.31
N ASN B 60 3.06 2.50 14.37
CA ASN B 60 3.49 1.85 13.14
C ASN B 60 4.07 2.91 12.22
N TYR B 61 5.37 2.83 11.95
CA TYR B 61 6.07 3.76 11.08
C TYR B 61 5.47 3.79 9.67
N GLN B 62 4.81 2.74 9.18
CA GLN B 62 4.23 2.77 7.84
C GLN B 62 3.06 3.77 7.79
N PHE B 63 2.35 3.97 8.91
CA PHE B 63 1.21 4.88 9.03
C PHE B 63 1.70 6.30 9.39
N ASP B 64 2.96 6.63 9.13
CA ASP B 64 3.56 7.94 9.38
C ASP B 64 3.18 9.00 8.36
N PHE B 65 2.72 8.63 7.15
CA PHE B 65 2.32 9.60 6.12
C PHE B 65 1.00 10.28 6.48
N LEU B 66 0.20 9.68 7.38
CA LEU B 66 -1.06 10.24 7.83
C LEU B 66 -0.80 11.43 8.76
N ARG B 67 0.39 11.57 9.34
CA ARG B 67 0.72 12.70 10.21
C ARG B 67 1.16 13.85 9.31
N PRO B 68 0.93 15.10 9.72
CA PRO B 68 1.33 16.27 8.96
C PRO B 68 2.84 16.37 8.81
N GLN B 69 3.59 15.63 9.63
CA GLN B 69 5.03 15.52 9.67
C GLN B 69 5.62 15.06 8.32
N HIS B 70 4.87 14.30 7.53
CA HIS B 70 5.30 13.76 6.24
C HIS B 70 4.99 14.71 5.09
N SER B 71 5.87 14.81 4.07
CA SER B 71 5.59 15.70 2.94
C SER B 71 4.42 15.11 2.13
N LEU B 72 4.31 13.77 2.08
CA LEU B 72 3.24 13.08 1.36
C LEU B 72 1.86 13.42 1.95
N PHE B 73 1.79 13.97 3.17
CA PHE B 73 0.53 14.35 3.80
C PHE B 73 -0.26 15.26 2.88
N ASN B 74 0.42 16.18 2.18
CA ASN B 74 -0.23 17.11 1.25
C ASN B 74 -0.91 16.30 0.14
N TYR B 75 -0.22 15.33 -0.47
CA TYR B 75 -0.82 14.51 -1.53
C TYR B 75 -2.05 13.77 -0.99
N PHE B 76 -1.92 13.14 0.19
CA PHE B 76 -2.99 12.38 0.85
C PHE B 76 -4.21 13.27 1.15
N THR B 77 -4.04 14.34 1.93
CA THR B 77 -5.13 15.22 2.31
C THR B 77 -5.84 15.77 1.06
N LYS B 78 -5.08 16.21 0.04
CA LYS B 78 -5.66 16.73 -1.20
C LYS B 78 -6.45 15.64 -1.93
N LEU B 79 -6.07 14.37 -1.84
CA LEU B 79 -6.80 13.28 -2.48
C LEU B 79 -8.16 13.11 -1.79
N VAL B 80 -8.24 13.21 -0.46
CA VAL B 80 -9.50 13.04 0.26
C VAL B 80 -10.50 14.06 -0.24
N GLU B 81 -10.07 15.33 -0.33
CA GLU B 81 -10.87 16.46 -0.78
C GLU B 81 -11.43 16.24 -2.19
N GLN B 82 -10.73 15.47 -3.02
CA GLN B 82 -11.17 15.18 -4.38
C GLN B 82 -12.10 13.98 -4.42
N TYR B 83 -11.92 13.05 -3.47
CA TYR B 83 -12.75 11.87 -3.37
C TYR B 83 -14.08 12.25 -2.71
N THR B 84 -14.11 13.18 -1.76
CA THR B 84 -15.34 13.62 -1.11
C THR B 84 -16.25 14.31 -2.12
N LYS B 85 -17.55 14.31 -1.85
CA LYS B 85 -18.56 14.93 -2.68
C LYS B 85 -19.83 15.01 -1.86
#